data_1BQX
# 
_entry.id   1BQX 
# 
_audit_conform.dict_name       mmcif_pdbx.dic 
_audit_conform.dict_version    5.392 
_audit_conform.dict_location   http://mmcif.pdb.org/dictionaries/ascii/mmcif_pdbx.dic 
# 
loop_
_database_2.database_id 
_database_2.database_code 
_database_2.pdbx_database_accession 
_database_2.pdbx_DOI 
PDB   1BQX         pdb_00001bqx 10.2210/pdb1bqx/pdb 
RCSB  RCSB008319   ?            ?                   
WWPDB D_1000008319 ?            ?                   
# 
loop_
_pdbx_audit_revision_history.ordinal 
_pdbx_audit_revision_history.data_content_type 
_pdbx_audit_revision_history.major_revision 
_pdbx_audit_revision_history.minor_revision 
_pdbx_audit_revision_history.revision_date 
1 'Structure model' 1 0 1998-08-26 
2 'Structure model' 1 1 2008-04-27 
3 'Structure model' 1 2 2011-07-13 
4 'Structure model' 2 0 2019-02-06 
5 'Structure model' 2 1 2021-11-03 
6 'Structure model' 2 2 2024-05-22 
# 
_pdbx_audit_revision_details.ordinal             1 
_pdbx_audit_revision_details.revision_ordinal    1 
_pdbx_audit_revision_details.data_content_type   'Structure model' 
_pdbx_audit_revision_details.provider            repository 
_pdbx_audit_revision_details.type                'Initial release' 
_pdbx_audit_revision_details.description         ? 
_pdbx_audit_revision_details.details             ? 
# 
loop_
_pdbx_audit_revision_group.ordinal 
_pdbx_audit_revision_group.revision_ordinal 
_pdbx_audit_revision_group.data_content_type 
_pdbx_audit_revision_group.group 
1 2 'Structure model' 'Version format compliance' 
2 3 'Structure model' 'Version format compliance' 
3 4 'Structure model' 'Atomic model'              
4 4 'Structure model' 'Data collection'           
5 4 'Structure model' 'Derived calculations'      
6 5 'Structure model' 'Data collection'           
7 5 'Structure model' 'Database references'       
8 5 'Structure model' 'Derived calculations'      
9 6 'Structure model' 'Data collection'           
# 
loop_
_pdbx_audit_revision_category.ordinal 
_pdbx_audit_revision_category.revision_ordinal 
_pdbx_audit_revision_category.data_content_type 
_pdbx_audit_revision_category.category 
1  4 'Structure model' atom_site              
2  4 'Structure model' pdbx_struct_assembly   
3  4 'Structure model' pdbx_struct_conn_angle 
4  4 'Structure model' pdbx_struct_oper_list  
5  5 'Structure model' database_2             
6  5 'Structure model' pdbx_nmr_software      
7  5 'Structure model' pdbx_struct_conn_angle 
8  5 'Structure model' struct_conn            
9  5 'Structure model' struct_ref_seq_dif     
10 5 'Structure model' struct_site            
11 6 'Structure model' chem_comp_atom         
12 6 'Structure model' chem_comp_bond         
# 
loop_
_pdbx_audit_revision_item.ordinal 
_pdbx_audit_revision_item.revision_ordinal 
_pdbx_audit_revision_item.data_content_type 
_pdbx_audit_revision_item.item 
1  4 'Structure model' '_atom_site.Cartn_x'                          
2  4 'Structure model' '_atom_site.Cartn_y'                          
3  4 'Structure model' '_atom_site.Cartn_z'                          
4  4 'Structure model' '_pdbx_struct_conn_angle.value'               
5  5 'Structure model' '_database_2.pdbx_DOI'                        
6  5 'Structure model' '_database_2.pdbx_database_accession'         
7  5 'Structure model' '_pdbx_nmr_software.name'                     
8  5 'Structure model' '_pdbx_struct_conn_angle.ptnr1_auth_seq_id'   
9  5 'Structure model' '_pdbx_struct_conn_angle.ptnr1_label_asym_id' 
10 5 'Structure model' '_pdbx_struct_conn_angle.ptnr1_label_atom_id' 
11 5 'Structure model' '_pdbx_struct_conn_angle.ptnr1_label_seq_id'  
12 5 'Structure model' '_pdbx_struct_conn_angle.ptnr2_auth_seq_id'   
13 5 'Structure model' '_pdbx_struct_conn_angle.ptnr2_label_asym_id' 
14 5 'Structure model' '_pdbx_struct_conn_angle.ptnr2_label_atom_id' 
15 5 'Structure model' '_pdbx_struct_conn_angle.ptnr3_auth_seq_id'   
16 5 'Structure model' '_pdbx_struct_conn_angle.ptnr3_label_asym_id' 
17 5 'Structure model' '_pdbx_struct_conn_angle.ptnr3_label_atom_id' 
18 5 'Structure model' '_pdbx_struct_conn_angle.value'               
19 5 'Structure model' '_struct_conn.pdbx_dist_value'                
20 5 'Structure model' '_struct_conn.ptnr1_auth_comp_id'             
21 5 'Structure model' '_struct_conn.ptnr1_auth_seq_id'              
22 5 'Structure model' '_struct_conn.ptnr1_label_asym_id'            
23 5 'Structure model' '_struct_conn.ptnr1_label_atom_id'            
24 5 'Structure model' '_struct_conn.ptnr1_label_comp_id'            
25 5 'Structure model' '_struct_conn.ptnr1_label_seq_id'             
26 5 'Structure model' '_struct_conn.ptnr2_auth_comp_id'             
27 5 'Structure model' '_struct_conn.ptnr2_auth_seq_id'              
28 5 'Structure model' '_struct_conn.ptnr2_label_asym_id'            
29 5 'Structure model' '_struct_conn.ptnr2_label_atom_id'            
30 5 'Structure model' '_struct_conn.ptnr2_label_comp_id'            
31 5 'Structure model' '_struct_conn.ptnr2_label_seq_id'             
32 5 'Structure model' '_struct_ref_seq_dif.details'                 
33 5 'Structure model' '_struct_site.pdbx_auth_asym_id'              
34 5 'Structure model' '_struct_site.pdbx_auth_comp_id'              
35 5 'Structure model' '_struct_site.pdbx_auth_seq_id'               
# 
_pdbx_database_status.status_code                     REL 
_pdbx_database_status.entry_id                        1BQX 
_pdbx_database_status.recvd_initial_deposition_date   1998-08-20 
_pdbx_database_status.deposit_site                    BNL 
_pdbx_database_status.process_site                    RCSB 
_pdbx_database_status.status_code_mr                  REL 
_pdbx_database_status.SG_entry                        . 
_pdbx_database_status.pdb_format_compatible           Y 
_pdbx_database_status.status_code_sf                  ? 
_pdbx_database_status.status_code_cs                  ? 
_pdbx_database_status.methods_development_category    ? 
_pdbx_database_status.status_code_nmr_data            ? 
# 
loop_
_audit_author.name 
_audit_author.pdbx_ordinal 
'Aono, S.'     1 
'Bentrop, D.'  2 
'Bertini, I.'  3 
'Cosenza, G.'  4 
'Luchinat, C.' 5 
# 
loop_
_citation.id 
_citation.title 
_citation.journal_abbrev 
_citation.journal_volume 
_citation.page_first 
_citation.page_last 
_citation.year 
_citation.journal_id_ASTM 
_citation.country 
_citation.journal_id_ISSN 
_citation.journal_id_CSD 
_citation.book_publisher 
_citation.pdbx_database_id_PubMed 
_citation.pdbx_database_id_DOI 
primary 'Solution structure of an artificial Fe8S8 ferredoxin: the D13C variant of Bacillus schlegelii Fe7S8 ferredoxin.' 
Eur.J.Biochem. 258 502 514 1998 EJBCAI IX 0014-2956 0262 ? 9874217 10.1046/j.1432-1327.1998.2580502.x 
1       'The D13C Variant of Bacillus Schlegelii 7Fe Ferredoxin is an 8Fe Ferredoxin as Revealed by 1H-NMR Spectroscopy'  
'FEBS Lett.'   412 501 ?   1997 FEBLAL NE 0014-5793 0165 ? ?       ?                                  
# 
loop_
_citation_author.citation_id 
_citation_author.name 
_citation_author.ordinal 
_citation_author.identifier_ORCID 
primary 'Aono, S.'     1  ? 
primary 'Bentrop, D.'  2  ? 
primary 'Bertini, I.'  3  ? 
primary 'Cosenza, G.'  4  ? 
primary 'Luchinat, C.' 5  ? 
1       'Aono, S.'     6  ? 
1       'Bentrop, D.'  7  ? 
1       'Bertini, I.'  8  ? 
1       'Luchinat, C.' 9  ? 
1       'Macinai, R.'  10 ? 
# 
loop_
_entity.id 
_entity.type 
_entity.src_method 
_entity.pdbx_description 
_entity.formula_weight 
_entity.pdbx_number_of_molecules 
_entity.pdbx_ec 
_entity.pdbx_mutation 
_entity.pdbx_fragment 
_entity.details 
1 polymer     man 'PROTEIN (FERREDOXIN)' 8738.883 1 ? D13C ? ? 
2 non-polymer syn 'IRON/SULFUR CLUSTER'  351.640  2 ? ?    ? ? 
# 
_entity_poly.entity_id                      1 
_entity_poly.type                           'polypeptide(L)' 
_entity_poly.nstd_linkage                   no 
_entity_poly.nstd_monomer                   no 
_entity_poly.pdbx_seq_one_letter_code       AYVITEPCIGTKCASCVEVCPVDCIHEGEDQYYIDPDVCIDCGACEAVCPVSAIYHEDFVPEEWKSYIQKNRDFFKK 
_entity_poly.pdbx_seq_one_letter_code_can   AYVITEPCIGTKCASCVEVCPVDCIHEGEDQYYIDPDVCIDCGACEAVCPVSAIYHEDFVPEEWKSYIQKNRDFFKK 
_entity_poly.pdbx_strand_id                 A 
_entity_poly.pdbx_target_identifier         ? 
# 
_pdbx_entity_nonpoly.entity_id   2 
_pdbx_entity_nonpoly.name        'IRON/SULFUR CLUSTER' 
_pdbx_entity_nonpoly.comp_id     SF4 
# 
loop_
_entity_poly_seq.entity_id 
_entity_poly_seq.num 
_entity_poly_seq.mon_id 
_entity_poly_seq.hetero 
1 1  ALA n 
1 2  TYR n 
1 3  VAL n 
1 4  ILE n 
1 5  THR n 
1 6  GLU n 
1 7  PRO n 
1 8  CYS n 
1 9  ILE n 
1 10 GLY n 
1 11 THR n 
1 12 LYS n 
1 13 CYS n 
1 14 ALA n 
1 15 SER n 
1 16 CYS n 
1 17 VAL n 
1 18 GLU n 
1 19 VAL n 
1 20 CYS n 
1 21 PRO n 
1 22 VAL n 
1 23 ASP n 
1 24 CYS n 
1 25 ILE n 
1 26 HIS n 
1 27 GLU n 
1 28 GLY n 
1 29 GLU n 
1 30 ASP n 
1 31 GLN n 
1 32 TYR n 
1 33 TYR n 
1 34 ILE n 
1 35 ASP n 
1 36 PRO n 
1 37 ASP n 
1 38 VAL n 
1 39 CYS n 
1 40 ILE n 
1 41 ASP n 
1 42 CYS n 
1 43 GLY n 
1 44 ALA n 
1 45 CYS n 
1 46 GLU n 
1 47 ALA n 
1 48 VAL n 
1 49 CYS n 
1 50 PRO n 
1 51 VAL n 
1 52 SER n 
1 53 ALA n 
1 54 ILE n 
1 55 TYR n 
1 56 HIS n 
1 57 GLU n 
1 58 ASP n 
1 59 PHE n 
1 60 VAL n 
1 61 PRO n 
1 62 GLU n 
1 63 GLU n 
1 64 TRP n 
1 65 LYS n 
1 66 SER n 
1 67 TYR n 
1 68 ILE n 
1 69 GLN n 
1 70 LYS n 
1 71 ASN n 
1 72 ARG n 
1 73 ASP n 
1 74 PHE n 
1 75 PHE n 
1 76 LYS n 
1 77 LYS n 
# 
_entity_src_gen.entity_id                          1 
_entity_src_gen.pdbx_src_id                        1 
_entity_src_gen.pdbx_alt_source_flag               sample 
_entity_src_gen.pdbx_seq_type                      ? 
_entity_src_gen.pdbx_beg_seq_num                   ? 
_entity_src_gen.pdbx_end_seq_num                   ? 
_entity_src_gen.gene_src_common_name               ? 
_entity_src_gen.gene_src_genus                     Bacillus 
_entity_src_gen.pdbx_gene_src_gene                 ? 
_entity_src_gen.gene_src_species                   ? 
_entity_src_gen.gene_src_strain                    ? 
_entity_src_gen.gene_src_tissue                    ? 
_entity_src_gen.gene_src_tissue_fraction           ? 
_entity_src_gen.gene_src_details                   ? 
_entity_src_gen.pdbx_gene_src_fragment             ? 
_entity_src_gen.pdbx_gene_src_scientific_name      'Bacillus schlegelii' 
_entity_src_gen.pdbx_gene_src_ncbi_taxonomy_id     1484 
_entity_src_gen.pdbx_gene_src_variant              ? 
_entity_src_gen.pdbx_gene_src_cell_line            ? 
_entity_src_gen.pdbx_gene_src_atcc                 'ATCC 43741' 
_entity_src_gen.pdbx_gene_src_organ                ? 
_entity_src_gen.pdbx_gene_src_organelle            ? 
_entity_src_gen.pdbx_gene_src_cell                 ? 
_entity_src_gen.pdbx_gene_src_cellular_location    ? 
_entity_src_gen.host_org_common_name               ? 
_entity_src_gen.pdbx_host_org_scientific_name      'Escherichia coli' 
_entity_src_gen.pdbx_host_org_ncbi_taxonomy_id     562 
_entity_src_gen.host_org_genus                     Escherichia 
_entity_src_gen.pdbx_host_org_gene                 ? 
_entity_src_gen.pdbx_host_org_organ                ? 
_entity_src_gen.host_org_species                   ? 
_entity_src_gen.pdbx_host_org_tissue               ? 
_entity_src_gen.pdbx_host_org_tissue_fraction      ? 
_entity_src_gen.pdbx_host_org_strain               'JM 109' 
_entity_src_gen.pdbx_host_org_variant              ? 
_entity_src_gen.pdbx_host_org_cell_line            ? 
_entity_src_gen.pdbx_host_org_atcc                 ? 
_entity_src_gen.pdbx_host_org_culture_collection   ? 
_entity_src_gen.pdbx_host_org_cell                 ? 
_entity_src_gen.pdbx_host_org_organelle            ? 
_entity_src_gen.pdbx_host_org_cellular_location    ? 
_entity_src_gen.pdbx_host_org_vector_type          ? 
_entity_src_gen.pdbx_host_org_vector               ? 
_entity_src_gen.host_org_details                   ? 
_entity_src_gen.expression_system_id               ? 
_entity_src_gen.plasmid_name                       'PKKFD D13C' 
_entity_src_gen.plasmid_details                    ? 
_entity_src_gen.pdbx_description                   ? 
# 
loop_
_chem_comp.id 
_chem_comp.type 
_chem_comp.mon_nstd_flag 
_chem_comp.name 
_chem_comp.pdbx_synonyms 
_chem_comp.formula 
_chem_comp.formula_weight 
ALA 'L-peptide linking' y ALANINE               ? 'C3 H7 N O2'     89.093  
ARG 'L-peptide linking' y ARGININE              ? 'C6 H15 N4 O2 1' 175.209 
ASN 'L-peptide linking' y ASPARAGINE            ? 'C4 H8 N2 O3'    132.118 
ASP 'L-peptide linking' y 'ASPARTIC ACID'       ? 'C4 H7 N O4'     133.103 
CYS 'L-peptide linking' y CYSTEINE              ? 'C3 H7 N O2 S'   121.158 
GLN 'L-peptide linking' y GLUTAMINE             ? 'C5 H10 N2 O3'   146.144 
GLU 'L-peptide linking' y 'GLUTAMIC ACID'       ? 'C5 H9 N O4'     147.129 
GLY 'peptide linking'   y GLYCINE               ? 'C2 H5 N O2'     75.067  
HIS 'L-peptide linking' y HISTIDINE             ? 'C6 H10 N3 O2 1' 156.162 
ILE 'L-peptide linking' y ISOLEUCINE            ? 'C6 H13 N O2'    131.173 
LYS 'L-peptide linking' y LYSINE                ? 'C6 H15 N2 O2 1' 147.195 
PHE 'L-peptide linking' y PHENYLALANINE         ? 'C9 H11 N O2'    165.189 
PRO 'L-peptide linking' y PROLINE               ? 'C5 H9 N O2'     115.130 
SER 'L-peptide linking' y SERINE                ? 'C3 H7 N O3'     105.093 
SF4 non-polymer         . 'IRON/SULFUR CLUSTER' ? 'Fe4 S4'         351.640 
THR 'L-peptide linking' y THREONINE             ? 'C4 H9 N O3'     119.119 
TRP 'L-peptide linking' y TRYPTOPHAN            ? 'C11 H12 N2 O2'  204.225 
TYR 'L-peptide linking' y TYROSINE              ? 'C9 H11 N O3'    181.189 
VAL 'L-peptide linking' y VALINE                ? 'C5 H11 N O2'    117.146 
# 
loop_
_pdbx_poly_seq_scheme.asym_id 
_pdbx_poly_seq_scheme.entity_id 
_pdbx_poly_seq_scheme.seq_id 
_pdbx_poly_seq_scheme.mon_id 
_pdbx_poly_seq_scheme.ndb_seq_num 
_pdbx_poly_seq_scheme.pdb_seq_num 
_pdbx_poly_seq_scheme.auth_seq_num 
_pdbx_poly_seq_scheme.pdb_mon_id 
_pdbx_poly_seq_scheme.auth_mon_id 
_pdbx_poly_seq_scheme.pdb_strand_id 
_pdbx_poly_seq_scheme.pdb_ins_code 
_pdbx_poly_seq_scheme.hetero 
A 1 1  ALA 1  1  1  ALA ALA A . n 
A 1 2  TYR 2  2  2  TYR TYR A . n 
A 1 3  VAL 3  3  3  VAL VAL A . n 
A 1 4  ILE 4  4  4  ILE ILE A . n 
A 1 5  THR 5  5  5  THR THR A . n 
A 1 6  GLU 6  6  6  GLU GLU A . n 
A 1 7  PRO 7  7  7  PRO PRO A . n 
A 1 8  CYS 8  8  8  CYS CYS A . n 
A 1 9  ILE 9  9  9  ILE ILE A . n 
A 1 10 GLY 10 10 10 GLY GLY A . n 
A 1 11 THR 11 11 11 THR THR A . n 
A 1 12 LYS 12 12 12 LYS LYS A . n 
A 1 13 CYS 13 13 13 CYS CYS A . n 
A 1 14 ALA 14 14 14 ALA ALA A . n 
A 1 15 SER 15 15 15 SER SER A . n 
A 1 16 CYS 16 16 16 CYS CYS A . n 
A 1 17 VAL 17 17 17 VAL VAL A . n 
A 1 18 GLU 18 18 18 GLU GLU A . n 
A 1 19 VAL 19 19 19 VAL VAL A . n 
A 1 20 CYS 20 20 20 CYS CYS A . n 
A 1 21 PRO 21 21 21 PRO PRO A . n 
A 1 22 VAL 22 22 22 VAL VAL A . n 
A 1 23 ASP 23 23 23 ASP ASP A . n 
A 1 24 CYS 24 24 24 CYS CYS A . n 
A 1 25 ILE 25 25 25 ILE ILE A . n 
A 1 26 HIS 26 26 26 HIS HIS A . n 
A 1 27 GLU 27 27 27 GLU GLU A . n 
A 1 28 GLY 28 28 28 GLY GLY A . n 
A 1 29 GLU 29 29 29 GLU GLU A . n 
A 1 30 ASP 30 30 30 ASP ASP A . n 
A 1 31 GLN 31 31 31 GLN GLN A . n 
A 1 32 TYR 32 32 32 TYR TYR A . n 
A 1 33 TYR 33 33 33 TYR TYR A . n 
A 1 34 ILE 34 34 34 ILE ILE A . n 
A 1 35 ASP 35 35 35 ASP ASP A . n 
A 1 36 PRO 36 36 36 PRO PRO A . n 
A 1 37 ASP 37 37 37 ASP ASP A . n 
A 1 38 VAL 38 38 38 VAL VAL A . n 
A 1 39 CYS 39 39 39 CYS CYS A . n 
A 1 40 ILE 40 40 40 ILE ILE A . n 
A 1 41 ASP 41 41 41 ASP ASP A . n 
A 1 42 CYS 42 42 42 CYS CYS A . n 
A 1 43 GLY 43 43 43 GLY GLY A . n 
A 1 44 ALA 44 44 44 ALA ALA A . n 
A 1 45 CYS 45 45 45 CYS CYS A . n 
A 1 46 GLU 46 46 46 GLU GLU A . n 
A 1 47 ALA 47 47 47 ALA ALA A . n 
A 1 48 VAL 48 48 48 VAL VAL A . n 
A 1 49 CYS 49 49 49 CYS CYS A . n 
A 1 50 PRO 50 50 50 PRO PRO A . n 
A 1 51 VAL 51 51 51 VAL VAL A . n 
A 1 52 SER 52 52 52 SER SER A . n 
A 1 53 ALA 53 53 53 ALA ALA A . n 
A 1 54 ILE 54 54 54 ILE ILE A . n 
A 1 55 TYR 55 55 55 TYR TYR A . n 
A 1 56 HIS 56 56 56 HIS HIS A . n 
A 1 57 GLU 57 57 57 GLU GLU A . n 
A 1 58 ASP 58 58 58 ASP ASP A . n 
A 1 59 PHE 59 59 59 PHE PHE A . n 
A 1 60 VAL 60 60 60 VAL VAL A . n 
A 1 61 PRO 61 61 61 PRO PRO A . n 
A 1 62 GLU 62 62 62 GLU GLU A . n 
A 1 63 GLU 63 63 63 GLU GLU A . n 
A 1 64 TRP 64 64 64 TRP TRP A . n 
A 1 65 LYS 65 65 65 LYS LYS A . n 
A 1 66 SER 66 66 66 SER SER A . n 
A 1 67 TYR 67 67 67 TYR TYR A . n 
A 1 68 ILE 68 68 68 ILE ILE A . n 
A 1 69 GLN 69 69 69 GLN GLN A . n 
A 1 70 LYS 70 70 70 LYS LYS A . n 
A 1 71 ASN 71 71 71 ASN ASN A . n 
A 1 72 ARG 72 72 72 ARG ARG A . n 
A 1 73 ASP 73 73 73 ASP ASP A . n 
A 1 74 PHE 74 74 74 PHE PHE A . n 
A 1 75 PHE 75 75 75 PHE PHE A . n 
A 1 76 LYS 76 76 76 LYS LYS A . n 
A 1 77 LYS 77 77 77 LYS LYS A . n 
# 
loop_
_pdbx_nonpoly_scheme.asym_id 
_pdbx_nonpoly_scheme.entity_id 
_pdbx_nonpoly_scheme.mon_id 
_pdbx_nonpoly_scheme.ndb_seq_num 
_pdbx_nonpoly_scheme.pdb_seq_num 
_pdbx_nonpoly_scheme.auth_seq_num 
_pdbx_nonpoly_scheme.pdb_mon_id 
_pdbx_nonpoly_scheme.auth_mon_id 
_pdbx_nonpoly_scheme.pdb_strand_id 
_pdbx_nonpoly_scheme.pdb_ins_code 
B 2 SF4 1 78 78 SF4 FS4 A . 
C 2 SF4 1 79 79 SF4 FS4 A . 
# 
_cell.entry_id           1BQX 
_cell.length_a           1.000 
_cell.length_b           1.000 
_cell.length_c           1.000 
_cell.angle_alpha        90.00 
_cell.angle_beta         90.00 
_cell.angle_gamma        90.00 
_cell.Z_PDB              1 
_cell.pdbx_unique_axis   ? 
# 
_symmetry.entry_id                         1BQX 
_symmetry.space_group_name_H-M             'P 1' 
_symmetry.pdbx_full_space_group_name_H-M   ? 
_symmetry.cell_setting                     ? 
_symmetry.Int_Tables_number                1 
# 
_exptl.entry_id          1BQX 
_exptl.method            'SOLUTION NMR' 
_exptl.crystals_number   ? 
# 
_struct.entry_id                  1BQX 
_struct.title                     'ARTIFICIAL FE8S8 FERREDOXIN: THE D13C VARIANT OF BACILLUS SCHLEGELII FE7S8 FERREDOXIN' 
_struct.pdbx_model_details        ? 
_struct.pdbx_CASP_flag            ? 
_struct.pdbx_model_type_details   ? 
# 
_struct_keywords.entry_id        1BQX 
_struct_keywords.pdbx_keywords   'ELECTRON TRANSPORT' 
_struct_keywords.text            'IRON-SULFUR PROTEIN, ELECTRON TRANSPORT' 
# 
loop_
_struct_asym.id 
_struct_asym.pdbx_blank_PDB_chainid_flag 
_struct_asym.pdbx_modified 
_struct_asym.entity_id 
_struct_asym.details 
A N N 1 ? 
B N N 2 ? 
C N N 2 ? 
# 
_struct_ref.id                         1 
_struct_ref.db_name                    UNP 
_struct_ref.db_code                    FER_BACSC 
_struct_ref.entity_id                  1 
_struct_ref.pdbx_db_accession          Q45560 
_struct_ref.pdbx_db_isoform            ? 
_struct_ref.pdbx_seq_one_letter_code   ? 
_struct_ref.pdbx_align_begin           ? 
# 
_struct_ref_seq.align_id                      1 
_struct_ref_seq.ref_id                        1 
_struct_ref_seq.pdbx_PDB_id_code              1BQX 
_struct_ref_seq.pdbx_strand_id                A 
_struct_ref_seq.seq_align_beg                 1 
_struct_ref_seq.pdbx_seq_align_beg_ins_code   ? 
_struct_ref_seq.seq_align_end                 77 
_struct_ref_seq.pdbx_seq_align_end_ins_code   ? 
_struct_ref_seq.pdbx_db_accession             Q45560 
_struct_ref_seq.db_align_beg                  1 
_struct_ref_seq.pdbx_db_align_beg_ins_code    ? 
_struct_ref_seq.db_align_end                  77 
_struct_ref_seq.pdbx_db_align_end_ins_code    ? 
_struct_ref_seq.pdbx_auth_seq_align_beg       1 
_struct_ref_seq.pdbx_auth_seq_align_end       77 
# 
_struct_ref_seq_dif.align_id                     1 
_struct_ref_seq_dif.pdbx_pdb_id_code             1BQX 
_struct_ref_seq_dif.mon_id                       CYS 
_struct_ref_seq_dif.pdbx_pdb_strand_id           A 
_struct_ref_seq_dif.seq_num                      13 
_struct_ref_seq_dif.pdbx_pdb_ins_code            ? 
_struct_ref_seq_dif.pdbx_seq_db_name             UNP 
_struct_ref_seq_dif.pdbx_seq_db_accession_code   Q45560 
_struct_ref_seq_dif.db_mon_id                    ASP 
_struct_ref_seq_dif.pdbx_seq_db_seq_num          13 
_struct_ref_seq_dif.details                      'engineered mutation' 
_struct_ref_seq_dif.pdbx_auth_seq_num            13 
_struct_ref_seq_dif.pdbx_ordinal                 1 
# 
_pdbx_struct_assembly.id                   1 
_pdbx_struct_assembly.details              author_defined_assembly 
_pdbx_struct_assembly.method_details       ? 
_pdbx_struct_assembly.oligomeric_details   monomeric 
_pdbx_struct_assembly.oligomeric_count     1 
# 
_pdbx_struct_assembly_gen.assembly_id       1 
_pdbx_struct_assembly_gen.oper_expression   1 
_pdbx_struct_assembly_gen.asym_id_list      A,B,C 
# 
_pdbx_struct_oper_list.id                   1 
_pdbx_struct_oper_list.type                 'identity operation' 
_pdbx_struct_oper_list.name                 1_555 
_pdbx_struct_oper_list.symmetry_operation   ? 
_pdbx_struct_oper_list.matrix[1][1]         1.0000000000 
_pdbx_struct_oper_list.matrix[1][2]         0.0000000000 
_pdbx_struct_oper_list.matrix[1][3]         0.0000000000 
_pdbx_struct_oper_list.vector[1]            0.0000000000 
_pdbx_struct_oper_list.matrix[2][1]         0.0000000000 
_pdbx_struct_oper_list.matrix[2][2]         1.0000000000 
_pdbx_struct_oper_list.matrix[2][3]         0.0000000000 
_pdbx_struct_oper_list.vector[2]            0.0000000000 
_pdbx_struct_oper_list.matrix[3][1]         0.0000000000 
_pdbx_struct_oper_list.matrix[3][2]         0.0000000000 
_pdbx_struct_oper_list.matrix[3][3]         1.0000000000 
_pdbx_struct_oper_list.vector[3]            0.0000000000 
# 
loop_
_struct_conf.conf_type_id 
_struct_conf.id 
_struct_conf.pdbx_PDB_helix_id 
_struct_conf.beg_label_comp_id 
_struct_conf.beg_label_asym_id 
_struct_conf.beg_label_seq_id 
_struct_conf.pdbx_beg_PDB_ins_code 
_struct_conf.end_label_comp_id 
_struct_conf.end_label_asym_id 
_struct_conf.end_label_seq_id 
_struct_conf.pdbx_end_PDB_ins_code 
_struct_conf.beg_auth_comp_id 
_struct_conf.beg_auth_asym_id 
_struct_conf.beg_auth_seq_id 
_struct_conf.end_auth_comp_id 
_struct_conf.end_auth_asym_id 
_struct_conf.end_auth_seq_id 
_struct_conf.pdbx_PDB_helix_class 
_struct_conf.details 
_struct_conf.pdbx_PDB_helix_length 
HELX_P HELX_P1 1 ALA A 44 ? VAL A 48 ? ALA A 44 VAL A 48 1 ? 5  
HELX_P HELX_P2 2 GLU A 62 ? PHE A 75 ? GLU A 62 PHE A 75 1 ? 14 
# 
_struct_conf_type.id          HELX_P 
_struct_conf_type.criteria    ? 
_struct_conf_type.reference   ? 
# 
loop_
_struct_conn.id 
_struct_conn.conn_type_id 
_struct_conn.pdbx_leaving_atom_flag 
_struct_conn.pdbx_PDB_id 
_struct_conn.ptnr1_label_asym_id 
_struct_conn.ptnr1_label_comp_id 
_struct_conn.ptnr1_label_seq_id 
_struct_conn.ptnr1_label_atom_id 
_struct_conn.pdbx_ptnr1_label_alt_id 
_struct_conn.pdbx_ptnr1_PDB_ins_code 
_struct_conn.pdbx_ptnr1_standard_comp_id 
_struct_conn.ptnr1_symmetry 
_struct_conn.ptnr2_label_asym_id 
_struct_conn.ptnr2_label_comp_id 
_struct_conn.ptnr2_label_seq_id 
_struct_conn.ptnr2_label_atom_id 
_struct_conn.pdbx_ptnr2_label_alt_id 
_struct_conn.pdbx_ptnr2_PDB_ins_code 
_struct_conn.ptnr1_auth_asym_id 
_struct_conn.ptnr1_auth_comp_id 
_struct_conn.ptnr1_auth_seq_id 
_struct_conn.ptnr2_auth_asym_id 
_struct_conn.ptnr2_auth_comp_id 
_struct_conn.ptnr2_auth_seq_id 
_struct_conn.ptnr2_symmetry 
_struct_conn.pdbx_ptnr3_label_atom_id 
_struct_conn.pdbx_ptnr3_label_seq_id 
_struct_conn.pdbx_ptnr3_label_comp_id 
_struct_conn.pdbx_ptnr3_label_asym_id 
_struct_conn.pdbx_ptnr3_label_alt_id 
_struct_conn.pdbx_ptnr3_PDB_ins_code 
_struct_conn.details 
_struct_conn.pdbx_dist_value 
_struct_conn.pdbx_value_order 
_struct_conn.pdbx_role 
metalc1 metalc ? ? A CYS 8  SG ? ? ? 1_555 B SF4 . FE1 ? ? A CYS 8  A SF4 78 1_555 ? ? ? ? ? ? ? 2.029 ? ? 
metalc2 metalc ? ? A CYS 13 SG ? ? ? 1_555 B SF4 . FE2 ? ? A CYS 13 A SF4 78 1_555 ? ? ? ? ? ? ? 2.051 ? ? 
metalc3 metalc ? ? A CYS 16 SG ? ? ? 1_555 B SF4 . FE3 ? ? A CYS 16 A SF4 78 1_555 ? ? ? ? ? ? ? 2.102 ? ? 
metalc4 metalc ? ? A CYS 20 SG ? ? ? 1_555 C SF4 . FE1 ? ? A CYS 20 A SF4 79 1_555 ? ? ? ? ? ? ? 2.074 ? ? 
metalc5 metalc ? ? A CYS 39 SG ? ? ? 1_555 C SF4 . FE2 ? ? A CYS 39 A SF4 79 1_555 ? ? ? ? ? ? ? 2.050 ? ? 
metalc6 metalc ? ? A CYS 42 SG ? ? ? 1_555 C SF4 . FE3 ? ? A CYS 42 A SF4 79 1_555 ? ? ? ? ? ? ? 2.104 ? ? 
metalc7 metalc ? ? A CYS 45 SG ? ? ? 1_555 C SF4 . FE4 ? ? A CYS 45 A SF4 79 1_555 ? ? ? ? ? ? ? 2.040 ? ? 
metalc8 metalc ? ? A CYS 49 SG ? ? ? 1_555 B SF4 . FE4 ? ? A CYS 49 A SF4 78 1_555 ? ? ? ? ? ? ? 2.030 ? ? 
# 
_struct_conn_type.id          metalc 
_struct_conn_type.criteria    ? 
_struct_conn_type.reference   ? 
# 
loop_
_pdbx_struct_conn_angle.id 
_pdbx_struct_conn_angle.ptnr1_label_atom_id 
_pdbx_struct_conn_angle.ptnr1_label_alt_id 
_pdbx_struct_conn_angle.ptnr1_label_asym_id 
_pdbx_struct_conn_angle.ptnr1_label_comp_id 
_pdbx_struct_conn_angle.ptnr1_label_seq_id 
_pdbx_struct_conn_angle.ptnr1_auth_atom_id 
_pdbx_struct_conn_angle.ptnr1_auth_asym_id 
_pdbx_struct_conn_angle.ptnr1_auth_comp_id 
_pdbx_struct_conn_angle.ptnr1_auth_seq_id 
_pdbx_struct_conn_angle.ptnr1_PDB_ins_code 
_pdbx_struct_conn_angle.ptnr1_symmetry 
_pdbx_struct_conn_angle.ptnr2_label_atom_id 
_pdbx_struct_conn_angle.ptnr2_label_alt_id 
_pdbx_struct_conn_angle.ptnr2_label_asym_id 
_pdbx_struct_conn_angle.ptnr2_label_comp_id 
_pdbx_struct_conn_angle.ptnr2_label_seq_id 
_pdbx_struct_conn_angle.ptnr2_auth_atom_id 
_pdbx_struct_conn_angle.ptnr2_auth_asym_id 
_pdbx_struct_conn_angle.ptnr2_auth_comp_id 
_pdbx_struct_conn_angle.ptnr2_auth_seq_id 
_pdbx_struct_conn_angle.ptnr2_PDB_ins_code 
_pdbx_struct_conn_angle.ptnr2_symmetry 
_pdbx_struct_conn_angle.ptnr3_label_atom_id 
_pdbx_struct_conn_angle.ptnr3_label_alt_id 
_pdbx_struct_conn_angle.ptnr3_label_asym_id 
_pdbx_struct_conn_angle.ptnr3_label_comp_id 
_pdbx_struct_conn_angle.ptnr3_label_seq_id 
_pdbx_struct_conn_angle.ptnr3_auth_atom_id 
_pdbx_struct_conn_angle.ptnr3_auth_asym_id 
_pdbx_struct_conn_angle.ptnr3_auth_comp_id 
_pdbx_struct_conn_angle.ptnr3_auth_seq_id 
_pdbx_struct_conn_angle.ptnr3_PDB_ins_code 
_pdbx_struct_conn_angle.ptnr3_symmetry 
_pdbx_struct_conn_angle.value 
_pdbx_struct_conn_angle.value_esd 
1  SG ? A CYS 8  ? A CYS 8  ? 1_555 FE1 ? B SF4 . ? A SF4 78 ? 1_555 S2 ? B SF4 . ? A SF4 78 ? 1_555 110.8 ? 
2  SG ? A CYS 8  ? A CYS 8  ? 1_555 FE1 ? B SF4 . ? A SF4 78 ? 1_555 S3 ? B SF4 . ? A SF4 78 ? 1_555 120.0 ? 
3  S2 ? B SF4 .  ? A SF4 78 ? 1_555 FE1 ? B SF4 . ? A SF4 78 ? 1_555 S3 ? B SF4 . ? A SF4 78 ? 1_555 106.0 ? 
4  SG ? A CYS 8  ? A CYS 8  ? 1_555 FE1 ? B SF4 . ? A SF4 78 ? 1_555 S4 ? B SF4 . ? A SF4 78 ? 1_555 114.5 ? 
5  S2 ? B SF4 .  ? A SF4 78 ? 1_555 FE1 ? B SF4 . ? A SF4 78 ? 1_555 S4 ? B SF4 . ? A SF4 78 ? 1_555 103.2 ? 
6  S3 ? B SF4 .  ? A SF4 78 ? 1_555 FE1 ? B SF4 . ? A SF4 78 ? 1_555 S4 ? B SF4 . ? A SF4 78 ? 1_555 100.5 ? 
7  SG ? A CYS 13 ? A CYS 13 ? 1_555 FE2 ? B SF4 . ? A SF4 78 ? 1_555 S1 ? B SF4 . ? A SF4 78 ? 1_555 105.6 ? 
8  SG ? A CYS 13 ? A CYS 13 ? 1_555 FE2 ? B SF4 . ? A SF4 78 ? 1_555 S3 ? B SF4 . ? A SF4 78 ? 1_555 114.8 ? 
9  S1 ? B SF4 .  ? A SF4 78 ? 1_555 FE2 ? B SF4 . ? A SF4 78 ? 1_555 S3 ? B SF4 . ? A SF4 78 ? 1_555 103.0 ? 
10 SG ? A CYS 13 ? A CYS 13 ? 1_555 FE2 ? B SF4 . ? A SF4 78 ? 1_555 S4 ? B SF4 . ? A SF4 78 ? 1_555 111.3 ? 
11 S1 ? B SF4 .  ? A SF4 78 ? 1_555 FE2 ? B SF4 . ? A SF4 78 ? 1_555 S4 ? B SF4 . ? A SF4 78 ? 1_555 113.1 ? 
12 S3 ? B SF4 .  ? A SF4 78 ? 1_555 FE2 ? B SF4 . ? A SF4 78 ? 1_555 S4 ? B SF4 . ? A SF4 78 ? 1_555 108.8 ? 
13 SG ? A CYS 16 ? A CYS 16 ? 1_555 FE3 ? B SF4 . ? A SF4 78 ? 1_555 S1 ? B SF4 . ? A SF4 78 ? 1_555 108.8 ? 
14 SG ? A CYS 16 ? A CYS 16 ? 1_555 FE3 ? B SF4 . ? A SF4 78 ? 1_555 S2 ? B SF4 . ? A SF4 78 ? 1_555 121.8 ? 
15 S1 ? B SF4 .  ? A SF4 78 ? 1_555 FE3 ? B SF4 . ? A SF4 78 ? 1_555 S2 ? B SF4 . ? A SF4 78 ? 1_555 102.6 ? 
16 SG ? A CYS 16 ? A CYS 16 ? 1_555 FE3 ? B SF4 . ? A SF4 78 ? 1_555 S4 ? B SF4 . ? A SF4 78 ? 1_555 105.8 ? 
17 S1 ? B SF4 .  ? A SF4 78 ? 1_555 FE3 ? B SF4 . ? A SF4 78 ? 1_555 S4 ? B SF4 . ? A SF4 78 ? 1_555 107.0 ? 
18 S2 ? B SF4 .  ? A SF4 78 ? 1_555 FE3 ? B SF4 . ? A SF4 78 ? 1_555 S4 ? B SF4 . ? A SF4 78 ? 1_555 110.0 ? 
19 SG ? A CYS 20 ? A CYS 20 ? 1_555 FE1 ? C SF4 . ? A SF4 79 ? 1_555 S2 ? C SF4 . ? A SF4 79 ? 1_555 116.4 ? 
20 SG ? A CYS 20 ? A CYS 20 ? 1_555 FE1 ? C SF4 . ? A SF4 79 ? 1_555 S3 ? C SF4 . ? A SF4 79 ? 1_555 117.0 ? 
21 S2 ? C SF4 .  ? A SF4 79 ? 1_555 FE1 ? C SF4 . ? A SF4 79 ? 1_555 S3 ? C SF4 . ? A SF4 79 ? 1_555 103.4 ? 
22 SG ? A CYS 20 ? A CYS 20 ? 1_555 FE1 ? C SF4 . ? A SF4 79 ? 1_555 S4 ? C SF4 . ? A SF4 79 ? 1_555 112.9 ? 
23 S2 ? C SF4 .  ? A SF4 79 ? 1_555 FE1 ? C SF4 . ? A SF4 79 ? 1_555 S4 ? C SF4 . ? A SF4 79 ? 1_555 102.6 ? 
24 S3 ? C SF4 .  ? A SF4 79 ? 1_555 FE1 ? C SF4 . ? A SF4 79 ? 1_555 S4 ? C SF4 . ? A SF4 79 ? 1_555 102.5 ? 
25 SG ? A CYS 39 ? A CYS 39 ? 1_555 FE2 ? C SF4 . ? A SF4 79 ? 1_555 S1 ? C SF4 . ? A SF4 79 ? 1_555 105.5 ? 
26 SG ? A CYS 39 ? A CYS 39 ? 1_555 FE2 ? C SF4 . ? A SF4 79 ? 1_555 S3 ? C SF4 . ? A SF4 79 ? 1_555 114.2 ? 
27 S1 ? C SF4 .  ? A SF4 79 ? 1_555 FE2 ? C SF4 . ? A SF4 79 ? 1_555 S3 ? C SF4 . ? A SF4 79 ? 1_555 103.7 ? 
28 SG ? A CYS 39 ? A CYS 39 ? 1_555 FE2 ? C SF4 . ? A SF4 79 ? 1_555 S4 ? C SF4 . ? A SF4 79 ? 1_555 111.7 ? 
29 S1 ? C SF4 .  ? A SF4 79 ? 1_555 FE2 ? C SF4 . ? A SF4 79 ? 1_555 S4 ? C SF4 . ? A SF4 79 ? 1_555 110.9 ? 
30 S3 ? C SF4 .  ? A SF4 79 ? 1_555 FE2 ? C SF4 . ? A SF4 79 ? 1_555 S4 ? C SF4 . ? A SF4 79 ? 1_555 110.4 ? 
31 SG ? A CYS 42 ? A CYS 42 ? 1_555 FE3 ? C SF4 . ? A SF4 79 ? 1_555 S1 ? C SF4 . ? A SF4 79 ? 1_555 108.1 ? 
32 SG ? A CYS 42 ? A CYS 42 ? 1_555 FE3 ? C SF4 . ? A SF4 79 ? 1_555 S2 ? C SF4 . ? A SF4 79 ? 1_555 112.9 ? 
33 S1 ? C SF4 .  ? A SF4 79 ? 1_555 FE3 ? C SF4 . ? A SF4 79 ? 1_555 S2 ? C SF4 . ? A SF4 79 ? 1_555 103.8 ? 
34 SG ? A CYS 42 ? A CYS 42 ? 1_555 FE3 ? C SF4 . ? A SF4 79 ? 1_555 S4 ? C SF4 . ? A SF4 79 ? 1_555 114.5 ? 
35 S1 ? C SF4 .  ? A SF4 79 ? 1_555 FE3 ? C SF4 . ? A SF4 79 ? 1_555 S4 ? C SF4 . ? A SF4 79 ? 1_555 105.4 ? 
36 S2 ? C SF4 .  ? A SF4 79 ? 1_555 FE3 ? C SF4 . ? A SF4 79 ? 1_555 S4 ? C SF4 . ? A SF4 79 ? 1_555 111.2 ? 
37 SG ? A CYS 45 ? A CYS 45 ? 1_555 FE4 ? C SF4 . ? A SF4 79 ? 1_555 S1 ? C SF4 . ? A SF4 79 ? 1_555 99.2  ? 
38 SG ? A CYS 45 ? A CYS 45 ? 1_555 FE4 ? C SF4 . ? A SF4 79 ? 1_555 S2 ? C SF4 . ? A SF4 79 ? 1_555 110.2 ? 
39 S1 ? C SF4 .  ? A SF4 79 ? 1_555 FE4 ? C SF4 . ? A SF4 79 ? 1_555 S2 ? C SF4 . ? A SF4 79 ? 1_555 106.6 ? 
40 SG ? A CYS 45 ? A CYS 45 ? 1_555 FE4 ? C SF4 . ? A SF4 79 ? 1_555 S3 ? C SF4 . ? A SF4 79 ? 1_555 125.5 ? 
41 S1 ? C SF4 .  ? A SF4 79 ? 1_555 FE4 ? C SF4 . ? A SF4 79 ? 1_555 S3 ? C SF4 . ? A SF4 79 ? 1_555 106.4 ? 
42 S2 ? C SF4 .  ? A SF4 79 ? 1_555 FE4 ? C SF4 . ? A SF4 79 ? 1_555 S3 ? C SF4 . ? A SF4 79 ? 1_555 107.3 ? 
43 SG ? A CYS 49 ? A CYS 49 ? 1_555 FE4 ? B SF4 . ? A SF4 78 ? 1_555 S1 ? B SF4 . ? A SF4 78 ? 1_555 107.6 ? 
44 SG ? A CYS 49 ? A CYS 49 ? 1_555 FE4 ? B SF4 . ? A SF4 78 ? 1_555 S2 ? B SF4 . ? A SF4 78 ? 1_555 110.2 ? 
45 S1 ? B SF4 .  ? A SF4 78 ? 1_555 FE4 ? B SF4 . ? A SF4 78 ? 1_555 S2 ? B SF4 . ? A SF4 78 ? 1_555 105.7 ? 
46 SG ? A CYS 49 ? A CYS 49 ? 1_555 FE4 ? B SF4 . ? A SF4 78 ? 1_555 S3 ? B SF4 . ? A SF4 78 ? 1_555 117.4 ? 
47 S1 ? B SF4 .  ? A SF4 78 ? 1_555 FE4 ? B SF4 . ? A SF4 78 ? 1_555 S3 ? B SF4 . ? A SF4 78 ? 1_555 105.2 ? 
48 S2 ? B SF4 .  ? A SF4 78 ? 1_555 FE4 ? B SF4 . ? A SF4 78 ? 1_555 S3 ? B SF4 . ? A SF4 78 ? 1_555 109.9 ? 
# 
_struct_sheet.id               A 
_struct_sheet.type             ? 
_struct_sheet.number_strands   2 
_struct_sheet.details          ? 
# 
_struct_sheet_order.sheet_id     A 
_struct_sheet_order.range_id_1   1 
_struct_sheet_order.range_id_2   2 
_struct_sheet_order.offset       ? 
_struct_sheet_order.sense        anti-parallel 
# 
loop_
_struct_sheet_range.sheet_id 
_struct_sheet_range.id 
_struct_sheet_range.beg_label_comp_id 
_struct_sheet_range.beg_label_asym_id 
_struct_sheet_range.beg_label_seq_id 
_struct_sheet_range.pdbx_beg_PDB_ins_code 
_struct_sheet_range.end_label_comp_id 
_struct_sheet_range.end_label_asym_id 
_struct_sheet_range.end_label_seq_id 
_struct_sheet_range.pdbx_end_PDB_ins_code 
_struct_sheet_range.beg_auth_comp_id 
_struct_sheet_range.beg_auth_asym_id 
_struct_sheet_range.beg_auth_seq_id 
_struct_sheet_range.end_auth_comp_id 
_struct_sheet_range.end_auth_asym_id 
_struct_sheet_range.end_auth_seq_id 
A 1 ILE A 25 ? GLU A 27 ? ILE A 25 GLU A 27 
A 2 TYR A 32 ? ILE A 34 ? TYR A 32 ILE A 34 
# 
_pdbx_struct_sheet_hbond.sheet_id                A 
_pdbx_struct_sheet_hbond.range_id_1              1 
_pdbx_struct_sheet_hbond.range_id_2              2 
_pdbx_struct_sheet_hbond.range_1_label_atom_id   O 
_pdbx_struct_sheet_hbond.range_1_label_comp_id   HIS 
_pdbx_struct_sheet_hbond.range_1_label_asym_id   A 
_pdbx_struct_sheet_hbond.range_1_label_seq_id    26 
_pdbx_struct_sheet_hbond.range_1_PDB_ins_code    ? 
_pdbx_struct_sheet_hbond.range_1_auth_atom_id    O 
_pdbx_struct_sheet_hbond.range_1_auth_comp_id    HIS 
_pdbx_struct_sheet_hbond.range_1_auth_asym_id    A 
_pdbx_struct_sheet_hbond.range_1_auth_seq_id     26 
_pdbx_struct_sheet_hbond.range_2_label_atom_id   N 
_pdbx_struct_sheet_hbond.range_2_label_comp_id   TYR 
_pdbx_struct_sheet_hbond.range_2_label_asym_id   A 
_pdbx_struct_sheet_hbond.range_2_label_seq_id    33 
_pdbx_struct_sheet_hbond.range_2_PDB_ins_code    ? 
_pdbx_struct_sheet_hbond.range_2_auth_atom_id    N 
_pdbx_struct_sheet_hbond.range_2_auth_comp_id    TYR 
_pdbx_struct_sheet_hbond.range_2_auth_asym_id    A 
_pdbx_struct_sheet_hbond.range_2_auth_seq_id     33 
# 
loop_
_struct_site.id 
_struct_site.pdbx_evidence_code 
_struct_site.pdbx_auth_asym_id 
_struct_site.pdbx_auth_comp_id 
_struct_site.pdbx_auth_seq_id 
_struct_site.pdbx_auth_ins_code 
_struct_site.pdbx_num_residues 
_struct_site.details 
AC1 Software A SF4 78 ? 7 'BINDING SITE FOR RESIDUE SF4 A 78' 
AC2 Software A SF4 79 ? 7 'BINDING SITE FOR RESIDUE SF4 A 79' 
# 
loop_
_struct_site_gen.id 
_struct_site_gen.site_id 
_struct_site_gen.pdbx_num_res 
_struct_site_gen.label_comp_id 
_struct_site_gen.label_asym_id 
_struct_site_gen.label_seq_id 
_struct_site_gen.pdbx_auth_ins_code 
_struct_site_gen.auth_comp_id 
_struct_site_gen.auth_asym_id 
_struct_site_gen.auth_seq_id 
_struct_site_gen.label_atom_id 
_struct_site_gen.label_alt_id 
_struct_site_gen.symmetry 
_struct_site_gen.details 
1  AC1 7 CYS A 8  ? CYS A 8  . ? 1_555 ? 
2  AC1 7 CYS A 13 ? CYS A 13 . ? 1_555 ? 
3  AC1 7 SER A 15 ? SER A 15 . ? 1_555 ? 
4  AC1 7 CYS A 16 ? CYS A 16 . ? 1_555 ? 
5  AC1 7 TYR A 32 ? TYR A 32 . ? 1_555 ? 
6  AC1 7 CYS A 49 ? CYS A 49 . ? 1_555 ? 
7  AC1 7 ILE A 54 ? ILE A 54 . ? 1_555 ? 
8  AC2 7 CYS A 20 ? CYS A 20 . ? 1_555 ? 
9  AC2 7 CYS A 24 ? CYS A 24 . ? 1_555 ? 
10 AC2 7 ILE A 34 ? ILE A 34 . ? 1_555 ? 
11 AC2 7 CYS A 39 ? CYS A 39 . ? 1_555 ? 
12 AC2 7 ILE A 40 ? ILE A 40 . ? 1_555 ? 
13 AC2 7 CYS A 42 ? CYS A 42 . ? 1_555 ? 
14 AC2 7 CYS A 45 ? CYS A 45 . ? 1_555 ? 
# 
loop_
_pdbx_validate_torsion.id 
_pdbx_validate_torsion.PDB_model_num 
_pdbx_validate_torsion.auth_comp_id 
_pdbx_validate_torsion.auth_asym_id 
_pdbx_validate_torsion.auth_seq_id 
_pdbx_validate_torsion.PDB_ins_code 
_pdbx_validate_torsion.label_alt_id 
_pdbx_validate_torsion.phi 
_pdbx_validate_torsion.psi 
1  1 THR A 5  ? ? -143.92 -97.71 
2  1 GLU A 6  ? ? -127.18 -52.54 
3  1 PRO A 7  ? ? -70.37  31.35  
4  1 THR A 11 ? ? 15.48   84.85  
5  1 LYS A 12 ? ? 75.99   58.38  
6  1 SER A 15 ? ? -155.84 -57.44 
7  1 VAL A 17 ? ? -126.74 -92.22 
8  1 GLU A 18 ? ? -75.69  32.18  
9  1 ASP A 23 ? ? 36.71   61.96  
10 1 GLU A 29 ? ? 65.24   -61.84 
11 1 ILE A 40 ? ? -90.99  38.60  
12 1 PRO A 50 ? ? -75.15  26.02  
13 1 SER A 52 ? ? 63.12   98.48  
14 1 ALA A 53 ? ? -154.43 -21.37 
# 
loop_
_pdbx_validate_planes.id 
_pdbx_validate_planes.PDB_model_num 
_pdbx_validate_planes.auth_comp_id 
_pdbx_validate_planes.auth_asym_id 
_pdbx_validate_planes.auth_seq_id 
_pdbx_validate_planes.PDB_ins_code 
_pdbx_validate_planes.label_alt_id 
_pdbx_validate_planes.rmsd 
_pdbx_validate_planes.type 
1 1 TYR A 33 ? ? 0.103 'SIDE CHAIN' 
2 1 TYR A 55 ? ? 0.207 'SIDE CHAIN' 
3 1 ARG A 72 ? ? 0.146 'SIDE CHAIN' 
# 
_pdbx_nmr_ensemble.entry_id                                      1BQX 
_pdbx_nmr_ensemble.conformers_calculated_total_number            500 
_pdbx_nmr_ensemble.conformers_submitted_total_number             1 
_pdbx_nmr_ensemble.conformer_selection_criteria                  'LEAST RESTRAINT VIOLATIONS' 
_pdbx_nmr_ensemble.average_constraints_per_residue               ? 
_pdbx_nmr_ensemble.average_constraint_violations_per_residue     ? 
_pdbx_nmr_ensemble.maximum_distance_constraint_violation         ? 
_pdbx_nmr_ensemble.average_distance_constraint_violation         ? 
_pdbx_nmr_ensemble.maximum_upper_distance_constraint_violation   ? 
_pdbx_nmr_ensemble.maximum_lower_distance_constraint_violation   ? 
_pdbx_nmr_ensemble.distance_constraint_violation_method          ? 
_pdbx_nmr_ensemble.maximum_torsion_angle_constraint_violation    ? 
_pdbx_nmr_ensemble.average_torsion_angle_constraint_violation    ? 
_pdbx_nmr_ensemble.torsion_angle_constraint_violation_method     ? 
# 
_pdbx_nmr_exptl_sample_conditions.conditions_id       1 
_pdbx_nmr_exptl_sample_conditions.temperature         300 
_pdbx_nmr_exptl_sample_conditions.pressure            1 
_pdbx_nmr_exptl_sample_conditions.pH                  6.5 
_pdbx_nmr_exptl_sample_conditions.ionic_strength      '20 mM' 
_pdbx_nmr_exptl_sample_conditions.pressure_units      atm 
_pdbx_nmr_exptl_sample_conditions.temperature_units   K 
# 
loop_
_pdbx_nmr_exptl.experiment_id 
_pdbx_nmr_exptl.conditions_id 
_pdbx_nmr_exptl.type 
_pdbx_nmr_exptl.solution_id 
1 1 NOESY  1 
2 1 COSY   1 
3 1 TOCSY  1 
4 1 1D-NOE 1 
# 
_pdbx_nmr_details.entry_id   1BQX 
_pdbx_nmr_details.text       
;MINIMIZED AVERAGE STRUCTURE. THE STRUCTURE WAS DETERMINED USING 1H NMR 
SPECTROSCOPY. EXPERIMENTAL DETAILS CAN BE FOUND IN THE JRNL CITATION ABOVE.
;
# 
_pdbx_nmr_refine.entry_id           1BQX 
_pdbx_nmr_refine.method             
;TORSION ANGLE DYNAMICS, RESTRAINED ENERGY MINIMIZATION, RESTRAINED MOLECULAR 
DYNAMICS
;
_pdbx_nmr_refine.details            
;THE STRUCTURE CALCULATIONS WERE CARRIED OUT WITH THE TORSION ANGLE DYNAMICS 
PROGRAM DYANA (BY GUENTERT,MUMENTHALER,WUETHRICH). THE 20 STRUCTURES OF THE 
DYANA FAMILY WITH THE LOWEST TARGET FUNCTION VALUES WERE REFINED BY RESTRAINED 
ENERGY MINIMIZATION(REM) AND RESTRAINED MOLECULAR DYNAMICS (RMD) IN VACUO. THE 
STRUCTURE IN THIS ENTRY REPRESENTS THE MINIMIZED AVERAGE STRUCTURE OF THE RMD 
FAMILY. REFINEMENT DETAILS CAN BE FOUND IN THE JRNL CITATION ABOVE.
;
_pdbx_nmr_refine.software_ordinal   1 
# 
loop_
_pdbx_nmr_software.classification 
_pdbx_nmr_software.name 
_pdbx_nmr_software.version 
_pdbx_nmr_software.authors 
_pdbx_nmr_software.ordinal 
refinement           Amber 4.1 'PEARLMAN,CASE,CALDWELL,ROSS,CHEATHAM, FERGUSON,SEIBEL,SINGH,WEINER,KOLLMAN' 1 
'structure solution' DYANA ?   ?                                                                            2 
'structure solution' Amber ?   ?                                                                            3 
# 
loop_
_chem_comp_atom.comp_id 
_chem_comp_atom.atom_id 
_chem_comp_atom.type_symbol 
_chem_comp_atom.pdbx_aromatic_flag 
_chem_comp_atom.pdbx_stereo_config 
_chem_comp_atom.pdbx_ordinal 
ALA N    N  N N 1   
ALA CA   C  N S 2   
ALA C    C  N N 3   
ALA O    O  N N 4   
ALA CB   C  N N 5   
ALA OXT  O  N N 6   
ALA H    H  N N 7   
ALA H2   H  N N 8   
ALA HA   H  N N 9   
ALA HB1  H  N N 10  
ALA HB2  H  N N 11  
ALA HB3  H  N N 12  
ALA HXT  H  N N 13  
ARG N    N  N N 14  
ARG CA   C  N S 15  
ARG C    C  N N 16  
ARG O    O  N N 17  
ARG CB   C  N N 18  
ARG CG   C  N N 19  
ARG CD   C  N N 20  
ARG NE   N  N N 21  
ARG CZ   C  N N 22  
ARG NH1  N  N N 23  
ARG NH2  N  N N 24  
ARG OXT  O  N N 25  
ARG H    H  N N 26  
ARG H2   H  N N 27  
ARG HA   H  N N 28  
ARG HB2  H  N N 29  
ARG HB3  H  N N 30  
ARG HG2  H  N N 31  
ARG HG3  H  N N 32  
ARG HD2  H  N N 33  
ARG HD3  H  N N 34  
ARG HE   H  N N 35  
ARG HH11 H  N N 36  
ARG HH12 H  N N 37  
ARG HH21 H  N N 38  
ARG HH22 H  N N 39  
ARG HXT  H  N N 40  
ASN N    N  N N 41  
ASN CA   C  N S 42  
ASN C    C  N N 43  
ASN O    O  N N 44  
ASN CB   C  N N 45  
ASN CG   C  N N 46  
ASN OD1  O  N N 47  
ASN ND2  N  N N 48  
ASN OXT  O  N N 49  
ASN H    H  N N 50  
ASN H2   H  N N 51  
ASN HA   H  N N 52  
ASN HB2  H  N N 53  
ASN HB3  H  N N 54  
ASN HD21 H  N N 55  
ASN HD22 H  N N 56  
ASN HXT  H  N N 57  
ASP N    N  N N 58  
ASP CA   C  N S 59  
ASP C    C  N N 60  
ASP O    O  N N 61  
ASP CB   C  N N 62  
ASP CG   C  N N 63  
ASP OD1  O  N N 64  
ASP OD2  O  N N 65  
ASP OXT  O  N N 66  
ASP H    H  N N 67  
ASP H2   H  N N 68  
ASP HA   H  N N 69  
ASP HB2  H  N N 70  
ASP HB3  H  N N 71  
ASP HD2  H  N N 72  
ASP HXT  H  N N 73  
CYS N    N  N N 74  
CYS CA   C  N R 75  
CYS C    C  N N 76  
CYS O    O  N N 77  
CYS CB   C  N N 78  
CYS SG   S  N N 79  
CYS OXT  O  N N 80  
CYS H    H  N N 81  
CYS H2   H  N N 82  
CYS HA   H  N N 83  
CYS HB2  H  N N 84  
CYS HB3  H  N N 85  
CYS HG   H  N N 86  
CYS HXT  H  N N 87  
GLN N    N  N N 88  
GLN CA   C  N S 89  
GLN C    C  N N 90  
GLN O    O  N N 91  
GLN CB   C  N N 92  
GLN CG   C  N N 93  
GLN CD   C  N N 94  
GLN OE1  O  N N 95  
GLN NE2  N  N N 96  
GLN OXT  O  N N 97  
GLN H    H  N N 98  
GLN H2   H  N N 99  
GLN HA   H  N N 100 
GLN HB2  H  N N 101 
GLN HB3  H  N N 102 
GLN HG2  H  N N 103 
GLN HG3  H  N N 104 
GLN HE21 H  N N 105 
GLN HE22 H  N N 106 
GLN HXT  H  N N 107 
GLU N    N  N N 108 
GLU CA   C  N S 109 
GLU C    C  N N 110 
GLU O    O  N N 111 
GLU CB   C  N N 112 
GLU CG   C  N N 113 
GLU CD   C  N N 114 
GLU OE1  O  N N 115 
GLU OE2  O  N N 116 
GLU OXT  O  N N 117 
GLU H    H  N N 118 
GLU H2   H  N N 119 
GLU HA   H  N N 120 
GLU HB2  H  N N 121 
GLU HB3  H  N N 122 
GLU HG2  H  N N 123 
GLU HG3  H  N N 124 
GLU HE2  H  N N 125 
GLU HXT  H  N N 126 
GLY N    N  N N 127 
GLY CA   C  N N 128 
GLY C    C  N N 129 
GLY O    O  N N 130 
GLY OXT  O  N N 131 
GLY H    H  N N 132 
GLY H2   H  N N 133 
GLY HA2  H  N N 134 
GLY HA3  H  N N 135 
GLY HXT  H  N N 136 
HIS N    N  N N 137 
HIS CA   C  N S 138 
HIS C    C  N N 139 
HIS O    O  N N 140 
HIS CB   C  N N 141 
HIS CG   C  Y N 142 
HIS ND1  N  Y N 143 
HIS CD2  C  Y N 144 
HIS CE1  C  Y N 145 
HIS NE2  N  Y N 146 
HIS OXT  O  N N 147 
HIS H    H  N N 148 
HIS H2   H  N N 149 
HIS HA   H  N N 150 
HIS HB2  H  N N 151 
HIS HB3  H  N N 152 
HIS HD1  H  N N 153 
HIS HD2  H  N N 154 
HIS HE1  H  N N 155 
HIS HE2  H  N N 156 
HIS HXT  H  N N 157 
ILE N    N  N N 158 
ILE CA   C  N S 159 
ILE C    C  N N 160 
ILE O    O  N N 161 
ILE CB   C  N S 162 
ILE CG1  C  N N 163 
ILE CG2  C  N N 164 
ILE CD1  C  N N 165 
ILE OXT  O  N N 166 
ILE H    H  N N 167 
ILE H2   H  N N 168 
ILE HA   H  N N 169 
ILE HB   H  N N 170 
ILE HG12 H  N N 171 
ILE HG13 H  N N 172 
ILE HG21 H  N N 173 
ILE HG22 H  N N 174 
ILE HG23 H  N N 175 
ILE HD11 H  N N 176 
ILE HD12 H  N N 177 
ILE HD13 H  N N 178 
ILE HXT  H  N N 179 
LYS N    N  N N 180 
LYS CA   C  N S 181 
LYS C    C  N N 182 
LYS O    O  N N 183 
LYS CB   C  N N 184 
LYS CG   C  N N 185 
LYS CD   C  N N 186 
LYS CE   C  N N 187 
LYS NZ   N  N N 188 
LYS OXT  O  N N 189 
LYS H    H  N N 190 
LYS H2   H  N N 191 
LYS HA   H  N N 192 
LYS HB2  H  N N 193 
LYS HB3  H  N N 194 
LYS HG2  H  N N 195 
LYS HG3  H  N N 196 
LYS HD2  H  N N 197 
LYS HD3  H  N N 198 
LYS HE2  H  N N 199 
LYS HE3  H  N N 200 
LYS HZ1  H  N N 201 
LYS HZ2  H  N N 202 
LYS HZ3  H  N N 203 
LYS HXT  H  N N 204 
PHE N    N  N N 205 
PHE CA   C  N S 206 
PHE C    C  N N 207 
PHE O    O  N N 208 
PHE CB   C  N N 209 
PHE CG   C  Y N 210 
PHE CD1  C  Y N 211 
PHE CD2  C  Y N 212 
PHE CE1  C  Y N 213 
PHE CE2  C  Y N 214 
PHE CZ   C  Y N 215 
PHE OXT  O  N N 216 
PHE H    H  N N 217 
PHE H2   H  N N 218 
PHE HA   H  N N 219 
PHE HB2  H  N N 220 
PHE HB3  H  N N 221 
PHE HD1  H  N N 222 
PHE HD2  H  N N 223 
PHE HE1  H  N N 224 
PHE HE2  H  N N 225 
PHE HZ   H  N N 226 
PHE HXT  H  N N 227 
PRO N    N  N N 228 
PRO CA   C  N S 229 
PRO C    C  N N 230 
PRO O    O  N N 231 
PRO CB   C  N N 232 
PRO CG   C  N N 233 
PRO CD   C  N N 234 
PRO OXT  O  N N 235 
PRO H    H  N N 236 
PRO HA   H  N N 237 
PRO HB2  H  N N 238 
PRO HB3  H  N N 239 
PRO HG2  H  N N 240 
PRO HG3  H  N N 241 
PRO HD2  H  N N 242 
PRO HD3  H  N N 243 
PRO HXT  H  N N 244 
SER N    N  N N 245 
SER CA   C  N S 246 
SER C    C  N N 247 
SER O    O  N N 248 
SER CB   C  N N 249 
SER OG   O  N N 250 
SER OXT  O  N N 251 
SER H    H  N N 252 
SER H2   H  N N 253 
SER HA   H  N N 254 
SER HB2  H  N N 255 
SER HB3  H  N N 256 
SER HG   H  N N 257 
SER HXT  H  N N 258 
SF4 FE1  FE N N 259 
SF4 FE2  FE N N 260 
SF4 FE3  FE N N 261 
SF4 FE4  FE N N 262 
SF4 S1   S  N N 263 
SF4 S2   S  N N 264 
SF4 S3   S  N N 265 
SF4 S4   S  N N 266 
THR N    N  N N 267 
THR CA   C  N S 268 
THR C    C  N N 269 
THR O    O  N N 270 
THR CB   C  N R 271 
THR OG1  O  N N 272 
THR CG2  C  N N 273 
THR OXT  O  N N 274 
THR H    H  N N 275 
THR H2   H  N N 276 
THR HA   H  N N 277 
THR HB   H  N N 278 
THR HG1  H  N N 279 
THR HG21 H  N N 280 
THR HG22 H  N N 281 
THR HG23 H  N N 282 
THR HXT  H  N N 283 
TRP N    N  N N 284 
TRP CA   C  N S 285 
TRP C    C  N N 286 
TRP O    O  N N 287 
TRP CB   C  N N 288 
TRP CG   C  Y N 289 
TRP CD1  C  Y N 290 
TRP CD2  C  Y N 291 
TRP NE1  N  Y N 292 
TRP CE2  C  Y N 293 
TRP CE3  C  Y N 294 
TRP CZ2  C  Y N 295 
TRP CZ3  C  Y N 296 
TRP CH2  C  Y N 297 
TRP OXT  O  N N 298 
TRP H    H  N N 299 
TRP H2   H  N N 300 
TRP HA   H  N N 301 
TRP HB2  H  N N 302 
TRP HB3  H  N N 303 
TRP HD1  H  N N 304 
TRP HE1  H  N N 305 
TRP HE3  H  N N 306 
TRP HZ2  H  N N 307 
TRP HZ3  H  N N 308 
TRP HH2  H  N N 309 
TRP HXT  H  N N 310 
TYR N    N  N N 311 
TYR CA   C  N S 312 
TYR C    C  N N 313 
TYR O    O  N N 314 
TYR CB   C  N N 315 
TYR CG   C  Y N 316 
TYR CD1  C  Y N 317 
TYR CD2  C  Y N 318 
TYR CE1  C  Y N 319 
TYR CE2  C  Y N 320 
TYR CZ   C  Y N 321 
TYR OH   O  N N 322 
TYR OXT  O  N N 323 
TYR H    H  N N 324 
TYR H2   H  N N 325 
TYR HA   H  N N 326 
TYR HB2  H  N N 327 
TYR HB3  H  N N 328 
TYR HD1  H  N N 329 
TYR HD2  H  N N 330 
TYR HE1  H  N N 331 
TYR HE2  H  N N 332 
TYR HH   H  N N 333 
TYR HXT  H  N N 334 
VAL N    N  N N 335 
VAL CA   C  N S 336 
VAL C    C  N N 337 
VAL O    O  N N 338 
VAL CB   C  N N 339 
VAL CG1  C  N N 340 
VAL CG2  C  N N 341 
VAL OXT  O  N N 342 
VAL H    H  N N 343 
VAL H2   H  N N 344 
VAL HA   H  N N 345 
VAL HB   H  N N 346 
VAL HG11 H  N N 347 
VAL HG12 H  N N 348 
VAL HG13 H  N N 349 
VAL HG21 H  N N 350 
VAL HG22 H  N N 351 
VAL HG23 H  N N 352 
VAL HXT  H  N N 353 
# 
loop_
_chem_comp_bond.comp_id 
_chem_comp_bond.atom_id_1 
_chem_comp_bond.atom_id_2 
_chem_comp_bond.value_order 
_chem_comp_bond.pdbx_aromatic_flag 
_chem_comp_bond.pdbx_stereo_config 
_chem_comp_bond.pdbx_ordinal 
ALA N   CA   sing N N 1   
ALA N   H    sing N N 2   
ALA N   H2   sing N N 3   
ALA CA  C    sing N N 4   
ALA CA  CB   sing N N 5   
ALA CA  HA   sing N N 6   
ALA C   O    doub N N 7   
ALA C   OXT  sing N N 8   
ALA CB  HB1  sing N N 9   
ALA CB  HB2  sing N N 10  
ALA CB  HB3  sing N N 11  
ALA OXT HXT  sing N N 12  
ARG N   CA   sing N N 13  
ARG N   H    sing N N 14  
ARG N   H2   sing N N 15  
ARG CA  C    sing N N 16  
ARG CA  CB   sing N N 17  
ARG CA  HA   sing N N 18  
ARG C   O    doub N N 19  
ARG C   OXT  sing N N 20  
ARG CB  CG   sing N N 21  
ARG CB  HB2  sing N N 22  
ARG CB  HB3  sing N N 23  
ARG CG  CD   sing N N 24  
ARG CG  HG2  sing N N 25  
ARG CG  HG3  sing N N 26  
ARG CD  NE   sing N N 27  
ARG CD  HD2  sing N N 28  
ARG CD  HD3  sing N N 29  
ARG NE  CZ   sing N N 30  
ARG NE  HE   sing N N 31  
ARG CZ  NH1  sing N N 32  
ARG CZ  NH2  doub N N 33  
ARG NH1 HH11 sing N N 34  
ARG NH1 HH12 sing N N 35  
ARG NH2 HH21 sing N N 36  
ARG NH2 HH22 sing N N 37  
ARG OXT HXT  sing N N 38  
ASN N   CA   sing N N 39  
ASN N   H    sing N N 40  
ASN N   H2   sing N N 41  
ASN CA  C    sing N N 42  
ASN CA  CB   sing N N 43  
ASN CA  HA   sing N N 44  
ASN C   O    doub N N 45  
ASN C   OXT  sing N N 46  
ASN CB  CG   sing N N 47  
ASN CB  HB2  sing N N 48  
ASN CB  HB3  sing N N 49  
ASN CG  OD1  doub N N 50  
ASN CG  ND2  sing N N 51  
ASN ND2 HD21 sing N N 52  
ASN ND2 HD22 sing N N 53  
ASN OXT HXT  sing N N 54  
ASP N   CA   sing N N 55  
ASP N   H    sing N N 56  
ASP N   H2   sing N N 57  
ASP CA  C    sing N N 58  
ASP CA  CB   sing N N 59  
ASP CA  HA   sing N N 60  
ASP C   O    doub N N 61  
ASP C   OXT  sing N N 62  
ASP CB  CG   sing N N 63  
ASP CB  HB2  sing N N 64  
ASP CB  HB3  sing N N 65  
ASP CG  OD1  doub N N 66  
ASP CG  OD2  sing N N 67  
ASP OD2 HD2  sing N N 68  
ASP OXT HXT  sing N N 69  
CYS N   CA   sing N N 70  
CYS N   H    sing N N 71  
CYS N   H2   sing N N 72  
CYS CA  C    sing N N 73  
CYS CA  CB   sing N N 74  
CYS CA  HA   sing N N 75  
CYS C   O    doub N N 76  
CYS C   OXT  sing N N 77  
CYS CB  SG   sing N N 78  
CYS CB  HB2  sing N N 79  
CYS CB  HB3  sing N N 80  
CYS SG  HG   sing N N 81  
CYS OXT HXT  sing N N 82  
GLN N   CA   sing N N 83  
GLN N   H    sing N N 84  
GLN N   H2   sing N N 85  
GLN CA  C    sing N N 86  
GLN CA  CB   sing N N 87  
GLN CA  HA   sing N N 88  
GLN C   O    doub N N 89  
GLN C   OXT  sing N N 90  
GLN CB  CG   sing N N 91  
GLN CB  HB2  sing N N 92  
GLN CB  HB3  sing N N 93  
GLN CG  CD   sing N N 94  
GLN CG  HG2  sing N N 95  
GLN CG  HG3  sing N N 96  
GLN CD  OE1  doub N N 97  
GLN CD  NE2  sing N N 98  
GLN NE2 HE21 sing N N 99  
GLN NE2 HE22 sing N N 100 
GLN OXT HXT  sing N N 101 
GLU N   CA   sing N N 102 
GLU N   H    sing N N 103 
GLU N   H2   sing N N 104 
GLU CA  C    sing N N 105 
GLU CA  CB   sing N N 106 
GLU CA  HA   sing N N 107 
GLU C   O    doub N N 108 
GLU C   OXT  sing N N 109 
GLU CB  CG   sing N N 110 
GLU CB  HB2  sing N N 111 
GLU CB  HB3  sing N N 112 
GLU CG  CD   sing N N 113 
GLU CG  HG2  sing N N 114 
GLU CG  HG3  sing N N 115 
GLU CD  OE1  doub N N 116 
GLU CD  OE2  sing N N 117 
GLU OE2 HE2  sing N N 118 
GLU OXT HXT  sing N N 119 
GLY N   CA   sing N N 120 
GLY N   H    sing N N 121 
GLY N   H2   sing N N 122 
GLY CA  C    sing N N 123 
GLY CA  HA2  sing N N 124 
GLY CA  HA3  sing N N 125 
GLY C   O    doub N N 126 
GLY C   OXT  sing N N 127 
GLY OXT HXT  sing N N 128 
HIS N   CA   sing N N 129 
HIS N   H    sing N N 130 
HIS N   H2   sing N N 131 
HIS CA  C    sing N N 132 
HIS CA  CB   sing N N 133 
HIS CA  HA   sing N N 134 
HIS C   O    doub N N 135 
HIS C   OXT  sing N N 136 
HIS CB  CG   sing N N 137 
HIS CB  HB2  sing N N 138 
HIS CB  HB3  sing N N 139 
HIS CG  ND1  sing Y N 140 
HIS CG  CD2  doub Y N 141 
HIS ND1 CE1  doub Y N 142 
HIS ND1 HD1  sing N N 143 
HIS CD2 NE2  sing Y N 144 
HIS CD2 HD2  sing N N 145 
HIS CE1 NE2  sing Y N 146 
HIS CE1 HE1  sing N N 147 
HIS NE2 HE2  sing N N 148 
HIS OXT HXT  sing N N 149 
ILE N   CA   sing N N 150 
ILE N   H    sing N N 151 
ILE N   H2   sing N N 152 
ILE CA  C    sing N N 153 
ILE CA  CB   sing N N 154 
ILE CA  HA   sing N N 155 
ILE C   O    doub N N 156 
ILE C   OXT  sing N N 157 
ILE CB  CG1  sing N N 158 
ILE CB  CG2  sing N N 159 
ILE CB  HB   sing N N 160 
ILE CG1 CD1  sing N N 161 
ILE CG1 HG12 sing N N 162 
ILE CG1 HG13 sing N N 163 
ILE CG2 HG21 sing N N 164 
ILE CG2 HG22 sing N N 165 
ILE CG2 HG23 sing N N 166 
ILE CD1 HD11 sing N N 167 
ILE CD1 HD12 sing N N 168 
ILE CD1 HD13 sing N N 169 
ILE OXT HXT  sing N N 170 
LYS N   CA   sing N N 171 
LYS N   H    sing N N 172 
LYS N   H2   sing N N 173 
LYS CA  C    sing N N 174 
LYS CA  CB   sing N N 175 
LYS CA  HA   sing N N 176 
LYS C   O    doub N N 177 
LYS C   OXT  sing N N 178 
LYS CB  CG   sing N N 179 
LYS CB  HB2  sing N N 180 
LYS CB  HB3  sing N N 181 
LYS CG  CD   sing N N 182 
LYS CG  HG2  sing N N 183 
LYS CG  HG3  sing N N 184 
LYS CD  CE   sing N N 185 
LYS CD  HD2  sing N N 186 
LYS CD  HD3  sing N N 187 
LYS CE  NZ   sing N N 188 
LYS CE  HE2  sing N N 189 
LYS CE  HE3  sing N N 190 
LYS NZ  HZ1  sing N N 191 
LYS NZ  HZ2  sing N N 192 
LYS NZ  HZ3  sing N N 193 
LYS OXT HXT  sing N N 194 
PHE N   CA   sing N N 195 
PHE N   H    sing N N 196 
PHE N   H2   sing N N 197 
PHE CA  C    sing N N 198 
PHE CA  CB   sing N N 199 
PHE CA  HA   sing N N 200 
PHE C   O    doub N N 201 
PHE C   OXT  sing N N 202 
PHE CB  CG   sing N N 203 
PHE CB  HB2  sing N N 204 
PHE CB  HB3  sing N N 205 
PHE CG  CD1  doub Y N 206 
PHE CG  CD2  sing Y N 207 
PHE CD1 CE1  sing Y N 208 
PHE CD1 HD1  sing N N 209 
PHE CD2 CE2  doub Y N 210 
PHE CD2 HD2  sing N N 211 
PHE CE1 CZ   doub Y N 212 
PHE CE1 HE1  sing N N 213 
PHE CE2 CZ   sing Y N 214 
PHE CE2 HE2  sing N N 215 
PHE CZ  HZ   sing N N 216 
PHE OXT HXT  sing N N 217 
PRO N   CA   sing N N 218 
PRO N   CD   sing N N 219 
PRO N   H    sing N N 220 
PRO CA  C    sing N N 221 
PRO CA  CB   sing N N 222 
PRO CA  HA   sing N N 223 
PRO C   O    doub N N 224 
PRO C   OXT  sing N N 225 
PRO CB  CG   sing N N 226 
PRO CB  HB2  sing N N 227 
PRO CB  HB3  sing N N 228 
PRO CG  CD   sing N N 229 
PRO CG  HG2  sing N N 230 
PRO CG  HG3  sing N N 231 
PRO CD  HD2  sing N N 232 
PRO CD  HD3  sing N N 233 
PRO OXT HXT  sing N N 234 
SER N   CA   sing N N 235 
SER N   H    sing N N 236 
SER N   H2   sing N N 237 
SER CA  C    sing N N 238 
SER CA  CB   sing N N 239 
SER CA  HA   sing N N 240 
SER C   O    doub N N 241 
SER C   OXT  sing N N 242 
SER CB  OG   sing N N 243 
SER CB  HB2  sing N N 244 
SER CB  HB3  sing N N 245 
SER OG  HG   sing N N 246 
SER OXT HXT  sing N N 247 
SF4 FE1 S2   sing N N 248 
SF4 FE1 S3   sing N N 249 
SF4 FE1 S4   sing N N 250 
SF4 FE2 S1   sing N N 251 
SF4 FE2 S3   sing N N 252 
SF4 FE2 S4   sing N N 253 
SF4 FE3 S1   sing N N 254 
SF4 FE3 S2   sing N N 255 
SF4 FE3 S4   sing N N 256 
SF4 FE4 S1   sing N N 257 
SF4 FE4 S2   sing N N 258 
SF4 FE4 S3   sing N N 259 
THR N   CA   sing N N 260 
THR N   H    sing N N 261 
THR N   H2   sing N N 262 
THR CA  C    sing N N 263 
THR CA  CB   sing N N 264 
THR CA  HA   sing N N 265 
THR C   O    doub N N 266 
THR C   OXT  sing N N 267 
THR CB  OG1  sing N N 268 
THR CB  CG2  sing N N 269 
THR CB  HB   sing N N 270 
THR OG1 HG1  sing N N 271 
THR CG2 HG21 sing N N 272 
THR CG2 HG22 sing N N 273 
THR CG2 HG23 sing N N 274 
THR OXT HXT  sing N N 275 
TRP N   CA   sing N N 276 
TRP N   H    sing N N 277 
TRP N   H2   sing N N 278 
TRP CA  C    sing N N 279 
TRP CA  CB   sing N N 280 
TRP CA  HA   sing N N 281 
TRP C   O    doub N N 282 
TRP C   OXT  sing N N 283 
TRP CB  CG   sing N N 284 
TRP CB  HB2  sing N N 285 
TRP CB  HB3  sing N N 286 
TRP CG  CD1  doub Y N 287 
TRP CG  CD2  sing Y N 288 
TRP CD1 NE1  sing Y N 289 
TRP CD1 HD1  sing N N 290 
TRP CD2 CE2  doub Y N 291 
TRP CD2 CE3  sing Y N 292 
TRP NE1 CE2  sing Y N 293 
TRP NE1 HE1  sing N N 294 
TRP CE2 CZ2  sing Y N 295 
TRP CE3 CZ3  doub Y N 296 
TRP CE3 HE3  sing N N 297 
TRP CZ2 CH2  doub Y N 298 
TRP CZ2 HZ2  sing N N 299 
TRP CZ3 CH2  sing Y N 300 
TRP CZ3 HZ3  sing N N 301 
TRP CH2 HH2  sing N N 302 
TRP OXT HXT  sing N N 303 
TYR N   CA   sing N N 304 
TYR N   H    sing N N 305 
TYR N   H2   sing N N 306 
TYR CA  C    sing N N 307 
TYR CA  CB   sing N N 308 
TYR CA  HA   sing N N 309 
TYR C   O    doub N N 310 
TYR C   OXT  sing N N 311 
TYR CB  CG   sing N N 312 
TYR CB  HB2  sing N N 313 
TYR CB  HB3  sing N N 314 
TYR CG  CD1  doub Y N 315 
TYR CG  CD2  sing Y N 316 
TYR CD1 CE1  sing Y N 317 
TYR CD1 HD1  sing N N 318 
TYR CD2 CE2  doub Y N 319 
TYR CD2 HD2  sing N N 320 
TYR CE1 CZ   doub Y N 321 
TYR CE1 HE1  sing N N 322 
TYR CE2 CZ   sing Y N 323 
TYR CE2 HE2  sing N N 324 
TYR CZ  OH   sing N N 325 
TYR OH  HH   sing N N 326 
TYR OXT HXT  sing N N 327 
VAL N   CA   sing N N 328 
VAL N   H    sing N N 329 
VAL N   H2   sing N N 330 
VAL CA  C    sing N N 331 
VAL CA  CB   sing N N 332 
VAL CA  HA   sing N N 333 
VAL C   O    doub N N 334 
VAL C   OXT  sing N N 335 
VAL CB  CG1  sing N N 336 
VAL CB  CG2  sing N N 337 
VAL CB  HB   sing N N 338 
VAL CG1 HG11 sing N N 339 
VAL CG1 HG12 sing N N 340 
VAL CG1 HG13 sing N N 341 
VAL CG2 HG21 sing N N 342 
VAL CG2 HG22 sing N N 343 
VAL CG2 HG23 sing N N 344 
VAL OXT HXT  sing N N 345 
# 
loop_
_pdbx_nmr_spectrometer.spectrometer_id 
_pdbx_nmr_spectrometer.model 
_pdbx_nmr_spectrometer.manufacturer 
_pdbx_nmr_spectrometer.field_strength 
_pdbx_nmr_spectrometer.type 
1 AVANCE500 Bruker 500 ? 
2 AVANCE600 Bruker 600 ? 
3 AVANCE800 Bruker 800 ? 
# 
_atom_sites.entry_id                    1BQX 
_atom_sites.fract_transf_matrix[1][1]   1.000000 
_atom_sites.fract_transf_matrix[1][2]   0.000000 
_atom_sites.fract_transf_matrix[1][3]   0.000000 
_atom_sites.fract_transf_matrix[2][1]   0.000000 
_atom_sites.fract_transf_matrix[2][2]   1.000000 
_atom_sites.fract_transf_matrix[2][3]   0.000000 
_atom_sites.fract_transf_matrix[3][1]   0.000000 
_atom_sites.fract_transf_matrix[3][2]   0.000000 
_atom_sites.fract_transf_matrix[3][3]   1.000000 
_atom_sites.fract_transf_vector[1]      0.00000 
_atom_sites.fract_transf_vector[2]      0.00000 
_atom_sites.fract_transf_vector[3]      0.00000 
# 
loop_
_atom_type.symbol 
C  
FE 
H  
N  
O  
S  
# 
loop_
_atom_site.group_PDB 
_atom_site.id 
_atom_site.type_symbol 
_atom_site.label_atom_id 
_atom_site.label_alt_id 
_atom_site.label_comp_id 
_atom_site.label_asym_id 
_atom_site.label_entity_id 
_atom_site.label_seq_id 
_atom_site.pdbx_PDB_ins_code 
_atom_site.Cartn_x 
_atom_site.Cartn_y 
_atom_site.Cartn_z 
_atom_site.occupancy 
_atom_site.B_iso_or_equiv 
_atom_site.pdbx_formal_charge 
_atom_site.auth_seq_id 
_atom_site.auth_comp_id 
_atom_site.auth_asym_id 
_atom_site.auth_atom_id 
_atom_site.pdbx_PDB_model_num 
ATOM   1    N  N    . ALA A 1 1  ? -9.045  -4.035  -3.379  1.00 0.00 ? 1  ALA A N    1 
ATOM   2    C  CA   . ALA A 1 1  ? -7.668  -3.558  -3.542  1.00 0.00 ? 1  ALA A CA   1 
ATOM   3    C  C    . ALA A 1 1  ? -6.828  -3.802  -2.292  1.00 0.00 ? 1  ALA A C    1 
ATOM   4    O  O    . ALA A 1 1  ? -7.370  -3.904  -1.190  1.00 0.00 ? 1  ALA A O    1 
ATOM   5    C  CB   . ALA A 1 1  ? -7.677  -2.092  -3.916  1.00 0.00 ? 1  ALA A CB   1 
ATOM   6    H  H1   . ALA A 1 1  ? -9.200  -4.442  -2.468  1.00 0.00 ? 1  ALA A H1   1 
ATOM   7    H  H2   . ALA A 1 1  ? -9.850  -3.426  -3.388  1.00 0.00 ? 1  ALA A H2   1 
ATOM   8    H  H3   . ALA A 1 1  ? -9.444  -4.784  -3.927  1.00 0.00 ? 1  ALA A H3   1 
ATOM   9    H  HA   . ALA A 1 1  ? -7.207  -4.083  -4.379  1.00 0.00 ? 1  ALA A HA   1 
ATOM   10   H  HB1  . ALA A 1 1  ? -8.301  -1.980  -4.803  1.00 0.00 ? 1  ALA A HB1  1 
ATOM   11   H  HB2  . ALA A 1 1  ? -8.078  -1.493  -3.103  1.00 0.00 ? 1  ALA A HB2  1 
ATOM   12   H  HB3  . ALA A 1 1  ? -6.658  -1.791  -4.139  1.00 0.00 ? 1  ALA A HB3  1 
ATOM   13   N  N    . TYR A 1 2  ? -5.506  -3.896  -2.468  1.00 0.00 ? 2  TYR A N    1 
ATOM   14   C  CA   . TYR A 1 2  ? -4.546  -4.179  -1.409  1.00 0.00 ? 2  TYR A CA   1 
ATOM   15   C  C    . TYR A 1 2  ? -3.861  -2.891  -0.978  1.00 0.00 ? 2  TYR A C    1 
ATOM   16   O  O    . TYR A 1 2  ? -3.541  -2.059  -1.821  1.00 0.00 ? 2  TYR A O    1 
ATOM   17   C  CB   . TYR A 1 2  ? -3.517  -5.202  -1.901  1.00 0.00 ? 2  TYR A CB   1 
ATOM   18   C  CG   . TYR A 1 2  ? -3.993  -6.635  -1.820  1.00 0.00 ? 2  TYR A CG   1 
ATOM   19   C  CD1  . TYR A 1 2  ? -5.009  -7.088  -2.680  1.00 0.00 ? 2  TYR A CD1  1 
ATOM   20   C  CD2  . TYR A 1 2  ? -3.447  -7.508  -0.859  1.00 0.00 ? 2  TYR A CD2  1 
ATOM   21   C  CE1  . TYR A 1 2  ? -5.483  -8.406  -2.578  1.00 0.00 ? 2  TYR A CE1  1 
ATOM   22   C  CE2  . TYR A 1 2  ? -3.905  -8.833  -0.774  1.00 0.00 ? 2  TYR A CE2  1 
ATOM   23   C  CZ   . TYR A 1 2  ? -4.911  -9.286  -1.645  1.00 0.00 ? 2  TYR A CZ   1 
ATOM   24   O  OH   . TYR A 1 2  ? -5.345  -10.575 -1.565  1.00 0.00 ? 2  TYR A OH   1 
ATOM   25   H  H    . TYR A 1 2  ? -5.122  -3.704  -3.386  1.00 0.00 ? 2  TYR A H    1 
ATOM   26   H  HA   . TYR A 1 2  ? -5.056  -4.587  -0.542  1.00 0.00 ? 2  TYR A HA   1 
ATOM   27   H  HB2  . TYR A 1 2  ? -3.238  -4.968  -2.929  1.00 0.00 ? 2  TYR A HB2  1 
ATOM   28   H  HB3  . TYR A 1 2  ? -2.616  -5.109  -1.298  1.00 0.00 ? 2  TYR A HB3  1 
ATOM   29   H  HD1  . TYR A 1 2  ? -5.425  -6.432  -3.429  1.00 0.00 ? 2  TYR A HD1  1 
ATOM   30   H  HD2  . TYR A 1 2  ? -2.661  -7.175  -0.198  1.00 0.00 ? 2  TYR A HD2  1 
ATOM   31   H  HE1  . TYR A 1 2  ? -6.258  -8.740  -3.254  1.00 0.00 ? 2  TYR A HE1  1 
ATOM   32   H  HE2  . TYR A 1 2  ? -3.460  -9.512  -0.063  1.00 0.00 ? 2  TYR A HE2  1 
ATOM   33   H  HH   . TYR A 1 2  ? -5.978  -10.787 -2.253  1.00 0.00 ? 2  TYR A HH   1 
ATOM   34   N  N    . VAL A 1 3  ? -3.669  -2.717  0.332   1.00 0.00 ? 3  VAL A N    1 
ATOM   35   C  CA   . VAL A 1 3  ? -3.173  -1.473  0.910   1.00 0.00 ? 3  VAL A CA   1 
ATOM   36   C  C    . VAL A 1 3  ? -2.145  -1.732  2.019   1.00 0.00 ? 3  VAL A C    1 
ATOM   37   O  O    . VAL A 1 3  ? -2.260  -2.699  2.775   1.00 0.00 ? 3  VAL A O    1 
ATOM   38   C  CB   . VAL A 1 3  ? -4.362  -0.631  1.409   1.00 0.00 ? 3  VAL A CB   1 
ATOM   39   C  CG1  . VAL A 1 3  ? -3.905  0.790   1.743   1.00 0.00 ? 3  VAL A CG1  1 
ATOM   40   C  CG2  . VAL A 1 3  ? -5.439  -0.499  0.328   1.00 0.00 ? 3  VAL A CG2  1 
ATOM   41   H  H    . VAL A 1 3  ? -4.008  -3.440  0.963   1.00 0.00 ? 3  VAL A H    1 
ATOM   42   H  HA   . VAL A 1 3  ? -2.665  -0.907  0.128   1.00 0.00 ? 3  VAL A HA   1 
ATOM   43   H  HB   . VAL A 1 3  ? -4.803  -1.099  2.291   1.00 0.00 ? 3  VAL A HB   1 
ATOM   44   H  HG11 . VAL A 1 3  ? -3.375  1.205   0.887   1.00 0.00 ? 3  VAL A HG11 1 
ATOM   45   H  HG12 . VAL A 1 3  ? -4.767  1.414   1.961   1.00 0.00 ? 3  VAL A HG12 1 
ATOM   46   H  HG13 . VAL A 1 3  ? -3.255  0.800   2.610   1.00 0.00 ? 3  VAL A HG13 1 
ATOM   47   H  HG21 . VAL A 1 3  ? -4.970  -0.115  -0.578  1.00 0.00 ? 3  VAL A HG21 1 
ATOM   48   H  HG22 . VAL A 1 3  ? -5.907  -1.460  0.119   1.00 0.00 ? 3  VAL A HG22 1 
ATOM   49   H  HG23 . VAL A 1 3  ? -6.217  0.194   0.650   1.00 0.00 ? 3  VAL A HG23 1 
ATOM   50   N  N    . ILE A 1 4  ? -1.133  -0.855  2.095   1.00 0.00 ? 4  ILE A N    1 
ATOM   51   C  CA   . ILE A 1 4  ? -0.138  -0.785  3.151   1.00 0.00 ? 4  ILE A CA   1 
ATOM   52   C  C    . ILE A 1 4  ? -0.792  -0.372  4.471   1.00 0.00 ? 4  ILE A C    1 
ATOM   53   O  O    . ILE A 1 4  ? -1.957  0.023   4.478   1.00 0.00 ? 4  ILE A O    1 
ATOM   54   C  CB   . ILE A 1 4  ? 0.952   0.222   2.730   1.00 0.00 ? 4  ILE A CB   1 
ATOM   55   C  CG1  . ILE A 1 4  ? 0.486   1.689   2.612   1.00 0.00 ? 4  ILE A CG1  1 
ATOM   56   C  CG2  . ILE A 1 4  ? 1.584   -0.181  1.391   1.00 0.00 ? 4  ILE A CG2  1 
ATOM   57   C  CD1  . ILE A 1 4  ? 0.384   2.446   3.942   1.00 0.00 ? 4  ILE A CD1  1 
ATOM   58   H  H    . ILE A 1 4  ? -1.094  -0.093  1.440   1.00 0.00 ? 4  ILE A H    1 
ATOM   59   H  HA   . ILE A 1 4  ? 0.313   -1.770  3.279   1.00 0.00 ? 4  ILE A HA   1 
ATOM   60   H  HB   . ILE A 1 4  ? 1.739   0.172   3.472   1.00 0.00 ? 4  ILE A HB   1 
ATOM   61   H  HG12 . ILE A 1 4  ? 1.234   2.219   2.028   1.00 0.00 ? 4  ILE A HG12 1 
ATOM   62   H  HG13 . ILE A 1 4  ? -0.460  1.756   2.078   1.00 0.00 ? 4  ILE A HG13 1 
ATOM   63   H  HG21 . ILE A 1 4  ? 1.844   -1.238  1.403   1.00 0.00 ? 4  ILE A HG21 1 
ATOM   64   H  HG22 . ILE A 1 4  ? 0.898   0.012   0.568   1.00 0.00 ? 4  ILE A HG22 1 
ATOM   65   H  HG23 . ILE A 1 4  ? 2.496   0.395   1.227   1.00 0.00 ? 4  ILE A HG23 1 
ATOM   66   H  HD11 . ILE A 1 4  ? 1.245   2.219   4.571   1.00 0.00 ? 4  ILE A HD11 1 
ATOM   67   H  HD12 . ILE A 1 4  ? 0.364   3.515   3.735   1.00 0.00 ? 4  ILE A HD12 1 
ATOM   68   H  HD13 . ILE A 1 4  ? -0.529  2.201   4.479   1.00 0.00 ? 4  ILE A HD13 1 
ATOM   69   N  N    . THR A 1 5  ? -0.054  -0.407  5.586   1.00 0.00 ? 5  THR A N    1 
ATOM   70   C  CA   . THR A 1 5  ? -0.585  0.082   6.854   1.00 0.00 ? 5  THR A CA   1 
ATOM   71   C  C    . THR A 1 5  ? 0.461   0.778   7.726   1.00 0.00 ? 5  THR A C    1 
ATOM   72   O  O    . THR A 1 5  ? 0.727   1.962   7.546   1.00 0.00 ? 5  THR A O    1 
ATOM   73   C  CB   . THR A 1 5  ? -1.297  -1.046  7.620   1.00 0.00 ? 5  THR A CB   1 
ATOM   74   O  OG1  . THR A 1 5  ? -0.438  -2.162  7.776   1.00 0.00 ? 5  THR A OG1  1 
ATOM   75   C  CG2  . THR A 1 5  ? -2.584  -1.484  6.929   1.00 0.00 ? 5  THR A CG2  1 
ATOM   76   H  H    . THR A 1 5  ? 0.910   -0.707  5.551   1.00 0.00 ? 5  THR A H    1 
ATOM   77   H  HA   . THR A 1 5  ? -1.326  0.860   6.662   1.00 0.00 ? 5  THR A HA   1 
ATOM   78   H  HB   . THR A 1 5  ? -1.575  -0.669  8.607   1.00 0.00 ? 5  THR A HB   1 
ATOM   79   H  HG1  . THR A 1 5  ? -0.429  -2.667  6.955   1.00 0.00 ? 5  THR A HG1  1 
ATOM   80   H  HG21 . THR A 1 5  ? -3.193  -0.600  6.721   1.00 0.00 ? 5  THR A HG21 1 
ATOM   81   H  HG22 . THR A 1 5  ? -2.372  -2.007  5.998   1.00 0.00 ? 5  THR A HG22 1 
ATOM   82   H  HG23 . THR A 1 5  ? -3.120  -2.160  7.591   1.00 0.00 ? 5  THR A HG23 1 
ATOM   83   N  N    . GLU A 1 6  ? 1.015   0.032   8.685   1.00 0.00 ? 6  GLU A N    1 
ATOM   84   C  CA   . GLU A 1 6  ? 1.815   0.549   9.784   1.00 0.00 ? 6  GLU A CA   1 
ATOM   85   C  C    . GLU A 1 6  ? 3.186   -0.128  9.933   1.00 0.00 ? 6  GLU A C    1 
ATOM   86   O  O    . GLU A 1 6  ? 4.184   0.591   9.838   1.00 0.00 ? 6  GLU A O    1 
ATOM   87   C  CB   . GLU A 1 6  ? 0.883   0.592   10.995  1.00 0.00 ? 6  GLU A CB   1 
ATOM   88   C  CG   . GLU A 1 6  ? 1.520   1.113   12.271  1.00 0.00 ? 6  GLU A CG   1 
ATOM   89   C  CD   . GLU A 1 6  ? 0.471   1.809   13.133  1.00 0.00 ? 6  GLU A CD   1 
ATOM   90   O  OE1  . GLU A 1 6  ? 0.099   2.938   12.746  1.00 0.00 ? 6  GLU A OE1  1 
ATOM   91   O  OE2  . GLU A 1 6  ? -0.018  1.179   14.095  1.00 0.00 ? 6  GLU A OE2  1 
ATOM   92   H  H    . GLU A 1 6  ? 0.740   -0.945  8.704   1.00 0.00 ? 6  GLU A H    1 
ATOM   93   H  HA   . GLU A 1 6  ? 2.068   1.596   9.628   1.00 0.00 ? 6  GLU A HA   1 
ATOM   94   H  HB2  . GLU A 1 6  ? 0.104   1.304   10.738  1.00 0.00 ? 6  GLU A HB2  1 
ATOM   95   H  HB3  . GLU A 1 6  ? 0.395   -0.356  11.174  1.00 0.00 ? 6  GLU A HB3  1 
ATOM   96   H  HG2  . GLU A 1 6  ? 2.003   0.289   12.777  1.00 0.00 ? 6  GLU A HG2  1 
ATOM   97   H  HG3  . GLU A 1 6  ? 2.279   1.831   12.003  1.00 0.00 ? 6  GLU A HG3  1 
ATOM   98   N  N    . PRO A 1 7  ? 3.324   -1.468  10.013  1.00 0.00 ? 7  PRO A N    1 
ATOM   99   C  CA   . PRO A 1 7  ? 4.629   -2.134  9.977   1.00 0.00 ? 7  PRO A CA   1 
ATOM   100  C  C    . PRO A 1 7  ? 5.318   -2.084  8.597   1.00 0.00 ? 7  PRO A C    1 
ATOM   101  O  O    . PRO A 1 7  ? 6.067   -2.987  8.231   1.00 0.00 ? 7  PRO A O    1 
ATOM   102  C  CB   . PRO A 1 7  ? 4.400   -3.576  10.460  1.00 0.00 ? 7  PRO A CB   1 
ATOM   103  C  CG   . PRO A 1 7  ? 2.899   -3.719  10.708  1.00 0.00 ? 7  PRO A CG   1 
ATOM   104  C  CD   . PRO A 1 7  ? 2.256   -2.423  10.219  1.00 0.00 ? 7  PRO A CD   1 
ATOM   105  H  HA   . PRO A 1 7  ? 5.294   -1.625  10.678  1.00 0.00 ? 7  PRO A HA   1 
ATOM   106  H  HB2  . PRO A 1 7  ? 4.708   -4.318  9.722   1.00 0.00 ? 7  PRO A HB2  1 
ATOM   107  H  HB3  . PRO A 1 7  ? 4.950   -3.748  11.385  1.00 0.00 ? 7  PRO A HB3  1 
ATOM   108  H  HG2  . PRO A 1 7  ? 2.491   -4.576  10.169  1.00 0.00 ? 7  PRO A HG2  1 
ATOM   109  H  HG3  . PRO A 1 7  ? 2.726   -3.844  11.777  1.00 0.00 ? 7  PRO A HG3  1 
ATOM   110  H  HD2  . PRO A 1 7  ? 1.720   -2.607  9.290   1.00 0.00 ? 7  PRO A HD2  1 
ATOM   111  H  HD3  . PRO A 1 7  ? 1.583   -2.069  10.989  1.00 0.00 ? 7  PRO A HD3  1 
ATOM   112  N  N    . CYS A 1 8  ? 5.071   -1.013  7.845   1.00 0.00 ? 8  CYS A N    1 
ATOM   113  C  CA   . CYS A 1 8  ? 5.643   -0.644  6.570   1.00 0.00 ? 8  CYS A CA   1 
ATOM   114  C  C    . CYS A 1 8  ? 6.455   0.660   6.694   1.00 0.00 ? 8  CYS A C    1 
ATOM   115  O  O    . CYS A 1 8  ? 7.422   0.848   5.954   1.00 0.00 ? 8  CYS A O    1 
ATOM   116  C  CB   . CYS A 1 8  ? 4.496   -0.486  5.605   1.00 0.00 ? 8  CYS A CB   1 
ATOM   117  S  SG   . CYS A 1 8  ? 4.833   0.524   4.152   1.00 0.00 ? 8  CYS A SG   1 
ATOM   118  H  H    . CYS A 1 8  ? 4.432   -0.341  8.220   1.00 0.00 ? 8  CYS A H    1 
ATOM   119  H  HA   . CYS A 1 8  ? 6.307   -1.438  6.240   1.00 0.00 ? 8  CYS A HA   1 
ATOM   120  H  HB2  . CYS A 1 8  ? 4.127   -1.466  5.300   1.00 0.00 ? 8  CYS A HB2  1 
ATOM   121  H  HB3  . CYS A 1 8  ? 3.688   0.030   6.129   1.00 0.00 ? 8  CYS A HB3  1 
ATOM   122  N  N    . ILE A 1 9  ? 6.066   1.562   7.607   1.00 0.00 ? 9  ILE A N    1 
ATOM   123  C  CA   . ILE A 1 9  ? 6.748   2.828   7.831   1.00 0.00 ? 9  ILE A CA   1 
ATOM   124  C  C    . ILE A 1 9  ? 8.209   2.554   8.201   1.00 0.00 ? 9  ILE A C    1 
ATOM   125  O  O    . ILE A 1 9  ? 8.482   1.658   9.000   1.00 0.00 ? 9  ILE A O    1 
ATOM   126  C  CB   . ILE A 1 9  ? 5.955   3.638   8.882   1.00 0.00 ? 9  ILE A CB   1 
ATOM   127  C  CG1  . ILE A 1 9  ? 4.752   4.330   8.210   1.00 0.00 ? 9  ILE A CG1  1 
ATOM   128  C  CG2  . ILE A 1 9  ? 6.812   4.695   9.593   1.00 0.00 ? 9  ILE A CG2  1 
ATOM   129  C  CD1  . ILE A 1 9  ? 3.452   3.549   8.378   1.00 0.00 ? 9  ILE A CD1  1 
ATOM   130  H  H    . ILE A 1 9  ? 5.332   1.343   8.266   1.00 0.00 ? 9  ILE A H    1 
ATOM   131  H  HA   . ILE A 1 9  ? 6.769   3.377   6.891   1.00 0.00 ? 9  ILE A HA   1 
ATOM   132  H  HB   . ILE A 1 9  ? 5.572   2.964   9.653   1.00 0.00 ? 9  ILE A HB   1 
ATOM   133  H  HG12 . ILE A 1 9  ? 4.587   5.312   8.645   1.00 0.00 ? 9  ILE A HG12 1 
ATOM   134  H  HG13 . ILE A 1 9  ? 4.940   4.470   7.151   1.00 0.00 ? 9  ILE A HG13 1 
ATOM   135  H  HG21 . ILE A 1 9  ? 7.230   5.395   8.871   1.00 0.00 ? 9  ILE A HG21 1 
ATOM   136  H  HG22 . ILE A 1 9  ? 6.195   5.248   10.303  1.00 0.00 ? 9  ILE A HG22 1 
ATOM   137  H  HG23 . ILE A 1 9  ? 7.618   4.222   10.152  1.00 0.00 ? 9  ILE A HG23 1 
ATOM   138  H  HD11 . ILE A 1 9  ? 3.234   3.456   9.442   1.00 0.00 ? 9  ILE A HD11 1 
ATOM   139  H  HD12 . ILE A 1 9  ? 2.634   4.090   7.901   1.00 0.00 ? 9  ILE A HD12 1 
ATOM   140  H  HD13 . ILE A 1 9  ? 3.536   2.564   7.920   1.00 0.00 ? 9  ILE A HD13 1 
ATOM   141  N  N    . GLY A 1 10 ? 9.148   3.289   7.597   1.00 0.00 ? 10 GLY A N    1 
ATOM   142  C  CA   . GLY A 1 10 ? 10.562  2.968   7.714   1.00 0.00 ? 10 GLY A CA   1 
ATOM   143  C  C    . GLY A 1 10 ? 11.400  3.636   6.627   1.00 0.00 ? 10 GLY A C    1 
ATOM   144  O  O    . GLY A 1 10 ? 12.020  2.953   5.815   1.00 0.00 ? 10 GLY A O    1 
ATOM   145  H  H    . GLY A 1 10 ? 8.867   4.103   7.039   1.00 0.00 ? 10 GLY A H    1 
ATOM   146  H  HA2  . GLY A 1 10 ? 10.920  3.296   8.690   1.00 0.00 ? 10 GLY A HA2  1 
ATOM   147  H  HA3  . GLY A 1 10 ? 10.698  1.887   7.639   1.00 0.00 ? 10 GLY A HA3  1 
ATOM   148  N  N    . THR A 1 11 ? 11.444  4.968   6.662   1.00 0.00 ? 11 THR A N    1 
ATOM   149  C  CA   . THR A 1 11 ? 12.293  5.879   5.911   1.00 0.00 ? 11 THR A CA   1 
ATOM   150  C  C    . THR A 1 11 ? 13.016  5.297   4.691   1.00 0.00 ? 11 THR A C    1 
ATOM   151  O  O    . THR A 1 11 ? 14.196  4.956   4.736   1.00 0.00 ? 11 THR A O    1 
ATOM   152  C  CB   . THR A 1 11 ? 13.205  6.625   6.883   1.00 0.00 ? 11 THR A CB   1 
ATOM   153  O  OG1  . THR A 1 11 ? 12.475  7.001   8.037   1.00 0.00 ? 11 THR A OG1  1 
ATOM   154  C  CG2  . THR A 1 11 ? 13.792  7.889   6.247   1.00 0.00 ? 11 THR A CG2  1 
ATOM   155  H  H    . THR A 1 11 ? 10.819  5.453   7.303   1.00 0.00 ? 11 THR A H    1 
ATOM   156  H  HA   . THR A 1 11 ? 11.632  6.647   5.530   1.00 0.00 ? 11 THR A HA   1 
ATOM   157  H  HB   . THR A 1 11 ? 14.001  5.950   7.178   1.00 0.00 ? 11 THR A HB   1 
ATOM   158  H  HG1  . THR A 1 11 ? 11.550  7.182   7.786   1.00 0.00 ? 11 THR A HG1  1 
ATOM   159  H  HG21 . THR A 1 11 ? 12.988  8.548   5.918   1.00 0.00 ? 11 THR A HG21 1 
ATOM   160  H  HG22 . THR A 1 11 ? 14.400  8.415   6.983   1.00 0.00 ? 11 THR A HG22 1 
ATOM   161  H  HG23 . THR A 1 11 ? 14.417  7.628   5.393   1.00 0.00 ? 11 THR A HG23 1 
ATOM   162  N  N    . LYS A 1 12 ? 12.287  5.293   3.576   1.00 0.00 ? 12 LYS A N    1 
ATOM   163  C  CA   . LYS A 1 12 ? 12.714  5.011   2.222   1.00 0.00 ? 12 LYS A CA   1 
ATOM   164  C  C    . LYS A 1 12 ? 12.925  3.520   1.974   1.00 0.00 ? 12 LYS A C    1 
ATOM   165  O  O    . LYS A 1 12 ? 13.997  3.082   1.557   1.00 0.00 ? 12 LYS A O    1 
ATOM   166  C  CB   . LYS A 1 12 ? 13.881  5.921   1.794   1.00 0.00 ? 12 LYS A CB   1 
ATOM   167  C  CG   . LYS A 1 12 ? 13.977  6.088   0.264   1.00 0.00 ? 12 LYS A CG   1 
ATOM   168  C  CD   . LYS A 1 12 ? 12.850  6.934   -0.359  1.00 0.00 ? 12 LYS A CD   1 
ATOM   169  C  CE   . LYS A 1 12 ? 12.991  8.438   -0.066  1.00 0.00 ? 12 LYS A CE   1 
ATOM   170  N  NZ   . LYS A 1 12 ? 11.711  9.138   -0.274  1.00 0.00 ? 12 LYS A NZ   1 
ATOM   171  H  H    . LYS A 1 12 ? 11.310  5.525   3.695   1.00 0.00 ? 12 LYS A H    1 
ATOM   172  H  HA   . LYS A 1 12 ? 11.844  5.275   1.627   1.00 0.00 ? 12 LYS A HA   1 
ATOM   173  H  HB2  . LYS A 1 12 ? 13.764  6.898   2.258   1.00 0.00 ? 12 LYS A HB2  1 
ATOM   174  H  HB3  . LYS A 1 12 ? 14.814  5.491   2.161   1.00 0.00 ? 12 LYS A HB3  1 
ATOM   175  H  HG2  . LYS A 1 12 ? 14.936  6.550   0.023   1.00 0.00 ? 12 LYS A HG2  1 
ATOM   176  H  HG3  . LYS A 1 12 ? 13.965  5.096   -0.192  1.00 0.00 ? 12 LYS A HG3  1 
ATOM   177  H  HD2  . LYS A 1 12 ? 12.865  6.795   -1.444  1.00 0.00 ? 12 LYS A HD2  1 
ATOM   178  H  HD3  . LYS A 1 12 ? 11.876  6.583   -0.021  1.00 0.00 ? 12 LYS A HD3  1 
ATOM   179  H  HE2  . LYS A 1 12 ? 13.288  8.610   0.967   1.00 0.00 ? 12 LYS A HE2  1 
ATOM   180  H  HE3  . LYS A 1 12 ? 13.750  8.865   -0.724  1.00 0.00 ? 12 LYS A HE3  1 
ATOM   181  H  HZ1  . LYS A 1 12 ? 11.306  8.967   -1.191  1.00 0.00 ? 12 LYS A HZ1  1 
ATOM   182  H  HZ2  . LYS A 1 12 ? 11.025  8.823   0.402   1.00 0.00 ? 12 LYS A HZ2  1 
ATOM   183  H  HZ3  . LYS A 1 12 ? 11.758  10.148  -0.137  1.00 0.00 ? 12 LYS A HZ3  1 
ATOM   184  N  N    . CYS A 1 13 ? 11.858  2.748   2.189   1.00 0.00 ? 13 CYS A N    1 
ATOM   185  C  CA   . CYS A 1 13 ? 11.797  1.354   1.776   1.00 0.00 ? 13 CYS A CA   1 
ATOM   186  C  C    . CYS A 1 13 ? 11.883  1.309   0.242   1.00 0.00 ? 13 CYS A C    1 
ATOM   187  O  O    . CYS A 1 13 ? 11.525  2.280   -0.423  1.00 0.00 ? 13 CYS A O    1 
ATOM   188  C  CB   . CYS A 1 13 ? 10.502  0.760   2.253   1.00 0.00 ? 13 CYS A CB   1 
ATOM   189  S  SG   . CYS A 1 13 ? 10.307  -0.994  1.861   1.00 0.00 ? 13 CYS A SG   1 
ATOM   190  H  H    . CYS A 1 13 ? 11.017  3.172   2.550   1.00 0.00 ? 13 CYS A H    1 
ATOM   191  H  HA   . CYS A 1 13 ? 12.616  0.801   2.222   1.00 0.00 ? 13 CYS A HA   1 
ATOM   192  H  HB2  . CYS A 1 13 ? 10.402  0.892   3.332   1.00 0.00 ? 13 CYS A HB2  1 
ATOM   193  H  HB3  . CYS A 1 13 ? 9.725   1.326   1.758   1.00 0.00 ? 13 CYS A HB3  1 
ATOM   194  N  N    . ALA A 1 14 ? 12.345  0.198   -0.334  1.00 0.00 ? 14 ALA A N    1 
ATOM   195  C  CA   . ALA A 1 14 ? 12.360  -0.013  -1.775  1.00 0.00 ? 14 ALA A CA   1 
ATOM   196  C  C    . ALA A 1 14 ? 12.176  -1.504  -2.042  1.00 0.00 ? 14 ALA A C    1 
ATOM   197  O  O    . ALA A 1 14 ? 13.139  -2.266  -1.980  1.00 0.00 ? 14 ALA A O    1 
ATOM   198  C  CB   . ALA A 1 14 ? 13.668  0.510   -2.378  1.00 0.00 ? 14 ALA A CB   1 
ATOM   199  H  H    . ALA A 1 14 ? 12.589  -0.580  0.262   1.00 0.00 ? 14 ALA A H    1 
ATOM   200  H  HA   . ALA A 1 14 ? 11.536  0.530   -2.244  1.00 0.00 ? 14 ALA A HA   1 
ATOM   201  H  HB1  . ALA A 1 14 ? 14.523  0.011   -1.920  1.00 0.00 ? 14 ALA A HB1  1 
ATOM   202  H  HB2  . ALA A 1 14 ? 13.675  0.316   -3.452  1.00 0.00 ? 14 ALA A HB2  1 
ATOM   203  H  HB3  . ALA A 1 14 ? 13.749  1.585   -2.213  1.00 0.00 ? 14 ALA A HB3  1 
ATOM   204  N  N    . SER A 1 15 ? 10.939  -1.933  -2.302  1.00 0.00 ? 15 SER A N    1 
ATOM   205  C  CA   . SER A 1 15 ? 10.615  -3.305  -2.682  1.00 0.00 ? 15 SER A CA   1 
ATOM   206  C  C    . SER A 1 15 ? 9.298   -3.310  -3.461  1.00 0.00 ? 15 SER A C    1 
ATOM   207  O  O    . SER A 1 15 ? 9.267   -3.738  -4.613  1.00 0.00 ? 15 SER A O    1 
ATOM   208  C  CB   . SER A 1 15 ? 10.551  -4.226  -1.453  1.00 0.00 ? 15 SER A CB   1 
ATOM   209  O  OG   . SER A 1 15 ? 11.802  -4.353  -0.805  1.00 0.00 ? 15 SER A OG   1 
ATOM   210  H  H    . SER A 1 15 ? 10.200  -1.246  -2.344  1.00 0.00 ? 15 SER A H    1 
ATOM   211  H  HA   . SER A 1 15 ? 11.390  -3.682  -3.352  1.00 0.00 ? 15 SER A HA   1 
ATOM   212  H  HB2  . SER A 1 15 ? 9.832   -3.836  -0.742  1.00 0.00 ? 15 SER A HB2  1 
ATOM   213  H  HB3  . SER A 1 15 ? 10.225  -5.221  -1.758  1.00 0.00 ? 15 SER A HB3  1 
ATOM   214  H  HG   . SER A 1 15 ? 12.426  -3.725  -1.191  1.00 0.00 ? 15 SER A HG   1 
ATOM   215  N  N    . CYS A 1 16 ? 8.215   -2.795  -2.864  1.00 0.00 ? 16 CYS A N    1 
ATOM   216  C  CA   . CYS A 1 16 ? 6.925   -2.625  -3.530  1.00 0.00 ? 16 CYS A CA   1 
ATOM   217  C  C    . CYS A 1 16 ? 6.993   -1.451  -4.527  1.00 0.00 ? 16 CYS A C    1 
ATOM   218  O  O    . CYS A 1 16 ? 6.279   -0.458  -4.405  1.00 0.00 ? 16 CYS A O    1 
ATOM   219  C  CB   . CYS A 1 16 ? 5.816   -2.477  -2.504  1.00 0.00 ? 16 CYS A CB   1 
ATOM   220  S  SG   . CYS A 1 16 ? 5.958   -1.060  -1.392  1.00 0.00 ? 16 CYS A SG   1 
ATOM   221  H  H    . CYS A 1 16 ? 8.289   -2.444  -1.923  1.00 0.00 ? 16 CYS A H    1 
ATOM   222  H  HA   . CYS A 1 16 ? 6.703   -3.528  -4.103  1.00 0.00 ? 16 CYS A HA   1 
ATOM   223  H  HB2  . CYS A 1 16 ? 4.877   -2.322  -3.057  1.00 0.00 ? 16 CYS A HB2  1 
ATOM   224  H  HB3  . CYS A 1 16 ? 5.725   -3.390  -1.914  1.00 0.00 ? 16 CYS A HB3  1 
ATOM   225  N  N    . VAL A 1 17 ? 7.875   -1.561  -5.525  1.00 0.00 ? 17 VAL A N    1 
ATOM   226  C  CA   . VAL A 1 17 ? 8.099   -0.541  -6.539  1.00 0.00 ? 17 VAL A CA   1 
ATOM   227  C  C    . VAL A 1 17 ? 7.960   -1.183  -7.923  1.00 0.00 ? 17 VAL A C    1 
ATOM   228  O  O    . VAL A 1 17 ? 6.841   -1.299  -8.424  1.00 0.00 ? 17 VAL A O    1 
ATOM   229  C  CB   . VAL A 1 17 ? 9.422   0.196   -6.287  1.00 0.00 ? 17 VAL A CB   1 
ATOM   230  C  CG1  . VAL A 1 17 ? 9.627   1.349   -7.279  1.00 0.00 ? 17 VAL A CG1  1 
ATOM   231  C  CG2  . VAL A 1 17 ? 9.503   0.733   -4.854  1.00 0.00 ? 17 VAL A CG2  1 
ATOM   232  H  H    . VAL A 1 17 ? 8.442   -2.401  -5.568  1.00 0.00 ? 17 VAL A H    1 
ATOM   233  H  HA   . VAL A 1 17 ? 7.337   0.224   -6.473  1.00 0.00 ? 17 VAL A HA   1 
ATOM   234  H  HB   . VAL A 1 17 ? 10.228  -0.511  -6.384  1.00 0.00 ? 17 VAL A HB   1 
ATOM   235  H  HG11 . VAL A 1 17 ? 9.622   0.983   -8.305  1.00 0.00 ? 17 VAL A HG11 1 
ATOM   236  H  HG12 . VAL A 1 17 ? 8.836   2.091   -7.161  1.00 0.00 ? 17 VAL A HG12 1 
ATOM   237  H  HG13 . VAL A 1 17 ? 10.591  1.824   -7.093  1.00 0.00 ? 17 VAL A HG13 1 
ATOM   238  H  HG21 . VAL A 1 17 ? 8.612   1.315   -4.636  1.00 0.00 ? 17 VAL A HG21 1 
ATOM   239  H  HG22 . VAL A 1 17 ? 9.571   -0.091  -4.144  1.00 0.00 ? 17 VAL A HG22 1 
ATOM   240  H  HG23 . VAL A 1 17 ? 10.390  1.357   -4.741  1.00 0.00 ? 17 VAL A HG23 1 
ATOM   241  N  N    . GLU A 1 18 ? 9.048   -1.667  -8.534  1.00 0.00 ? 18 GLU A N    1 
ATOM   242  C  CA   . GLU A 1 18 ? 9.083   -2.103  -9.930  1.00 0.00 ? 18 GLU A CA   1 
ATOM   243  C  C    . GLU A 1 18 ? 8.421   -3.466  -10.188 1.00 0.00 ? 18 GLU A C    1 
ATOM   244  O  O    . GLU A 1 18 ? 8.832   -4.207  -11.080 1.00 0.00 ? 18 GLU A O    1 
ATOM   245  C  CB   . GLU A 1 18 ? 10.530  -2.042  -10.444 1.00 0.00 ? 18 GLU A CB   1 
ATOM   246  C  CG   . GLU A 1 18 ? 11.472  -3.034  -9.745  1.00 0.00 ? 18 GLU A CG   1 
ATOM   247  C  CD   . GLU A 1 18 ? 12.259  -2.429  -8.591  1.00 0.00 ? 18 GLU A CD   1 
ATOM   248  O  OE1  . GLU A 1 18 ? 11.592  -1.892  -7.685  1.00 0.00 ? 18 GLU A OE1  1 
ATOM   249  O  OE2  . GLU A 1 18 ? 13.504  -2.516  -8.635  1.00 0.00 ? 18 GLU A OE2  1 
ATOM   250  H  H    . GLU A 1 18 ? 9.951   -1.647  -8.053  1.00 0.00 ? 18 GLU A H    1 
ATOM   251  H  HA   . GLU A 1 18 ? 8.530   -1.379  -10.521 1.00 0.00 ? 18 GLU A HA   1 
ATOM   252  H  HB2  . GLU A 1 18 ? 10.516  -2.274  -11.510 1.00 0.00 ? 18 GLU A HB2  1 
ATOM   253  H  HB3  . GLU A 1 18 ? 10.912  -1.028  -10.323 1.00 0.00 ? 18 GLU A HB3  1 
ATOM   254  H  HG2  . GLU A 1 18 ? 10.901  -3.879  -9.370  1.00 0.00 ? 18 GLU A HG2  1 
ATOM   255  H  HG3  . GLU A 1 18 ? 12.187  -3.398  -10.481 1.00 0.00 ? 18 GLU A HG3  1 
ATOM   256  N  N    . VAL A 1 19 ? 7.384   -3.792  -9.417  1.00 0.00 ? 19 VAL A N    1 
ATOM   257  C  CA   . VAL A 1 19 ? 6.637   -5.035  -9.485  1.00 0.00 ? 19 VAL A CA   1 
ATOM   258  C  C    . VAL A 1 19 ? 5.178   -4.777  -9.869  1.00 0.00 ? 19 VAL A C    1 
ATOM   259  O  O    . VAL A 1 19 ? 4.564   -5.625  -10.516 1.00 0.00 ? 19 VAL A O    1 
ATOM   260  C  CB   . VAL A 1 19 ? 6.780   -5.790  -8.150  1.00 0.00 ? 19 VAL A CB   1 
ATOM   261  C  CG1  . VAL A 1 19 ? 6.134   -5.061  -6.961  1.00 0.00 ? 19 VAL A CG1  1 
ATOM   262  C  CG2  . VAL A 1 19 ? 6.203   -7.207  -8.271  1.00 0.00 ? 19 VAL A CG2  1 
ATOM   263  H  H    . VAL A 1 19 ? 7.085   -3.090  -8.758  1.00 0.00 ? 19 VAL A H    1 
ATOM   264  H  HA   . VAL A 1 19 ? 7.061   -5.674  -10.261 1.00 0.00 ? 19 VAL A HA   1 
ATOM   265  H  HB   . VAL A 1 19 ? 7.847   -5.885  -7.939  1.00 0.00 ? 19 VAL A HB   1 
ATOM   266  H  HG11 . VAL A 1 19 ? 6.318   -3.988  -7.009  1.00 0.00 ? 19 VAL A HG11 1 
ATOM   267  H  HG12 . VAL A 1 19 ? 5.059   -5.238  -6.942  1.00 0.00 ? 19 VAL A HG12 1 
ATOM   268  H  HG13 . VAL A 1 19 ? 6.569   -5.437  -6.034  1.00 0.00 ? 19 VAL A HG13 1 
ATOM   269  H  HG21 . VAL A 1 19 ? 5.157   -7.172  -8.574  1.00 0.00 ? 19 VAL A HG21 1 
ATOM   270  H  HG22 . VAL A 1 19 ? 6.769   -7.775  -9.009  1.00 0.00 ? 19 VAL A HG22 1 
ATOM   271  H  HG23 . VAL A 1 19 ? 6.255   -7.719  -7.314  1.00 0.00 ? 19 VAL A HG23 1 
ATOM   272  N  N    . CYS A 1 20 ? 4.591   -3.643  -9.460  1.00 0.00 ? 20 CYS A N    1 
ATOM   273  C  CA   . CYS A 1 20 ? 3.157   -3.460  -9.622  1.00 0.00 ? 20 CYS A CA   1 
ATOM   274  C  C    . CYS A 1 20 ? 2.776   -3.380  -11.110 1.00 0.00 ? 20 CYS A C    1 
ATOM   275  O  O    . CYS A 1 20 ? 3.279   -2.515  -11.828 1.00 0.00 ? 20 CYS A O    1 
ATOM   276  C  CB   . CYS A 1 20 ? 2.668   -2.251  -8.878  1.00 0.00 ? 20 CYS A CB   1 
ATOM   277  S  SG   . CYS A 1 20 ? 0.898   -1.890  -9.002  1.00 0.00 ? 20 CYS A SG   1 
ATOM   278  H  H    . CYS A 1 20 ? 5.121   -2.914  -9.002  1.00 0.00 ? 20 CYS A H    1 
ATOM   279  H  HA   . CYS A 1 20 ? 2.717   -4.309  -9.122  1.00 0.00 ? 20 CYS A HA   1 
ATOM   280  H  HB2  . CYS A 1 20 ? 2.977   -2.277  -7.833  1.00 0.00 ? 20 CYS A HB2  1 
ATOM   281  H  HB3  . CYS A 1 20 ? 3.154   -1.425  -9.374  1.00 0.00 ? 20 CYS A HB3  1 
ATOM   282  N  N    . PRO A 1 21 ? 1.868   -4.255  -11.575 1.00 0.00 ? 21 PRO A N    1 
ATOM   283  C  CA   . PRO A 1 21 ? 1.348   -4.285  -12.932 1.00 0.00 ? 21 PRO A CA   1 
ATOM   284  C  C    . PRO A 1 21 ? 0.962   -2.913  -13.492 1.00 0.00 ? 21 PRO A C    1 
ATOM   285  O  O    . PRO A 1 21 ? 1.112   -2.691  -14.692 1.00 0.00 ? 21 PRO A O    1 
ATOM   286  C  CB   . PRO A 1 21 ? 0.127   -5.210  -12.875 1.00 0.00 ? 21 PRO A CB   1 
ATOM   287  C  CG   . PRO A 1 21 ? 0.458   -6.170  -11.738 1.00 0.00 ? 21 PRO A CG   1 
ATOM   288  C  CD   . PRO A 1 21 ? 1.243   -5.285  -10.773 1.00 0.00 ? 21 PRO A CD   1 
ATOM   289  H  HA   . PRO A 1 21 ? 2.107   -4.736  -13.574 1.00 0.00 ? 21 PRO A HA   1 
ATOM   290  H  HB2  . PRO A 1 21 ? -0.759  -4.644  -12.590 1.00 0.00 ? 21 PRO A HB2  1 
ATOM   291  H  HB3  . PRO A 1 21 ? -0.047  -5.725  -13.820 1.00 0.00 ? 21 PRO A HB3  1 
ATOM   292  H  HG2  . PRO A 1 21 ? -0.432  -6.601  -11.277 1.00 0.00 ? 21 PRO A HG2  1 
ATOM   293  H  HG3  . PRO A 1 21 ? 1.109   -6.962  -12.113 1.00 0.00 ? 21 PRO A HG3  1 
ATOM   294  H  HD2  . PRO A 1 21 ? 0.595   -4.766  -10.069 1.00 0.00 ? 21 PRO A HD2  1 
ATOM   295  H  HD3  . PRO A 1 21 ? 1.972   -5.901  -10.247 1.00 0.00 ? 21 PRO A HD3  1 
ATOM   296  N  N    . VAL A 1 22 ? 0.416   -2.024  -12.651 1.00 0.00 ? 22 VAL A N    1 
ATOM   297  C  CA   . VAL A 1 22 ? -0.161  -0.755  -13.086 1.00 0.00 ? 22 VAL A CA   1 
ATOM   298  C  C    . VAL A 1 22 ? 0.450   0.438   -12.339 1.00 0.00 ? 22 VAL A C    1 
ATOM   299  O  O    . VAL A 1 22 ? -0.206  1.470   -12.221 1.00 0.00 ? 22 VAL A O    1 
ATOM   300  C  CB   . VAL A 1 22 ? -1.708  -0.782  -12.983 1.00 0.00 ? 22 VAL A CB   1 
ATOM   301  C  CG1  . VAL A 1 22 ? -2.330  -0.353  -14.319 1.00 0.00 ? 22 VAL A CG1  1 
ATOM   302  C  CG2  . VAL A 1 22 ? -2.287  -2.146  -12.596 1.00 0.00 ? 22 VAL A CG2  1 
ATOM   303  H  H    . VAL A 1 22 ? 0.360   -2.249  -11.666 1.00 0.00 ? 22 VAL A H    1 
ATOM   304  H  HA   . VAL A 1 22 ? 0.102   -0.584  -14.130 1.00 0.00 ? 22 VAL A HA   1 
ATOM   305  H  HB   . VAL A 1 22 ? -2.052  -0.088  -12.216 1.00 0.00 ? 22 VAL A HB   1 
ATOM   306  H  HG11 . VAL A 1 22 ? -1.971  0.641   -14.591 1.00 0.00 ? 22 VAL A HG11 1 
ATOM   307  H  HG12 . VAL A 1 22 ? -2.056  -1.062  -15.103 1.00 0.00 ? 22 VAL A HG12 1 
ATOM   308  H  HG13 . VAL A 1 22 ? -3.416  -0.322  -14.230 1.00 0.00 ? 22 VAL A HG13 1 
ATOM   309  H  HG21 . VAL A 1 22 ? -2.025  -2.900  -13.337 1.00 0.00 ? 22 VAL A HG21 1 
ATOM   310  H  HG22 . VAL A 1 22 ? -1.932  -2.439  -11.607 1.00 0.00 ? 22 VAL A HG22 1 
ATOM   311  H  HG23 . VAL A 1 22 ? -3.369  -2.061  -12.560 1.00 0.00 ? 22 VAL A HG23 1 
ATOM   312  N  N    . ASP A 1 23 ? 1.701   0.302   -11.874 1.00 0.00 ? 23 ASP A N    1 
ATOM   313  C  CA   . ASP A 1 23 ? 2.497   1.371   -11.265 1.00 0.00 ? 23 ASP A CA   1 
ATOM   314  C  C    . ASP A 1 23 ? 1.663   2.329   -10.401 1.00 0.00 ? 23 ASP A C    1 
ATOM   315  O  O    . ASP A 1 23 ? 1.555   3.519   -10.689 1.00 0.00 ? 23 ASP A O    1 
ATOM   316  C  CB   . ASP A 1 23 ? 3.279   2.114   -12.359 1.00 0.00 ? 23 ASP A CB   1 
ATOM   317  C  CG   . ASP A 1 23 ? 4.267   3.113   -11.767 1.00 0.00 ? 23 ASP A CG   1 
ATOM   318  O  OD1  . ASP A 1 23 ? 5.067   2.669   -10.916 1.00 0.00 ? 23 ASP A OD1  1 
ATOM   319  O  OD2  . ASP A 1 23 ? 4.235   4.287   -12.197 1.00 0.00 ? 23 ASP A OD2  1 
ATOM   320  H  H    . ASP A 1 23 ? 2.170   -0.586  -12.013 1.00 0.00 ? 23 ASP A H    1 
ATOM   321  H  HA   . ASP A 1 23 ? 3.222   0.889   -10.607 1.00 0.00 ? 23 ASP A HA   1 
ATOM   322  H  HB2  . ASP A 1 23 ? 3.844   1.400   -12.956 1.00 0.00 ? 23 ASP A HB2  1 
ATOM   323  H  HB3  . ASP A 1 23 ? 2.581   2.648   -13.007 1.00 0.00 ? 23 ASP A HB3  1 
ATOM   324  N  N    . CYS A 1 24 ? 1.047   1.801   -9.340  1.00 0.00 ? 24 CYS A N    1 
ATOM   325  C  CA   . CYS A 1 24 ? 0.197   2.581   -8.440  1.00 0.00 ? 24 CYS A CA   1 
ATOM   326  C  C    . CYS A 1 24 ? 0.759   2.571   -7.023  1.00 0.00 ? 24 CYS A C    1 
ATOM   327  O  O    . CYS A 1 24 ? 0.002   2.604   -6.052  1.00 0.00 ? 24 CYS A O    1 
ATOM   328  C  CB   . CYS A 1 24 ? -1.249  2.089   -8.507  1.00 0.00 ? 24 CYS A CB   1 
ATOM   329  S  SG   . CYS A 1 24 ? -1.452  0.493   -7.691  1.00 0.00 ? 24 CYS A SG   1 
ATOM   330  H  H    . CYS A 1 24 ? 1.160   0.814   -9.147  1.00 0.00 ? 24 CYS A H    1 
ATOM   331  H  HA   . CYS A 1 24 ? 0.156   3.620   -8.761  1.00 0.00 ? 24 CYS A HA   1 
ATOM   332  H  HB2  . CYS A 1 24 ? -1.882  2.812   -7.997  1.00 0.00 ? 24 CYS A HB2  1 
ATOM   333  H  HB3  . CYS A 1 24 ? -1.549  2.007   -9.550  1.00 0.00 ? 24 CYS A HB3  1 
ATOM   334  H  HG   . CYS A 1 24 ? -1.518  0.986   -6.451  1.00 0.00 ? 24 CYS A HG   1 
ATOM   335  N  N    . ILE A 1 25 ? 2.093   2.535   -6.928  1.00 0.00 ? 25 ILE A N    1 
ATOM   336  C  CA   . ILE A 1 25 ? 2.886   2.584   -5.710  1.00 0.00 ? 25 ILE A CA   1 
ATOM   337  C  C    . ILE A 1 25 ? 3.628   3.930   -5.685  1.00 0.00 ? 25 ILE A C    1 
ATOM   338  O  O    . ILE A 1 25 ? 4.428   4.227   -6.566  1.00 0.00 ? 25 ILE A O    1 
ATOM   339  C  CB   . ILE A 1 25 ? 3.811   1.344   -5.603  1.00 0.00 ? 25 ILE A CB   1 
ATOM   340  C  CG1  . ILE A 1 25 ? 4.275   0.702   -6.926  1.00 0.00 ? 25 ILE A CG1  1 
ATOM   341  C  CG2  . ILE A 1 25 ? 3.084   0.240   -4.821  1.00 0.00 ? 25 ILE A CG2  1 
ATOM   342  C  CD1  . ILE A 1 25 ? 5.151   1.606   -7.797  1.00 0.00 ? 25 ILE A CD1  1 
ATOM   343  H  H    . ILE A 1 25 ? 2.612   2.571   -7.794  1.00 0.00 ? 25 ILE A H    1 
ATOM   344  H  HA   . ILE A 1 25 ? 2.219   2.571   -4.850  1.00 0.00 ? 25 ILE A HA   1 
ATOM   345  H  HB   . ILE A 1 25 ? 4.696   1.613   -5.027  1.00 0.00 ? 25 ILE A HB   1 
ATOM   346  H  HG12 . ILE A 1 25 ? 4.862   -0.182  -6.666  1.00 0.00 ? 25 ILE A HG12 1 
ATOM   347  H  HG13 . ILE A 1 25 ? 3.417   0.365   -7.507  1.00 0.00 ? 25 ILE A HG13 1 
ATOM   348  H  HG21 . ILE A 1 25 ? 2.162   -0.021  -5.340  1.00 0.00 ? 25 ILE A HG21 1 
ATOM   349  H  HG22 . ILE A 1 25 ? 3.692   -0.663  -4.725  1.00 0.00 ? 25 ILE A HG22 1 
ATOM   350  H  HG23 . ILE A 1 25 ? 2.858   0.599   -3.817  1.00 0.00 ? 25 ILE A HG23 1 
ATOM   351  H  HD11 . ILE A 1 25 ? 5.956   2.038   -7.205  1.00 0.00 ? 25 ILE A HD11 1 
ATOM   352  H  HD12 . ILE A 1 25 ? 5.581   1.018   -8.607  1.00 0.00 ? 25 ILE A HD12 1 
ATOM   353  H  HD13 . ILE A 1 25 ? 4.562   2.403   -8.247  1.00 0.00 ? 25 ILE A HD13 1 
ATOM   354  N  N    . HIS A 1 26 ? 3.323   4.778   -4.700  1.00 0.00 ? 26 HIS A N    1 
ATOM   355  C  CA   . HIS A 1 26 ? 3.743   6.167   -4.621  1.00 0.00 ? 26 HIS A CA   1 
ATOM   356  C  C    . HIS A 1 26 ? 4.385   6.436   -3.269  1.00 0.00 ? 26 HIS A C    1 
ATOM   357  O  O    . HIS A 1 26 ? 3.940   5.874   -2.286  1.00 0.00 ? 26 HIS A O    1 
ATOM   358  C  CB   . HIS A 1 26 ? 2.468   6.996   -4.710  1.00 0.00 ? 26 HIS A CB   1 
ATOM   359  C  CG   . HIS A 1 26 ? 1.717   6.750   -5.995  1.00 0.00 ? 26 HIS A CG   1 
ATOM   360  N  ND1  . HIS A 1 26 ? 2.181   7.030   -7.261  1.00 0.00 ? 26 HIS A ND1  1 
ATOM   361  C  CD2  . HIS A 1 26 ? 0.569   6.014   -6.129  1.00 0.00 ? 26 HIS A CD2  1 
ATOM   362  C  CE1  . HIS A 1 26 ? 1.309   6.502   -8.137  1.00 0.00 ? 26 HIS A CE1  1 
ATOM   363  N  NE2  . HIS A 1 26 ? 0.307   5.880   -7.493  1.00 0.00 ? 26 HIS A NE2  1 
ATOM   364  H  H    . HIS A 1 26 ? 2.624   4.518   -4.018  1.00 0.00 ? 26 HIS A H    1 
ATOM   365  H  HA   . HIS A 1 26 ? 4.429   6.432   -5.426  1.00 0.00 ? 26 HIS A HA   1 
ATOM   366  H  HB2  . HIS A 1 26 ? 1.832   6.741   -3.852  1.00 0.00 ? 26 HIS A HB2  1 
ATOM   367  H  HB3  . HIS A 1 26 ? 2.748   8.040   -4.634  1.00 0.00 ? 26 HIS A HB3  1 
ATOM   368  H  HD1  . HIS A 1 26 ? 3.045   7.496   -7.496  1.00 0.00 ? 26 HIS A HD1  1 
ATOM   369  H  HD2  . HIS A 1 26 ? 0.009   5.554   -5.330  1.00 0.00 ? 26 HIS A HD2  1 
ATOM   370  H  HE1  . HIS A 1 26 ? 1.412   6.554   -9.210  1.00 0.00 ? 26 HIS A HE1  1 
ATOM   371  N  N    . GLU A 1 27 ? 5.378   7.310   -3.167  1.00 0.00 ? 27 GLU A N    1 
ATOM   372  C  CA   . GLU A 1 27 ? 5.980   7.622   -1.876  1.00 0.00 ? 27 GLU A CA   1 
ATOM   373  C  C    . GLU A 1 27 ? 5.218   8.699   -1.109  1.00 0.00 ? 27 GLU A C    1 
ATOM   374  O  O    . GLU A 1 27 ? 4.799   9.707   -1.672  1.00 0.00 ? 27 GLU A O    1 
ATOM   375  C  CB   . GLU A 1 27 ? 7.432   8.078   -2.046  1.00 0.00 ? 27 GLU A CB   1 
ATOM   376  C  CG   . GLU A 1 27 ? 8.348   6.885   -2.313  1.00 0.00 ? 27 GLU A CG   1 
ATOM   377  C  CD   . GLU A 1 27 ? 9.787   7.314   -2.559  1.00 0.00 ? 27 GLU A CD   1 
ATOM   378  O  OE1  . GLU A 1 27 ? 10.117  8.462   -2.193  1.00 0.00 ? 27 GLU A OE1  1 
ATOM   379  O  OE2  . GLU A 1 27 ? 10.563  6.477   -3.063  1.00 0.00 ? 27 GLU A OE2  1 
ATOM   380  H  H    . GLU A 1 27 ? 5.695   7.781   -3.992  1.00 0.00 ? 27 GLU A H    1 
ATOM   381  H  HA   . GLU A 1 27 ? 6.007   6.720   -1.267  1.00 0.00 ? 27 GLU A HA   1 
ATOM   382  H  HB2  . GLU A 1 27 ? 7.512   8.813   -2.848  1.00 0.00 ? 27 GLU A HB2  1 
ATOM   383  H  HB3  . GLU A 1 27 ? 7.785   8.536   -1.122  1.00 0.00 ? 27 GLU A HB3  1 
ATOM   384  H  HG2  . GLU A 1 27 ? 8.338   6.219   -1.451  1.00 0.00 ? 27 GLU A HG2  1 
ATOM   385  H  HG3  . GLU A 1 27 ? 7.963   6.347   -3.169  1.00 0.00 ? 27 GLU A HG3  1 
ATOM   386  N  N    . GLY A 1 28 ? 5.121   8.498   0.206   1.00 0.00 ? 28 GLY A N    1 
ATOM   387  C  CA   . GLY A 1 28 ? 4.693   9.484   1.186   1.00 0.00 ? 28 GLY A CA   1 
ATOM   388  C  C    . GLY A 1 28 ? 5.964   9.900   1.933   1.00 0.00 ? 28 GLY A C    1 
ATOM   389  O  O    . GLY A 1 28 ? 5.993   9.957   3.160   1.00 0.00 ? 28 GLY A O    1 
ATOM   390  H  H    . GLY A 1 28 ? 5.465   7.615   0.567   1.00 0.00 ? 28 GLY A H    1 
ATOM   391  H  HA2  . GLY A 1 28 ? 4.241   10.357  0.716   1.00 0.00 ? 28 GLY A HA2  1 
ATOM   392  H  HA3  . GLY A 1 28 ? 3.980   9.041   1.881   1.00 0.00 ? 28 GLY A HA3  1 
ATOM   393  N  N    . GLU A 1 29 ? 7.033   10.110  1.157   1.00 0.00 ? 29 GLU A N    1 
ATOM   394  C  CA   . GLU A 1 29 ? 8.423   10.357  1.512   1.00 0.00 ? 29 GLU A CA   1 
ATOM   395  C  C    . GLU A 1 29 ? 9.043   9.134   2.204   1.00 0.00 ? 29 GLU A C    1 
ATOM   396  O  O    . GLU A 1 29 ? 9.993   8.532   1.703   1.00 0.00 ? 29 GLU A O    1 
ATOM   397  C  CB   . GLU A 1 29 ? 8.562   11.659  2.331   1.00 0.00 ? 29 GLU A CB   1 
ATOM   398  C  CG   . GLU A 1 29 ? 9.702   12.672  2.048   1.00 0.00 ? 29 GLU A CG   1 
ATOM   399  C  CD   . GLU A 1 29 ? 10.984  12.224  1.340   1.00 0.00 ? 29 GLU A CD   1 
ATOM   400  O  OE1  . GLU A 1 29 ? 10.903  11.477  0.343   1.00 0.00 ? 29 GLU A OE1  1 
ATOM   401  O  OE2  . GLU A 1 29 ? 12.059  12.678  1.778   1.00 0.00 ? 29 GLU A OE2  1 
ATOM   402  H  H    . GLU A 1 29 ? 6.871   10.016  0.173   1.00 0.00 ? 29 GLU A H    1 
ATOM   403  H  HA   . GLU A 1 29 ? 8.879   10.467  0.535   1.00 0.00 ? 29 GLU A HA   1 
ATOM   404  H  HB2  . GLU A 1 29 ? 7.645   12.233  2.193   1.00 0.00 ? 29 GLU A HB2  1 
ATOM   405  H  HB3  . GLU A 1 29 ? 8.601   11.397  3.389   1.00 0.00 ? 29 GLU A HB3  1 
ATOM   406  H  HG2  . GLU A 1 29 ? 9.299   13.505  1.474   1.00 0.00 ? 29 GLU A HG2  1 
ATOM   407  H  HG3  . GLU A 1 29 ? 10.013  13.070  3.016   1.00 0.00 ? 29 GLU A HG3  1 
ATOM   408  N  N    . ASP A 1 30 ? 8.486   8.763   3.356   1.00 0.00 ? 30 ASP A N    1 
ATOM   409  C  CA   . ASP A 1 30 ? 9.031   7.743   4.249   1.00 0.00 ? 30 ASP A CA   1 
ATOM   410  C  C    . ASP A 1 30 ? 8.748   6.328   3.751   1.00 0.00 ? 30 ASP A C    1 
ATOM   411  O  O    . ASP A 1 30 ? 9.562   5.427   3.926   1.00 0.00 ? 30 ASP A O    1 
ATOM   412  C  CB   . ASP A 1 30 ? 8.439   7.906   5.660   1.00 0.00 ? 30 ASP A CB   1 
ATOM   413  C  CG   . ASP A 1 30 ? 8.935   6.822   6.618   1.00 0.00 ? 30 ASP A CG   1 
ATOM   414  O  OD1  . ASP A 1 30 ? 8.358   5.712   6.603   1.00 0.00 ? 30 ASP A OD1  1 
ATOM   415  O  OD2  . ASP A 1 30 ? 9.916   7.095   7.345   1.00 0.00 ? 30 ASP A OD2  1 
ATOM   416  H  H    . ASP A 1 30 ? 7.641   9.263   3.611   1.00 0.00 ? 30 ASP A H    1 
ATOM   417  H  HA   . ASP A 1 30 ? 10.111  7.882   4.317   1.00 0.00 ? 30 ASP A HA   1 
ATOM   418  H  HB2  . ASP A 1 30 ? 8.714   8.882   6.061   1.00 0.00 ? 30 ASP A HB2  1 
ATOM   419  H  HB3  . ASP A 1 30 ? 7.352   7.842   5.611   1.00 0.00 ? 30 ASP A HB3  1 
ATOM   420  N  N    . GLN A 1 31 ? 7.595   6.125   3.119   1.00 0.00 ? 31 GLN A N    1 
ATOM   421  C  CA   . GLN A 1 31 ? 7.080   4.807   2.821   1.00 0.00 ? 31 GLN A CA   1 
ATOM   422  C  C    . GLN A 1 31 ? 6.276   4.886   1.539   1.00 0.00 ? 31 GLN A C    1 
ATOM   423  O  O    . GLN A 1 31 ? 5.800   5.964   1.181   1.00 0.00 ? 31 GLN A O    1 
ATOM   424  C  CB   . GLN A 1 31 ? 6.185   4.388   3.996   1.00 0.00 ? 31 GLN A CB   1 
ATOM   425  C  CG   . GLN A 1 31 ? 5.202   5.514   4.387   1.00 0.00 ? 31 GLN A CG   1 
ATOM   426  C  CD   . GLN A 1 31 ? 3.793   5.049   4.708   1.00 0.00 ? 31 GLN A CD   1 
ATOM   427  O  OE1  . GLN A 1 31 ? 3.160   5.526   5.646   1.00 0.00 ? 31 GLN A OE1  1 
ATOM   428  N  NE2  . GLN A 1 31 ? 3.245   4.187   3.870   1.00 0.00 ? 31 GLN A NE2  1 
ATOM   429  H  H    . GLN A 1 31 ? 7.025   6.899   2.811   1.00 0.00 ? 31 GLN A H    1 
ATOM   430  H  HA   . GLN A 1 31 ? 7.886   4.083   2.691   1.00 0.00 ? 31 GLN A HA   1 
ATOM   431  H  HB2  . GLN A 1 31 ? 5.670   3.459   3.760   1.00 0.00 ? 31 GLN A HB2  1 
ATOM   432  H  HB3  . GLN A 1 31 ? 6.833   4.190   4.847   1.00 0.00 ? 31 GLN A HB3  1 
ATOM   433  H  HG2  . GLN A 1 31 ? 5.594   6.019   5.263   1.00 0.00 ? 31 GLN A HG2  1 
ATOM   434  H  HG3  . GLN A 1 31 ? 5.093   6.252   3.596   1.00 0.00 ? 31 GLN A HG3  1 
ATOM   435  H  HE21 . GLN A 1 31 ? 3.750   3.902   3.037   1.00 0.00 ? 31 GLN A HE21 1 
ATOM   436  H  HE22 . GLN A 1 31 ? 2.317   3.846   4.042   1.00 0.00 ? 31 GLN A HE22 1 
ATOM   437  N  N    . TYR A 1 32 ? 6.101   3.749   0.871   1.00 0.00 ? 32 TYR A N    1 
ATOM   438  C  CA   . TYR A 1 32 ? 5.222   3.674   -0.277  1.00 0.00 ? 32 TYR A CA   1 
ATOM   439  C  C    . TYR A 1 32 ? 3.764   3.627   0.172   1.00 0.00 ? 32 TYR A C    1 
ATOM   440  O  O    . TYR A 1 32 ? 3.461   3.244   1.301   1.00 0.00 ? 32 TYR A O    1 
ATOM   441  C  CB   . TYR A 1 32 ? 5.608   2.503   -1.181  1.00 0.00 ? 32 TYR A CB   1 
ATOM   442  C  CG   . TYR A 1 32 ? 6.783   2.830   -2.081  1.00 0.00 ? 32 TYR A CG   1 
ATOM   443  C  CD1  . TYR A 1 32 ? 8.089   2.902   -1.559  1.00 0.00 ? 32 TYR A CD1  1 
ATOM   444  C  CD2  . TYR A 1 32 ? 6.532   3.283   -3.389  1.00 0.00 ? 32 TYR A CD2  1 
ATOM   445  C  CE1  . TYR A 1 32 ? 9.125   3.442   -2.340  1.00 0.00 ? 32 TYR A CE1  1 
ATOM   446  C  CE2  . TYR A 1 32 ? 7.581   3.757   -4.191  1.00 0.00 ? 32 TYR A CE2  1 
ATOM   447  C  CZ   . TYR A 1 32 ? 8.878   3.844   -3.664  1.00 0.00 ? 32 TYR A CZ   1 
ATOM   448  O  OH   . TYR A 1 32 ? 9.875   4.372   -4.424  1.00 0.00 ? 32 TYR A OH   1 
ATOM   449  H  H    . TYR A 1 32 ? 6.508   2.895   1.223   1.00 0.00 ? 32 TYR A H    1 
ATOM   450  H  HA   . TYR A 1 32 ? 5.367   4.578   -0.862  1.00 0.00 ? 32 TYR A HA   1 
ATOM   451  H  HB2  . TYR A 1 32 ? 5.831   1.633   -0.572  1.00 0.00 ? 32 TYR A HB2  1 
ATOM   452  H  HB3  . TYR A 1 32 ? 4.756   2.245   -1.813  1.00 0.00 ? 32 TYR A HB3  1 
ATOM   453  H  HD1  . TYR A 1 32 ? 8.289   2.602   -0.541  1.00 0.00 ? 32 TYR A HD1  1 
ATOM   454  H  HD2  . TYR A 1 32 ? 5.523   3.317   -3.760  1.00 0.00 ? 32 TYR A HD2  1 
ATOM   455  H  HE1  . TYR A 1 32 ? 10.109  3.580   -1.920  1.00 0.00 ? 32 TYR A HE1  1 
ATOM   456  H  HE2  . TYR A 1 32 ? 7.382   4.102   -5.195  1.00 0.00 ? 32 TYR A HE2  1 
ATOM   457  H  HH   . TYR A 1 32 ? 10.307  5.102   -3.944  1.00 0.00 ? 32 TYR A HH   1 
ATOM   458  N  N    . TYR A 1 33 ? 2.888   4.053   -0.733  1.00 0.00 ? 33 TYR A N    1 
ATOM   459  C  CA   . TYR A 1 33 ? 1.457   4.236   -0.622  1.00 0.00 ? 33 TYR A CA   1 
ATOM   460  C  C    . TYR A 1 33 ? 0.869   3.649   -1.896  1.00 0.00 ? 33 TYR A C    1 
ATOM   461  O  O    . TYR A 1 33 ? 1.210   4.102   -2.986  1.00 0.00 ? 33 TYR A O    1 
ATOM   462  C  CB   . TYR A 1 33 ? 1.141   5.738   -0.539  1.00 0.00 ? 33 TYR A CB   1 
ATOM   463  C  CG   . TYR A 1 33 ? 1.014   6.237   0.882   1.00 0.00 ? 33 TYR A CG   1 
ATOM   464  C  CD1  . TYR A 1 33 ? -0.205  6.083   1.560   1.00 0.00 ? 33 TYR A CD1  1 
ATOM   465  C  CD2  . TYR A 1 33 ? 2.141   6.714   1.572   1.00 0.00 ? 33 TYR A CD2  1 
ATOM   466  C  CE1  . TYR A 1 33 ? -0.271  6.274   2.949   1.00 0.00 ? 33 TYR A CE1  1 
ATOM   467  C  CE2  . TYR A 1 33 ? 2.047   7.005   2.944   1.00 0.00 ? 33 TYR A CE2  1 
ATOM   468  C  CZ   . TYR A 1 33 ? 0.873   6.688   3.648   1.00 0.00 ? 33 TYR A CZ   1 
ATOM   469  O  OH   . TYR A 1 33 ? 0.822   6.804   5.003   1.00 0.00 ? 33 TYR A OH   1 
ATOM   470  H  H    . TYR A 1 33 ? 3.284   4.399   -1.602  1.00 0.00 ? 33 TYR A H    1 
ATOM   471  H  HA   . TYR A 1 33 ? 1.054   3.715   0.247   1.00 0.00 ? 33 TYR A HA   1 
ATOM   472  H  HB2  . TYR A 1 33 ? 1.905   6.322   -1.047  1.00 0.00 ? 33 TYR A HB2  1 
ATOM   473  H  HB3  . TYR A 1 33 ? 0.217   5.939   -1.081  1.00 0.00 ? 33 TYR A HB3  1 
ATOM   474  H  HD1  . TYR A 1 33 ? -1.083  5.801   1.007   1.00 0.00 ? 33 TYR A HD1  1 
ATOM   475  H  HD2  . TYR A 1 33 ? 3.082   6.825   1.056   1.00 0.00 ? 33 TYR A HD2  1 
ATOM   476  H  HE1  . TYR A 1 33 ? -1.192  6.086   3.481   1.00 0.00 ? 33 TYR A HE1  1 
ATOM   477  H  HE2  . TYR A 1 33 ? 2.901   7.408   3.465   1.00 0.00 ? 33 TYR A HE2  1 
ATOM   478  H  HH   . TYR A 1 33 ? 1.673   6.586   5.411   1.00 0.00 ? 33 TYR A HH   1 
ATOM   479  N  N    . ILE A 1 34 ? 0.020   2.633   -1.769  1.00 0.00 ? 34 ILE A N    1 
ATOM   480  C  CA   . ILE A 1 34 ? -0.634  2.002   -2.892  1.00 0.00 ? 34 ILE A CA   1 
ATOM   481  C  C    . ILE A 1 34 ? -1.936  2.755   -3.149  1.00 0.00 ? 34 ILE A C    1 
ATOM   482  O  O    . ILE A 1 34 ? -2.679  2.964   -2.194  1.00 0.00 ? 34 ILE A O    1 
ATOM   483  C  CB   . ILE A 1 34 ? -0.895  0.516   -2.572  1.00 0.00 ? 34 ILE A CB   1 
ATOM   484  C  CG1  . ILE A 1 34 ? 0.419   -0.290  -2.619  1.00 0.00 ? 34 ILE A CG1  1 
ATOM   485  C  CG2  . ILE A 1 34 ? -1.916  -0.057  -3.564  1.00 0.00 ? 34 ILE A CG2  1 
ATOM   486  C  CD1  . ILE A 1 34 ? 0.289   -1.665  -1.963  1.00 0.00 ? 34 ILE A CD1  1 
ATOM   487  H  H    . ILE A 1 34 ? -0.333  2.391   -0.861  1.00 0.00 ? 34 ILE A H    1 
ATOM   488  H  HA   . ILE A 1 34 ? 0.031   2.056   -3.737  1.00 0.00 ? 34 ILE A HA   1 
ATOM   489  H  HB   . ILE A 1 34 ? -1.319  0.442   -1.570  1.00 0.00 ? 34 ILE A HB   1 
ATOM   490  H  HG12 . ILE A 1 34 ? 0.730   -0.438  -3.651  1.00 0.00 ? 34 ILE A HG12 1 
ATOM   491  H  HG13 . ILE A 1 34 ? 1.217   0.240   -2.095  1.00 0.00 ? 34 ILE A HG13 1 
ATOM   492  H  HG21 . ILE A 1 34 ? -1.630  0.203   -4.581  1.00 0.00 ? 34 ILE A HG21 1 
ATOM   493  H  HG22 . ILE A 1 34 ? -1.969  -1.138  -3.483  1.00 0.00 ? 34 ILE A HG22 1 
ATOM   494  H  HG23 . ILE A 1 34 ? -2.912  0.332   -3.358  1.00 0.00 ? 34 ILE A HG23 1 
ATOM   495  H  HD11 . ILE A 1 34 ? -0.061  -1.548  -0.940  1.00 0.00 ? 34 ILE A HD11 1 
ATOM   496  H  HD12 . ILE A 1 34 ? -0.401  -2.305  -2.509  1.00 0.00 ? 34 ILE A HD12 1 
ATOM   497  H  HD13 . ILE A 1 34 ? 1.268   -2.142  -1.961  1.00 0.00 ? 34 ILE A HD13 1 
ATOM   498  N  N    . ASP A 1 35 ? -2.249  3.158   -4.389  1.00 0.00 ? 35 ASP A N    1 
ATOM   499  C  CA   . ASP A 1 35 ? -3.603  3.647   -4.643  1.00 0.00 ? 35 ASP A CA   1 
ATOM   500  C  C    . ASP A 1 35 ? -4.519  2.422   -4.706  1.00 0.00 ? 35 ASP A C    1 
ATOM   501  O  O    . ASP A 1 35 ? -4.412  1.659   -5.670  1.00 0.00 ? 35 ASP A O    1 
ATOM   502  C  CB   . ASP A 1 35 ? -3.770  4.441   -5.949  1.00 0.00 ? 35 ASP A CB   1 
ATOM   503  C  CG   . ASP A 1 35 ? -5.113  5.163   -5.924  1.00 0.00 ? 35 ASP A CG   1 
ATOM   504  O  OD1  . ASP A 1 35 ? -6.066  4.632   -5.319  1.00 0.00 ? 35 ASP A OD1  1 
ATOM   505  O  OD2  . ASP A 1 35 ? -5.231  6.302   -6.417  1.00 0.00 ? 35 ASP A OD2  1 
ATOM   506  H  H    . ASP A 1 35 ? -1.595  3.010   -5.153  1.00 0.00 ? 35 ASP A H    1 
ATOM   507  H  HA   . ASP A 1 35 ? -3.874  4.325   -3.837  1.00 0.00 ? 35 ASP A HA   1 
ATOM   508  H  HB2  . ASP A 1 35 ? -2.960  5.150   -6.103  1.00 0.00 ? 35 ASP A HB2  1 
ATOM   509  H  HB3  . ASP A 1 35 ? -3.797  3.756   -6.790  1.00 0.00 ? 35 ASP A HB3  1 
ATOM   510  N  N    . PRO A 1 36 ? -5.426  2.203   -3.742  1.00 0.00 ? 36 PRO A N    1 
ATOM   511  C  CA   . PRO A 1 36 ? -6.330  1.077   -3.819  1.00 0.00 ? 36 PRO A CA   1 
ATOM   512  C  C    . PRO A 1 36 ? -7.219  1.186   -5.056  1.00 0.00 ? 36 PRO A C    1 
ATOM   513  O  O    . PRO A 1 36 ? -7.638  0.183   -5.618  1.00 0.00 ? 36 PRO A O    1 
ATOM   514  C  CB   . PRO A 1 36 ? -7.161  1.121   -2.537  1.00 0.00 ? 36 PRO A CB   1 
ATOM   515  C  CG   . PRO A 1 36 ? -7.115  2.587   -2.110  1.00 0.00 ? 36 PRO A CG   1 
ATOM   516  C  CD   . PRO A 1 36 ? -5.744  3.040   -2.600  1.00 0.00 ? 36 PRO A CD   1 
ATOM   517  H  HA   . PRO A 1 36 ? -5.747  0.158   -3.856  1.00 0.00 ? 36 PRO A HA   1 
ATOM   518  H  HB2  . PRO A 1 36 ? -8.173  0.768   -2.706  1.00 0.00 ? 36 PRO A HB2  1 
ATOM   519  H  HB3  . PRO A 1 36 ? -6.688  0.502   -1.782  1.00 0.00 ? 36 PRO A HB3  1 
ATOM   520  H  HG2  . PRO A 1 36 ? -7.880  3.150   -2.642  1.00 0.00 ? 36 PRO A HG2  1 
ATOM   521  H  HG3  . PRO A 1 36 ? -7.227  2.711   -1.032  1.00 0.00 ? 36 PRO A HG3  1 
ATOM   522  H  HD2  . PRO A 1 36 ? -5.771  4.106   -2.824  1.00 0.00 ? 36 PRO A HD2  1 
ATOM   523  H  HD3  . PRO A 1 36 ? -5.026  2.817   -1.824  1.00 0.00 ? 36 PRO A HD3  1 
ATOM   524  N  N    . ASP A 1 37 ? -7.534  2.405   -5.481  1.00 0.00 ? 37 ASP A N    1 
ATOM   525  C  CA   . ASP A 1 37 ? -8.501  2.628   -6.533  1.00 0.00 ? 37 ASP A CA   1 
ATOM   526  C  C    . ASP A 1 37 ? -7.860  2.386   -7.903  1.00 0.00 ? 37 ASP A C    1 
ATOM   527  O  O    . ASP A 1 37 ? -8.584  2.155   -8.870  1.00 0.00 ? 37 ASP A O    1 
ATOM   528  C  CB   . ASP A 1 37 ? -9.127  4.017   -6.349  1.00 0.00 ? 37 ASP A CB   1 
ATOM   529  C  CG   . ASP A 1 37 ? -9.649  4.172   -4.924  1.00 0.00 ? 37 ASP A CG   1 
ATOM   530  O  OD1  . ASP A 1 37 ? -10.493 3.348   -4.517  1.00 0.00 ? 37 ASP A OD1  1 
ATOM   531  O  OD2  . ASP A 1 37 ? -9.149  5.062   -4.196  1.00 0.00 ? 37 ASP A OD2  1 
ATOM   532  H  H    . ASP A 1 37 ? -7.059  3.228   -5.106  1.00 0.00 ? 37 ASP A H    1 
ATOM   533  H  HA   . ASP A 1 37 ? -9.313  1.907   -6.425  1.00 0.00 ? 37 ASP A HA   1 
ATOM   534  H  HB2  . ASP A 1 37 ? -8.379  4.773   -6.572  1.00 0.00 ? 37 ASP A HB2  1 
ATOM   535  H  HB3  . ASP A 1 37 ? -9.957  4.126   -7.047  1.00 0.00 ? 37 ASP A HB3  1 
ATOM   536  N  N    . VAL A 1 38 ? -6.519  2.405   -7.995  1.00 0.00 ? 38 VAL A N    1 
ATOM   537  C  CA   . VAL A 1 38 ? -5.807  2.007   -9.208  1.00 0.00 ? 38 VAL A CA   1 
ATOM   538  C  C    . VAL A 1 38 ? -5.344  0.540   -9.130  1.00 0.00 ? 38 VAL A C    1 
ATOM   539  O  O    . VAL A 1 38 ? -5.312  -0.136  -10.158 1.00 0.00 ? 38 VAL A O    1 
ATOM   540  C  CB   . VAL A 1 38 ? -4.669  2.998   -9.523  1.00 0.00 ? 38 VAL A CB   1 
ATOM   541  C  CG1  . VAL A 1 38 ? -3.991  2.665   -10.861 1.00 0.00 ? 38 VAL A CG1  1 
ATOM   542  C  CG2  . VAL A 1 38 ? -5.205  4.434   -9.608  1.00 0.00 ? 38 VAL A CG2  1 
ATOM   543  H  H    . VAL A 1 38 ? -5.968  2.643   -7.177  1.00 0.00 ? 38 VAL A H    1 
ATOM   544  H  HA   . VAL A 1 38 ? -6.490  2.066   -10.054 1.00 0.00 ? 38 VAL A HA   1 
ATOM   545  H  HB   . VAL A 1 38 ? -3.918  2.959   -8.738  1.00 0.00 ? 38 VAL A HB   1 
ATOM   546  H  HG11 . VAL A 1 38 ? -4.726  2.678   -11.666 1.00 0.00 ? 38 VAL A HG11 1 
ATOM   547  H  HG12 . VAL A 1 38 ? -3.217  3.404   -11.075 1.00 0.00 ? 38 VAL A HG12 1 
ATOM   548  H  HG13 . VAL A 1 38 ? -3.524  1.682   -10.822 1.00 0.00 ? 38 VAL A HG13 1 
ATOM   549  H  HG21 . VAL A 1 38 ? -5.960  4.506   -10.391 1.00 0.00 ? 38 VAL A HG21 1 
ATOM   550  H  HG22 . VAL A 1 38 ? -5.648  4.741   -8.662  1.00 0.00 ? 38 VAL A HG22 1 
ATOM   551  H  HG23 . VAL A 1 38 ? -4.387  5.119   -9.837  1.00 0.00 ? 38 VAL A HG23 1 
ATOM   552  N  N    . CYS A 1 39 ? -4.986  0.028   -7.944  1.00 0.00 ? 39 CYS A N    1 
ATOM   553  C  CA   . CYS A 1 39 ? -4.583  -1.370  -7.776  1.00 0.00 ? 39 CYS A CA   1 
ATOM   554  C  C    . CYS A 1 39 ? -5.668  -2.329  -8.291  1.00 0.00 ? 39 CYS A C    1 
ATOM   555  O  O    . CYS A 1 39 ? -6.828  -2.249  -7.895  1.00 0.00 ? 39 CYS A O    1 
ATOM   556  C  CB   . CYS A 1 39 ? -4.288  -1.657  -6.325  1.00 0.00 ? 39 CYS A CB   1 
ATOM   557  S  SG   . CYS A 1 39 ? -4.078  -3.410  -5.923  1.00 0.00 ? 39 CYS A SG   1 
ATOM   558  H  H    . CYS A 1 39 ? -4.992  0.617   -7.118  1.00 0.00 ? 39 CYS A H    1 
ATOM   559  H  HA   . CYS A 1 39 ? -3.669  -1.525  -8.350  1.00 0.00 ? 39 CYS A HA   1 
ATOM   560  H  HB2  . CYS A 1 39 ? -3.417  -1.093  -5.991  1.00 0.00 ? 39 CYS A HB2  1 
ATOM   561  H  HB3  . CYS A 1 39 ? -5.147  -1.310  -5.756  1.00 0.00 ? 39 CYS A HB3  1 
ATOM   562  N  N    . ILE A 1 40 ? -5.282  -3.272  -9.155  1.00 0.00 ? 40 ILE A N    1 
ATOM   563  C  CA   . ILE A 1 40 ? -6.199  -4.214  -9.792  1.00 0.00 ? 40 ILE A CA   1 
ATOM   564  C  C    . ILE A 1 40 ? -6.351  -5.506  -8.973  1.00 0.00 ? 40 ILE A C    1 
ATOM   565  O  O    . ILE A 1 40 ? -6.439  -6.587  -9.554  1.00 0.00 ? 40 ILE A O    1 
ATOM   566  C  CB   . ILE A 1 40 ? -5.737  -4.480  -11.239 1.00 0.00 ? 40 ILE A CB   1 
ATOM   567  C  CG1  . ILE A 1 40 ? -4.281  -4.983  -11.288 1.00 0.00 ? 40 ILE A CG1  1 
ATOM   568  C  CG2  . ILE A 1 40 ? -5.923  -3.205  -12.076 1.00 0.00 ? 40 ILE A CG2  1 
ATOM   569  C  CD1  . ILE A 1 40 ? -3.952  -5.698  -12.601 1.00 0.00 ? 40 ILE A CD1  1 
ATOM   570  H  H    . ILE A 1 40 ? -4.308  -3.310  -9.413  1.00 0.00 ? 40 ILE A H    1 
ATOM   571  H  HA   . ILE A 1 40 ? -7.194  -3.769  -9.849  1.00 0.00 ? 40 ILE A HA   1 
ATOM   572  H  HB   . ILE A 1 40 ? -6.387  -5.241  -11.675 1.00 0.00 ? 40 ILE A HB   1 
ATOM   573  H  HG12 . ILE A 1 40 ? -3.590  -4.151  -11.154 1.00 0.00 ? 40 ILE A HG12 1 
ATOM   574  H  HG13 . ILE A 1 40 ? -4.109  -5.697  -10.482 1.00 0.00 ? 40 ILE A HG13 1 
ATOM   575  H  HG21 . ILE A 1 40 ? -5.349  -2.383  -11.650 1.00 0.00 ? 40 ILE A HG21 1 
ATOM   576  H  HG22 . ILE A 1 40 ? -5.606  -3.370  -13.104 1.00 0.00 ? 40 ILE A HG22 1 
ATOM   577  H  HG23 . ILE A 1 40 ? -6.974  -2.919  -12.081 1.00 0.00 ? 40 ILE A HG23 1 
ATOM   578  H  HD11 . ILE A 1 40 ? -4.642  -6.530  -12.750 1.00 0.00 ? 40 ILE A HD11 1 
ATOM   579  H  HD12 . ILE A 1 40 ? -4.024  -5.011  -13.444 1.00 0.00 ? 40 ILE A HD12 1 
ATOM   580  H  HD13 . ILE A 1 40 ? -2.936  -6.090  -12.551 1.00 0.00 ? 40 ILE A HD13 1 
ATOM   581  N  N    . ASP A 1 41 ? -6.389  -5.400  -7.638  1.00 0.00 ? 41 ASP A N    1 
ATOM   582  C  CA   . ASP A 1 41 ? -6.568  -6.522  -6.710  1.00 0.00 ? 41 ASP A CA   1 
ATOM   583  C  C    . ASP A 1 41 ? -5.694  -7.730  -7.085  1.00 0.00 ? 41 ASP A C    1 
ATOM   584  O  O    . ASP A 1 41 ? -6.186  -8.842  -7.275  1.00 0.00 ? 41 ASP A O    1 
ATOM   585  C  CB   . ASP A 1 41 ? -8.062  -6.888  -6.565  1.00 0.00 ? 41 ASP A CB   1 
ATOM   586  C  CG   . ASP A 1 41 ? -8.750  -6.169  -5.421  1.00 0.00 ? 41 ASP A CG   1 
ATOM   587  O  OD1  . ASP A 1 41 ? -8.275  -6.270  -4.263  1.00 0.00 ? 41 ASP A OD1  1 
ATOM   588  O  OD2  . ASP A 1 41 ? -9.754  -5.479  -5.673  1.00 0.00 ? 41 ASP A OD2  1 
ATOM   589  H  H    . ASP A 1 41 ? -6.324  -4.468  -7.247  1.00 0.00 ? 41 ASP A H    1 
ATOM   590  H  HA   . ASP A 1 41 ? -6.202  -6.193  -5.737  1.00 0.00 ? 41 ASP A HA   1 
ATOM   591  H  HB2  . ASP A 1 41 ? -8.590  -6.680  -7.497  1.00 0.00 ? 41 ASP A HB2  1 
ATOM   592  H  HB3  . ASP A 1 41 ? -8.184  -7.946  -6.340  1.00 0.00 ? 41 ASP A HB3  1 
ATOM   593  N  N    . CYS A 1 42 ? -4.379  -7.505  -7.162  1.00 0.00 ? 42 CYS A N    1 
ATOM   594  C  CA   . CYS A 1 42 ? -3.390  -8.570  -7.319  1.00 0.00 ? 42 CYS A CA   1 
ATOM   595  C  C    . CYS A 1 42 ? -2.764  -8.896  -5.953  1.00 0.00 ? 42 CYS A C    1 
ATOM   596  O  O    . CYS A 1 42 ? -3.306  -8.483  -4.929  1.00 0.00 ? 42 CYS A O    1 
ATOM   597  C  CB   . CYS A 1 42 ? -2.431  -8.240  -8.445  1.00 0.00 ? 42 CYS A CB   1 
ATOM   598  S  SG   . CYS A 1 42 ? -0.795  -7.564  -8.086  1.00 0.00 ? 42 CYS A SG   1 
ATOM   599  H  H    . CYS A 1 42 ? -4.057  -6.582  -6.925  1.00 0.00 ? 42 CYS A H    1 
ATOM   600  H  HA   . CYS A 1 42 ? -3.905  -9.479  -7.633  1.00 0.00 ? 42 CYS A HA   1 
ATOM   601  H  HB2  . CYS A 1 42 ? -2.232  -9.182  -8.958  1.00 0.00 ? 42 CYS A HB2  1 
ATOM   602  H  HB3  . CYS A 1 42 ? -2.925  -7.590  -9.168  1.00 0.00 ? 42 CYS A HB3  1 
ATOM   603  N  N    . GLY A 1 43 ? -1.666  -9.658  -5.907  1.00 0.00 ? 43 GLY A N    1 
ATOM   604  C  CA   . GLY A 1 43 ? -1.023  -10.047 -4.650  1.00 0.00 ? 43 GLY A CA   1 
ATOM   605  C  C    . GLY A 1 43 ? 0.504   -10.075 -4.733  1.00 0.00 ? 43 GLY A C    1 
ATOM   606  O  O    . GLY A 1 43 ? 1.156   -10.765 -3.952  1.00 0.00 ? 43 GLY A O    1 
ATOM   607  H  H    . GLY A 1 43 ? -1.262  -9.953  -6.784  1.00 0.00 ? 43 GLY A H    1 
ATOM   608  H  HA2  . GLY A 1 43 ? -1.284  -9.352  -3.851  1.00 0.00 ? 43 GLY A HA2  1 
ATOM   609  H  HA3  . GLY A 1 43 ? -1.381  -11.040 -4.373  1.00 0.00 ? 43 GLY A HA3  1 
ATOM   610  N  N    . ALA A 1 44 ? 1.088   -9.331  -5.675  1.00 0.00 ? 44 ALA A N    1 
ATOM   611  C  CA   . ALA A 1 44 ? 2.527   -9.339  -5.908  1.00 0.00 ? 44 ALA A CA   1 
ATOM   612  C  C    . ALA A 1 44 ? 3.259   -8.508  -4.852  1.00 0.00 ? 44 ALA A C    1 
ATOM   613  O  O    . ALA A 1 44 ? 4.178   -8.988  -4.193  1.00 0.00 ? 44 ALA A O    1 
ATOM   614  C  CB   . ALA A 1 44 ? 2.816   -8.828  -7.323  1.00 0.00 ? 44 ALA A CB   1 
ATOM   615  H  H    . ALA A 1 44 ? 0.498   -8.776  -6.275  1.00 0.00 ? 44 ALA A H    1 
ATOM   616  H  HA   . ALA A 1 44 ? 2.893   -10.366 -5.849  1.00 0.00 ? 44 ALA A HA   1 
ATOM   617  H  HB1  . ALA A 1 44 ? 2.299   -9.452  -8.053  1.00 0.00 ? 44 ALA A HB1  1 
ATOM   618  H  HB2  . ALA A 1 44 ? 2.485   -7.795  -7.438  1.00 0.00 ? 44 ALA A HB2  1 
ATOM   619  H  HB3  . ALA A 1 44 ? 3.888   -8.884  -7.510  1.00 0.00 ? 44 ALA A HB3  1 
ATOM   620  N  N    . CYS A 1 45 ? 2.849   -7.247  -4.704  1.00 0.00 ? 45 CYS A N    1 
ATOM   621  C  CA   . CYS A 1 45 ? 3.464   -6.288  -3.799  1.00 0.00 ? 45 CYS A CA   1 
ATOM   622  C  C    . CYS A 1 45 ? 3.569   -6.842  -2.367  1.00 0.00 ? 45 CYS A C    1 
ATOM   623  O  O    . CYS A 1 45 ? 4.648   -6.783  -1.784  1.00 0.00 ? 45 CYS A O    1 
ATOM   624  C  CB   . CYS A 1 45 ? 2.766   -4.954  -3.917  1.00 0.00 ? 45 CYS A CB   1 
ATOM   625  S  SG   . CYS A 1 45 ? 0.986   -4.966  -3.603  1.00 0.00 ? 45 CYS A SG   1 
ATOM   626  H  H    . CYS A 1 45 ? 2.085   -6.920  -5.271  1.00 0.00 ? 45 CYS A H    1 
ATOM   627  H  HA   . CYS A 1 45 ? 4.485   -6.126  -4.148  1.00 0.00 ? 45 CYS A HA   1 
ATOM   628  H  HB2  . CYS A 1 45 ? 3.235   -4.242  -3.234  1.00 0.00 ? 45 CYS A HB2  1 
ATOM   629  H  HB3  . CYS A 1 45 ? 2.938   -4.567  -4.920  1.00 0.00 ? 45 CYS A HB3  1 
ATOM   630  N  N    . GLU A 1 46 ? 2.507   -7.453  -1.824  1.00 0.00 ? 46 GLU A N    1 
ATOM   631  C  CA   . GLU A 1 46 ? 2.568   -8.123  -0.519  1.00 0.00 ? 46 GLU A CA   1 
ATOM   632  C  C    . GLU A 1 46 ? 3.674   -9.182  -0.499  1.00 0.00 ? 46 GLU A C    1 
ATOM   633  O  O    . GLU A 1 46 ? 4.526   -9.188  0.386   1.00 0.00 ? 46 GLU A O    1 
ATOM   634  C  CB   . GLU A 1 46 ? 1.207   -8.751  -0.158  1.00 0.00 ? 46 GLU A CB   1 
ATOM   635  C  CG   . GLU A 1 46 ? 1.195   -9.660  1.094   1.00 0.00 ? 46 GLU A CG   1 
ATOM   636  C  CD   . GLU A 1 46 ? 1.615   -9.045  2.434   1.00 0.00 ? 46 GLU A CD   1 
ATOM   637  O  OE1  . GLU A 1 46 ? 2.171   -7.925  2.470   1.00 0.00 ? 46 GLU A OE1  1 
ATOM   638  O  OE2  . GLU A 1 46 ? 1.401   -9.741  3.453   1.00 0.00 ? 46 GLU A OE2  1 
ATOM   639  H  H    . GLU A 1 46 ? 1.638   -7.431  -2.337  1.00 0.00 ? 46 GLU A H    1 
ATOM   640  H  HA   . GLU A 1 46 ? 2.823   -7.363  0.218   1.00 0.00 ? 46 GLU A HA   1 
ATOM   641  H  HB2  . GLU A 1 46 ? 0.458   -7.975  -0.025  1.00 0.00 ? 46 GLU A HB2  1 
ATOM   642  H  HB3  . GLU A 1 46 ? 0.888   -9.373  -0.995  1.00 0.00 ? 46 GLU A HB3  1 
ATOM   643  H  HG2  . GLU A 1 46 ? 0.172   -10.015 1.225   1.00 0.00 ? 46 GLU A HG2  1 
ATOM   644  H  HG3  . GLU A 1 46 ? 1.824   -10.533 0.923   1.00 0.00 ? 46 GLU A HG3  1 
ATOM   645  N  N    . ALA A 1 47 ? 3.669   -10.091 -1.480  1.00 0.00 ? 47 ALA A N    1 
ATOM   646  C  CA   . ALA A 1 47 ? 4.674   -11.145 -1.560  1.00 0.00 ? 47 ALA A CA   1 
ATOM   647  C  C    . ALA A 1 47 ? 6.087   -10.555 -1.625  1.00 0.00 ? 47 ALA A C    1 
ATOM   648  O  O    . ALA A 1 47 ? 7.033   -11.153 -1.119  1.00 0.00 ? 47 ALA A O    1 
ATOM   649  C  CB   . ALA A 1 47 ? 4.391   -12.053 -2.760  1.00 0.00 ? 47 ALA A CB   1 
ATOM   650  H  H    . ALA A 1 47 ? 2.981   -10.019 -2.217  1.00 0.00 ? 47 ALA A H    1 
ATOM   651  H  HA   . ALA A 1 47 ? 4.603   -11.753 -0.656  1.00 0.00 ? 47 ALA A HA   1 
ATOM   652  H  HB1  . ALA A 1 47 ? 3.386   -12.470 -2.679  1.00 0.00 ? 47 ALA A HB1  1 
ATOM   653  H  HB2  . ALA A 1 47 ? 4.473   -11.493 -3.691  1.00 0.00 ? 47 ALA A HB2  1 
ATOM   654  H  HB3  . ALA A 1 47 ? 5.114   -12.870 -2.775  1.00 0.00 ? 47 ALA A HB3  1 
ATOM   655  N  N    . VAL A 1 48 ? 6.229   -9.390  -2.261  1.00 0.00 ? 48 VAL A N    1 
ATOM   656  C  CA   . VAL A 1 48 ? 7.497   -8.687  -2.368  1.00 0.00 ? 48 VAL A CA   1 
ATOM   657  C  C    . VAL A 1 48 ? 7.867   -7.951  -1.074  1.00 0.00 ? 48 VAL A C    1 
ATOM   658  O  O    . VAL A 1 48 ? 9.053   -7.887  -0.755  1.00 0.00 ? 48 VAL A O    1 
ATOM   659  C  CB   . VAL A 1 48 ? 7.463   -7.791  -3.617  1.00 0.00 ? 48 VAL A CB   1 
ATOM   660  C  CG1  . VAL A 1 48 ? 8.463   -6.636  -3.576  1.00 0.00 ? 48 VAL A CG1  1 
ATOM   661  C  CG2  . VAL A 1 48 ? 7.767   -8.657  -4.845  1.00 0.00 ? 48 VAL A CG2  1 
ATOM   662  H  H    . VAL A 1 48 ? 5.410   -8.969  -2.695  1.00 0.00 ? 48 VAL A H    1 
ATOM   663  H  HA   . VAL A 1 48 ? 8.288   -9.424  -2.521  1.00 0.00 ? 48 VAL A HA   1 
ATOM   664  H  HB   . VAL A 1 48 ? 6.469   -7.358  -3.727  1.00 0.00 ? 48 VAL A HB   1 
ATOM   665  H  HG11 . VAL A 1 48 ? 9.469   -7.006  -3.374  1.00 0.00 ? 48 VAL A HG11 1 
ATOM   666  H  HG12 . VAL A 1 48 ? 8.457   -6.130  -4.540  1.00 0.00 ? 48 VAL A HG12 1 
ATOM   667  H  HG13 . VAL A 1 48 ? 8.167   -5.920  -2.808  1.00 0.00 ? 48 VAL A HG13 1 
ATOM   668  H  HG21 . VAL A 1 48 ? 7.052   -9.477  -4.916  1.00 0.00 ? 48 VAL A HG21 1 
ATOM   669  H  HG22 . VAL A 1 48 ? 7.705   -8.046  -5.742  1.00 0.00 ? 48 VAL A HG22 1 
ATOM   670  H  HG23 . VAL A 1 48 ? 8.776   -9.063  -4.778  1.00 0.00 ? 48 VAL A HG23 1 
ATOM   671  N  N    . CYS A 1 49 ? 6.908   -7.384  -0.333  1.00 0.00 ? 49 CYS A N    1 
ATOM   672  C  CA   . CYS A 1 49 ? 7.204   -6.695  0.921   1.00 0.00 ? 49 CYS A CA   1 
ATOM   673  C  C    . CYS A 1 49 ? 7.839   -7.698  1.895   1.00 0.00 ? 49 CYS A C    1 
ATOM   674  O  O    . CYS A 1 49 ? 7.154   -8.613  2.359   1.00 0.00 ? 49 CYS A O    1 
ATOM   675  C  CB   . CYS A 1 49 ? 5.957   -6.068  1.505   1.00 0.00 ? 49 CYS A CB   1 
ATOM   676  S  SG   . CYS A 1 49 ? 6.215   -5.060  2.971   1.00 0.00 ? 49 CYS A SG   1 
ATOM   677  H  H    . CYS A 1 49 ? 5.939   -7.454  -0.629  1.00 0.00 ? 49 CYS A H    1 
ATOM   678  H  HA   . CYS A 1 49 ? 7.893   -5.891  0.681   1.00 0.00 ? 49 CYS A HA   1 
ATOM   679  H  HB2  . CYS A 1 49 ? 5.434   -5.487  0.750   1.00 0.00 ? 49 CYS A HB2  1 
ATOM   680  H  HB3  . CYS A 1 49 ? 5.292   -6.855  1.870   1.00 0.00 ? 49 CYS A HB3  1 
ATOM   681  N  N    . PRO A 1 50 ? 9.127   -7.558  2.263   1.00 0.00 ? 50 PRO A N    1 
ATOM   682  C  CA   . PRO A 1 50 ? 9.867   -8.582  3.000   1.00 0.00 ? 50 PRO A CA   1 
ATOM   683  C  C    . PRO A 1 50 ? 9.479   -8.653  4.486   1.00 0.00 ? 50 PRO A C    1 
ATOM   684  O  O    . PRO A 1 50 ? 10.281  -9.067  5.319   1.00 0.00 ? 50 PRO A O    1 
ATOM   685  C  CB   . PRO A 1 50 ? 11.339  -8.199  2.807   1.00 0.00 ? 50 PRO A CB   1 
ATOM   686  C  CG   . PRO A 1 50 ? 11.282  -6.672  2.738   1.00 0.00 ? 50 PRO A CG   1 
ATOM   687  C  CD   . PRO A 1 50 ? 9.987   -6.422  1.965   1.00 0.00 ? 50 PRO A CD   1 
ATOM   688  H  HA   . PRO A 1 50 ? 9.693   -9.565  2.556   1.00 0.00 ? 50 PRO A HA   1 
ATOM   689  H  HB2  . PRO A 1 50 ? 11.996  -8.554  3.602   1.00 0.00 ? 50 PRO A HB2  1 
ATOM   690  H  HB3  . PRO A 1 50 ? 11.684  -8.584  1.847   1.00 0.00 ? 50 PRO A HB3  1 
ATOM   691  H  HG2  . PRO A 1 50 ? 11.191  -6.266  3.747   1.00 0.00 ? 50 PRO A HG2  1 
ATOM   692  H  HG3  . PRO A 1 50 ? 12.149  -6.246  2.235   1.00 0.00 ? 50 PRO A HG3  1 
ATOM   693  H  HD2  . PRO A 1 50 ? 9.535   -5.484  2.288   1.00 0.00 ? 50 PRO A HD2  1 
ATOM   694  H  HD3  . PRO A 1 50 ? 10.209  -6.385  0.899   1.00 0.00 ? 50 PRO A HD3  1 
ATOM   695  N  N    . VAL A 1 51 ? 8.255   -8.239  4.816   1.00 0.00 ? 51 VAL A N    1 
ATOM   696  C  CA   . VAL A 1 51 ? 7.702   -8.162  6.154   1.00 0.00 ? 51 VAL A CA   1 
ATOM   697  C  C    . VAL A 1 51 ? 6.339   -8.864  6.192   1.00 0.00 ? 51 VAL A C    1 
ATOM   698  O  O    . VAL A 1 51 ? 5.956   -9.362  7.248   1.00 0.00 ? 51 VAL A O    1 
ATOM   699  C  CB   . VAL A 1 51 ? 7.602   -6.680  6.598   1.00 0.00 ? 51 VAL A CB   1 
ATOM   700  C  CG1  . VAL A 1 51 ? 8.599   -5.759  5.876   1.00 0.00 ? 51 VAL A CG1  1 
ATOM   701  C  CG2  . VAL A 1 51 ? 6.199   -6.090  6.416   1.00 0.00 ? 51 VAL A CG2  1 
ATOM   702  H  H    . VAL A 1 51 ? 7.647   -7.949  4.070   1.00 0.00 ? 51 VAL A H    1 
ATOM   703  H  HA   . VAL A 1 51 ? 8.364   -8.678  6.851   1.00 0.00 ? 51 VAL A HA   1 
ATOM   704  H  HB   . VAL A 1 51 ? 7.827   -6.638  7.665   1.00 0.00 ? 51 VAL A HB   1 
ATOM   705  H  HG11 . VAL A 1 51 ? 9.613   -6.143  5.985   1.00 0.00 ? 51 VAL A HG11 1 
ATOM   706  H  HG12 . VAL A 1 51 ? 8.343   -5.685  4.816   1.00 0.00 ? 51 VAL A HG12 1 
ATOM   707  H  HG13 . VAL A 1 51 ? 8.555   -4.761  6.311   1.00 0.00 ? 51 VAL A HG13 1 
ATOM   708  H  HG21 . VAL A 1 51 ? 5.833   -6.256  5.401   1.00 0.00 ? 51 VAL A HG21 1 
ATOM   709  H  HG22 . VAL A 1 51 ? 5.523   -6.559  7.131   1.00 0.00 ? 51 VAL A HG22 1 
ATOM   710  H  HG23 . VAL A 1 51 ? 6.212   -5.021  6.613   1.00 0.00 ? 51 VAL A HG23 1 
ATOM   711  N  N    . SER A 1 52 ? 5.615   -8.876  5.059   1.00 0.00 ? 52 SER A N    1 
ATOM   712  C  CA   . SER A 1 52 ? 4.225   -9.278  4.936   1.00 0.00 ? 52 SER A CA   1 
ATOM   713  C  C    . SER A 1 52 ? 3.330   -8.337  5.754   1.00 0.00 ? 52 SER A C    1 
ATOM   714  O  O    . SER A 1 52 ? 3.239   -8.459  6.974   1.00 0.00 ? 52 SER A O    1 
ATOM   715  C  CB   . SER A 1 52 ? 4.060   -10.753 5.290   1.00 0.00 ? 52 SER A CB   1 
ATOM   716  O  OG   . SER A 1 52 ? 4.953   -11.532 4.513   1.00 0.00 ? 52 SER A OG   1 
ATOM   717  H  H    . SER A 1 52 ? 6.033   -8.580  4.192   1.00 0.00 ? 52 SER A H    1 
ATOM   718  H  HA   . SER A 1 52 ? 3.971   -9.171  3.882   1.00 0.00 ? 52 SER A HA   1 
ATOM   719  H  HB2  . SER A 1 52 ? 4.270   -10.897 6.347   1.00 0.00 ? 52 SER A HB2  1 
ATOM   720  H  HB3  . SER A 1 52 ? 3.031   -11.040 5.082   1.00 0.00 ? 52 SER A HB3  1 
ATOM   721  H  HG   . SER A 1 52 ? 5.017   -11.135 3.638   1.00 0.00 ? 52 SER A HG   1 
ATOM   722  N  N    . ALA A 1 53 ? 2.715   -7.354  5.090   1.00 0.00 ? 53 ALA A N    1 
ATOM   723  C  CA   . ALA A 1 53 ? 1.964   -6.283  5.748   1.00 0.00 ? 53 ALA A CA   1 
ATOM   724  C  C    . ALA A 1 53 ? 0.878   -5.668  4.866   1.00 0.00 ? 53 ALA A C    1 
ATOM   725  O  O    . ALA A 1 53 ? -0.034  -5.026  5.390   1.00 0.00 ? 53 ALA A O    1 
ATOM   726  C  CB   . ALA A 1 53 ? 2.912   -5.179  6.228   1.00 0.00 ? 53 ALA A CB   1 
ATOM   727  H  H    . ALA A 1 53 ? 2.710   -7.426  4.071   1.00 0.00 ? 53 ALA A H    1 
ATOM   728  H  HA   . ALA A 1 53 ? 1.468   -6.687  6.630   1.00 0.00 ? 53 ALA A HA   1 
ATOM   729  H  HB1  . ALA A 1 53 ? 3.517   -4.813  5.398   1.00 0.00 ? 53 ALA A HB1  1 
ATOM   730  H  HB2  . ALA A 1 53 ? 2.335   -4.351  6.641   1.00 0.00 ? 53 ALA A HB2  1 
ATOM   731  H  HB3  . ALA A 1 53 ? 3.555   -5.565  7.016   1.00 0.00 ? 53 ALA A HB3  1 
ATOM   732  N  N    . ILE A 1 54 ? 0.978   -5.803  3.544   1.00 0.00 ? 54 ILE A N    1 
ATOM   733  C  CA   . ILE A 1 54 ? 0.003   -5.249  2.628   1.00 0.00 ? 54 ILE A CA   1 
ATOM   734  C  C    . ILE A 1 54 ? -1.188  -6.209  2.597   1.00 0.00 ? 54 ILE A C    1 
ATOM   735  O  O    . ILE A 1 54 ? -1.048  -7.349  2.161   1.00 0.00 ? 54 ILE A O    1 
ATOM   736  C  CB   . ILE A 1 54 ? 0.635   -5.069  1.237   1.00 0.00 ? 54 ILE A CB   1 
ATOM   737  C  CG1  . ILE A 1 54 ? 2.007   -4.375  1.320   1.00 0.00 ? 54 ILE A CG1  1 
ATOM   738  C  CG2  . ILE A 1 54 ? -0.334  -4.294  0.338   1.00 0.00 ? 54 ILE A CG2  1 
ATOM   739  C  CD1  . ILE A 1 54 ? 2.628   -4.116  -0.056  1.00 0.00 ? 54 ILE A CD1  1 
ATOM   740  H  H    . ILE A 1 54 ? 1.667   -6.439  3.135   1.00 0.00 ? 54 ILE A H    1 
ATOM   741  H  HA   . ILE A 1 54 ? -0.305  -4.270  2.991   1.00 0.00 ? 54 ILE A HA   1 
ATOM   742  H  HB   . ILE A 1 54 ? 0.801   -6.049  0.805   1.00 0.00 ? 54 ILE A HB   1 
ATOM   743  H  HG12 . ILE A 1 54 ? 1.910   -3.436  1.862   1.00 0.00 ? 54 ILE A HG12 1 
ATOM   744  H  HG13 . ILE A 1 54 ? 2.704   -5.010  1.869   1.00 0.00 ? 54 ILE A HG13 1 
ATOM   745  H  HG21 . ILE A 1 54 ? -1.354  -4.640  0.495   1.00 0.00 ? 54 ILE A HG21 1 
ATOM   746  H  HG22 . ILE A 1 54 ? -0.284  -3.235  0.580   1.00 0.00 ? 54 ILE A HG22 1 
ATOM   747  H  HG23 . ILE A 1 54 ? -0.082  -4.440  -0.712  1.00 0.00 ? 54 ILE A HG23 1 
ATOM   748  H  HD11 . ILE A 1 54 ? 2.160   -4.735  -0.820  1.00 0.00 ? 54 ILE A HD11 1 
ATOM   749  H  HD12 . ILE A 1 54 ? 2.524   -3.065  -0.318  1.00 0.00 ? 54 ILE A HD12 1 
ATOM   750  H  HD13 . ILE A 1 54 ? 3.688   -4.358  -0.031  1.00 0.00 ? 54 ILE A HD13 1 
ATOM   751  N  N    . TYR A 1 55 ? -2.365  -5.768  3.051   1.00 0.00 ? 55 TYR A N    1 
ATOM   752  C  CA   . TYR A 1 55 ? -3.556  -6.597  3.087   1.00 0.00 ? 55 TYR A CA   1 
ATOM   753  C  C    . TYR A 1 55 ? -4.677  -5.916  2.339   1.00 0.00 ? 55 TYR A C    1 
ATOM   754  O  O    . TYR A 1 55 ? -4.595  -4.735  2.016   1.00 0.00 ? 55 TYR A O    1 
ATOM   755  C  CB   . TYR A 1 55 ? -3.964  -6.856  4.538   1.00 0.00 ? 55 TYR A CB   1 
ATOM   756  C  CG   . TYR A 1 55 ? -3.048  -7.850  5.224   1.00 0.00 ? 55 TYR A CG   1 
ATOM   757  C  CD1  . TYR A 1 55 ? -2.846  -9.111  4.630   1.00 0.00 ? 55 TYR A CD1  1 
ATOM   758  C  CD2  . TYR A 1 55 ? -2.182  -7.419  6.247   1.00 0.00 ? 55 TYR A CD2  1 
ATOM   759  C  CE1  . TYR A 1 55 ? -1.662  -9.819  4.882   1.00 0.00 ? 55 TYR A CE1  1 
ATOM   760  C  CE2  . TYR A 1 55 ? -1.056  -8.191  6.579   1.00 0.00 ? 55 TYR A CE2  1 
ATOM   761  C  CZ   . TYR A 1 55 ? -0.736  -9.322  5.810   1.00 0.00 ? 55 TYR A CZ   1 
ATOM   762  O  OH   . TYR A 1 55 ? 0.500   -9.881  5.900   1.00 0.00 ? 55 TYR A OH   1 
ATOM   763  H  H    . TYR A 1 55 ? -2.485  -4.798  3.315   1.00 0.00 ? 55 TYR A H    1 
ATOM   764  H  HA   . TYR A 1 55 ? -3.393  -7.543  2.570   1.00 0.00 ? 55 TYR A HA   1 
ATOM   765  H  HB2  . TYR A 1 55 ? -3.953  -5.908  5.067   1.00 0.00 ? 55 TYR A HB2  1 
ATOM   766  H  HB3  . TYR A 1 55 ? -4.992  -7.207  4.558   1.00 0.00 ? 55 TYR A HB3  1 
ATOM   767  H  HD1  . TYR A 1 55 ? -3.514  -9.461  3.858   1.00 0.00 ? 55 TYR A HD1  1 
ATOM   768  H  HD2  . TYR A 1 55 ? -2.319  -6.452  6.710   1.00 0.00 ? 55 TYR A HD2  1 
ATOM   769  H  HE1  . TYR A 1 55 ? -1.422  -10.693 4.295   1.00 0.00 ? 55 TYR A HE1  1 
ATOM   770  H  HE2  . TYR A 1 55 ? -0.368  -7.843  7.335   1.00 0.00 ? 55 TYR A HE2  1 
ATOM   771  H  HH   . TYR A 1 55 ? 0.865   -9.978  5.002   1.00 0.00 ? 55 TYR A HH   1 
ATOM   772  N  N    . HIS A 1 56 ? -5.736  -6.673  2.068   1.00 0.00 ? 56 HIS A N    1 
ATOM   773  C  CA   . HIS A 1 56 ? -6.892  -6.115  1.407   1.00 0.00 ? 56 HIS A CA   1 
ATOM   774  C  C    . HIS A 1 56 ? -7.452  -4.988  2.258   1.00 0.00 ? 56 HIS A C    1 
ATOM   775  O  O    . HIS A 1 56 ? -7.452  -5.079  3.487   1.00 0.00 ? 56 HIS A O    1 
ATOM   776  C  CB   . HIS A 1 56 ? -7.959  -7.189  1.174   1.00 0.00 ? 56 HIS A CB   1 
ATOM   777  C  CG   . HIS A 1 56 ? -8.930  -6.830  0.081   1.00 0.00 ? 56 HIS A CG   1 
ATOM   778  N  ND1  . HIS A 1 56 ? -10.276 -6.589  0.231   1.00 0.00 ? 56 HIS A ND1  1 
ATOM   779  C  CD2  . HIS A 1 56 ? -8.610  -6.574  -1.223  1.00 0.00 ? 56 HIS A CD2  1 
ATOM   780  C  CE1  . HIS A 1 56 ? -10.747 -6.164  -0.953  1.00 0.00 ? 56 HIS A CE1  1 
ATOM   781  N  NE2  . HIS A 1 56 ? -9.763  -6.116  -1.868  1.00 0.00 ? 56 HIS A NE2  1 
ATOM   782  H  H    . HIS A 1 56 ? -5.761  -7.622  2.408   1.00 0.00 ? 56 HIS A H    1 
ATOM   783  H  HA   . HIS A 1 56 ? -6.540  -5.697  0.470   1.00 0.00 ? 56 HIS A HA   1 
ATOM   784  H  HB2  . HIS A 1 56 ? -7.488  -8.137  0.928   1.00 0.00 ? 56 HIS A HB2  1 
ATOM   785  H  HB3  . HIS A 1 56 ? -8.520  -7.318  2.095   1.00 0.00 ? 56 HIS A HB3  1 
ATOM   786  H  HD1  . HIS A 1 56 ? -10.822 -6.733  1.066   1.00 0.00 ? 56 HIS A HD1  1 
ATOM   787  H  HD2  . HIS A 1 56 ? -7.624  -6.641  -1.654  1.00 0.00 ? 56 HIS A HD2  1 
ATOM   788  H  HE1  . HIS A 1 56 ? -11.777 -5.896  -1.140  1.00 0.00 ? 56 HIS A HE1  1 
ATOM   789  N  N    . GLU A 1 57 ? -7.953  -3.941  1.615   1.00 0.00 ? 57 GLU A N    1 
ATOM   790  C  CA   . GLU A 1 57 ? -8.539  -2.826  2.314   1.00 0.00 ? 57 GLU A CA   1 
ATOM   791  C  C    . GLU A 1 57 ? -9.596  -3.252  3.327   1.00 0.00 ? 57 GLU A C    1 
ATOM   792  O  O    . GLU A 1 57 ? -9.637  -2.752  4.451   1.00 0.00 ? 57 GLU A O    1 
ATOM   793  C  CB   . GLU A 1 57 ? -9.019  -1.807  1.287   1.00 0.00 ? 57 GLU A CB   1 
ATOM   794  C  CG   . GLU A 1 57 ? -10.153 -2.348  0.440   1.00 0.00 ? 57 GLU A CG   1 
ATOM   795  C  CD   . GLU A 1 57 ? -10.339 -1.574  -0.857  1.00 0.00 ? 57 GLU A CD   1 
ATOM   796  O  OE1  . GLU A 1 57 ? -10.561 -0.339  -0.800  1.00 0.00 ? 57 GLU A OE1  1 
ATOM   797  O  OE2  . GLU A 1 57 ? -10.221 -2.244  -1.903  1.00 0.00 ? 57 GLU A OE2  1 
ATOM   798  H  H    . GLU A 1 57 ? -7.878  -3.861  0.605   1.00 0.00 ? 57 GLU A H    1 
ATOM   799  H  HA   . GLU A 1 57 ? -7.750  -2.425  2.909   1.00 0.00 ? 57 GLU A HA   1 
ATOM   800  H  HB2  . GLU A 1 57 ? -9.403  -0.946  1.799   1.00 0.00 ? 57 GLU A HB2  1 
ATOM   801  H  HB3  . GLU A 1 57 ? -8.198  -1.529  0.633   1.00 0.00 ? 57 GLU A HB3  1 
ATOM   802  H  HG2  . GLU A 1 57 ? -9.922  -3.379  0.200   1.00 0.00 ? 57 GLU A HG2  1 
ATOM   803  H  HG3  . GLU A 1 57 ? -11.048 -2.295  1.048   1.00 0.00 ? 57 GLU A HG3  1 
ATOM   804  N  N    . ASP A 1 58 ? -10.402 -4.231  2.934   1.00 0.00 ? 58 ASP A N    1 
ATOM   805  C  CA   . ASP A 1 58 ? -11.370 -4.849  3.820   1.00 0.00 ? 58 ASP A CA   1 
ATOM   806  C  C    . ASP A 1 58 ? -10.712 -5.507  5.031   1.00 0.00 ? 58 ASP A C    1 
ATOM   807  O  O    . ASP A 1 58 ? -11.207 -5.404  6.155   1.00 0.00 ? 58 ASP A O    1 
ATOM   808  C  CB   . ASP A 1 58 ? -12.205 -5.875  3.057   1.00 0.00 ? 58 ASP A CB   1 
ATOM   809  C  CG   . ASP A 1 58 ? -13.280 -6.457  3.959   1.00 0.00 ? 58 ASP A CG   1 
ATOM   810  O  OD1  . ASP A 1 58 ? -14.136 -5.662  4.399   1.00 0.00 ? 58 ASP A OD1  1 
ATOM   811  O  OD2  . ASP A 1 58 ? -13.207 -7.682  4.193   1.00 0.00 ? 58 ASP A OD2  1 
ATOM   812  H  H    . ASP A 1 58 ? -10.303 -4.529  1.977   1.00 0.00 ? 58 ASP A H    1 
ATOM   813  H  HA   . ASP A 1 58 ? -12.026 -4.074  4.186   1.00 0.00 ? 58 ASP A HA   1 
ATOM   814  H  HB2  . ASP A 1 58 ? -12.679 -5.420  2.188   1.00 0.00 ? 58 ASP A HB2  1 
ATOM   815  H  HB3  . ASP A 1 58 ? -11.565 -6.698  2.758   1.00 0.00 ? 58 ASP A HB3  1 
ATOM   816  N  N    . PHE A 1 59 ? -9.579  -6.166  4.792   1.00 0.00 ? 59 PHE A N    1 
ATOM   817  C  CA   . PHE A 1 59 ? -8.940  -7.040  5.755   1.00 0.00 ? 59 PHE A CA   1 
ATOM   818  C  C    . PHE A 1 59 ? -8.181  -6.230  6.796   1.00 0.00 ? 59 PHE A C    1 
ATOM   819  O  O    . PHE A 1 59 ? -8.100  -6.637  7.953   1.00 0.00 ? 59 PHE A O    1 
ATOM   820  C  CB   . PHE A 1 59 ? -7.980  -7.976  5.017   1.00 0.00 ? 59 PHE A CB   1 
ATOM   821  C  CG   . PHE A 1 59 ? -8.565  -9.053  4.117   1.00 0.00 ? 59 PHE A CG   1 
ATOM   822  C  CD1  . PHE A 1 59 ? -9.951  -9.162  3.880   1.00 0.00 ? 59 PHE A CD1  1 
ATOM   823  C  CD2  . PHE A 1 59 ? -7.680  -9.927  3.459   1.00 0.00 ? 59 PHE A CD2  1 
ATOM   824  C  CE1  . PHE A 1 59 ? -10.437 -10.104 2.957   1.00 0.00 ? 59 PHE A CE1  1 
ATOM   825  C  CE2  . PHE A 1 59 ? -8.166  -10.871 2.538   1.00 0.00 ? 59 PHE A CE2  1 
ATOM   826  C  CZ   . PHE A 1 59 ? -9.545  -10.952 2.279   1.00 0.00 ? 59 PHE A CZ   1 
ATOM   827  H  H    . PHE A 1 59 ? -9.041  -5.928  3.963   1.00 0.00 ? 59 PHE A H    1 
ATOM   828  H  HA   . PHE A 1 59 ? -9.689  -7.635  6.280   1.00 0.00 ? 59 PHE A HA   1 
ATOM   829  H  HB2  . PHE A 1 59 ? -7.293  -7.377  4.426   1.00 0.00 ? 59 PHE A HB2  1 
ATOM   830  H  HB3  . PHE A 1 59 ? -7.395  -8.465  5.782   1.00 0.00 ? 59 PHE A HB3  1 
ATOM   831  H  HD1  . PHE A 1 59 ? -10.672 -8.538  4.392   1.00 0.00 ? 59 PHE A HD1  1 
ATOM   832  H  HD2  . PHE A 1 59 ? -6.619  -9.884  3.661   1.00 0.00 ? 59 PHE A HD2  1 
ATOM   833  H  HE1  . PHE A 1 59 ? -11.502 -10.173 2.781   1.00 0.00 ? 59 PHE A HE1  1 
ATOM   834  H  HE2  . PHE A 1 59 ? -7.482  -11.537 2.033   1.00 0.00 ? 59 PHE A HE2  1 
ATOM   835  H  HZ   . PHE A 1 59 ? -9.922  -11.678 1.573   1.00 0.00 ? 59 PHE A HZ   1 
ATOM   836  N  N    . VAL A 1 60 ? -7.594  -5.106  6.387   1.00 0.00 ? 60 VAL A N    1 
ATOM   837  C  CA   . VAL A 1 60 ? -6.889  -4.231  7.310   1.00 0.00 ? 60 VAL A CA   1 
ATOM   838  C  C    . VAL A 1 60 ? -7.810  -3.869  8.495   1.00 0.00 ? 60 VAL A C    1 
ATOM   839  O  O    . VAL A 1 60 ? -8.911  -3.375  8.251   1.00 0.00 ? 60 VAL A O    1 
ATOM   840  C  CB   . VAL A 1 60 ? -6.373  -2.998  6.550   1.00 0.00 ? 60 VAL A CB   1 
ATOM   841  C  CG1  . VAL A 1 60 ? -5.928  -1.923  7.544   1.00 0.00 ? 60 VAL A CG1  1 
ATOM   842  C  CG2  . VAL A 1 60 ? -5.188  -3.417  5.665   1.00 0.00 ? 60 VAL A CG2  1 
ATOM   843  H  H    . VAL A 1 60 ? -7.658  -4.845  5.406   1.00 0.00 ? 60 VAL A H    1 
ATOM   844  H  HA   . VAL A 1 60 ? -6.018  -4.778  7.656   1.00 0.00 ? 60 VAL A HA   1 
ATOM   845  H  HB   . VAL A 1 60 ? -7.162  -2.579  5.921   1.00 0.00 ? 60 VAL A HB   1 
ATOM   846  H  HG11 . VAL A 1 60 ? -5.278  -2.368  8.294   1.00 0.00 ? 60 VAL A HG11 1 
ATOM   847  H  HG12 . VAL A 1 60 ? -5.393  -1.128  7.031   1.00 0.00 ? 60 VAL A HG12 1 
ATOM   848  H  HG13 . VAL A 1 60 ? -6.798  -1.484  8.030   1.00 0.00 ? 60 VAL A HG13 1 
ATOM   849  H  HG21 . VAL A 1 60 ? -4.439  -3.936  6.262   1.00 0.00 ? 60 VAL A HG21 1 
ATOM   850  H  HG22 . VAL A 1 60 ? -5.532  -4.075  4.869   1.00 0.00 ? 60 VAL A HG22 1 
ATOM   851  H  HG23 . VAL A 1 60 ? -4.709  -2.554  5.207   1.00 0.00 ? 60 VAL A HG23 1 
ATOM   852  N  N    . PRO A 1 61 ? -7.403  -4.116  9.756   1.00 0.00 ? 61 PRO A N    1 
ATOM   853  C  CA   . PRO A 1 61 ? -8.209  -3.808  10.934  1.00 0.00 ? 61 PRO A CA   1 
ATOM   854  C  C    . PRO A 1 61 ? -8.660  -2.347  10.977  1.00 0.00 ? 61 PRO A C    1 
ATOM   855  O  O    . PRO A 1 61 ? -7.928  -1.464  10.545  1.00 0.00 ? 61 PRO A O    1 
ATOM   856  C  CB   . PRO A 1 61 ? -7.318  -4.118  12.141  1.00 0.00 ? 61 PRO A CB   1 
ATOM   857  C  CG   . PRO A 1 61 ? -6.352  -5.175  11.615  1.00 0.00 ? 61 PRO A CG   1 
ATOM   858  C  CD   . PRO A 1 61 ? -6.168  -4.780  10.152  1.00 0.00 ? 61 PRO A CD   1 
ATOM   859  H  HA   . PRO A 1 61 ? -9.075  -4.473  10.938  1.00 0.00 ? 61 PRO A HA   1 
ATOM   860  H  HB2  . PRO A 1 61 ? -6.749  -3.229  12.423  1.00 0.00 ? 61 PRO A HB2  1 
ATOM   861  H  HB3  . PRO A 1 61 ? -7.894  -4.470  12.998  1.00 0.00 ? 61 PRO A HB3  1 
ATOM   862  H  HG2  . PRO A 1 61 ? -5.409  -5.183  12.163  1.00 0.00 ? 61 PRO A HG2  1 
ATOM   863  H  HG3  . PRO A 1 61 ? -6.829  -6.156  11.669  1.00 0.00 ? 61 PRO A HG3  1 
ATOM   864  H  HD2  . PRO A 1 61 ? -5.337  -4.078  10.057  1.00 0.00 ? 61 PRO A HD2  1 
ATOM   865  H  HD3  . PRO A 1 61 ? -5.972  -5.687  9.580   1.00 0.00 ? 61 PRO A HD3  1 
ATOM   866  N  N    . GLU A 1 62 ? -9.853  -2.089  11.510  1.00 0.00 ? 62 GLU A N    1 
ATOM   867  C  CA   . GLU A 1 62 ? -10.494 -0.819  11.754  1.00 0.00 ? 62 GLU A CA   1 
ATOM   868  C  C    . GLU A 1 62 ? -9.551  0.258   12.298  1.00 0.00 ? 62 GLU A C    1 
ATOM   869  O  O    . GLU A 1 62 ? -9.552  1.376   11.787  1.00 0.00 ? 62 GLU A O    1 
ATOM   870  C  CB   . GLU A 1 62 ? -11.658 -1.171  12.675  1.00 0.00 ? 62 GLU A CB   1 
ATOM   871  C  CG   . GLU A 1 62 ? -12.913 -1.602  11.893  1.00 0.00 ? 62 GLU A CG   1 
ATOM   872  C  CD   . GLU A 1 62 ? -12.634 -2.720  10.896  1.00 0.00 ? 62 GLU A CD   1 
ATOM   873  O  OE1  . GLU A 1 62 ? -11.970 -3.697  11.300  1.00 0.00 ? 62 GLU A OE1  1 
ATOM   874  O  OE2  . GLU A 1 62 ? -12.994 -2.547  9.711   1.00 0.00 ? 62 GLU A OE2  1 
ATOM   875  H  H    . GLU A 1 62 ? -10.469 -2.847  11.798  1.00 0.00 ? 62 GLU A H    1 
ATOM   876  H  HA   . GLU A 1 62 ? -10.920 -0.408  10.846  1.00 0.00 ? 62 GLU A HA   1 
ATOM   877  H  HB2  . GLU A 1 62 ? -11.363 -1.975  13.344  1.00 0.00 ? 62 GLU A HB2  1 
ATOM   878  H  HB3  . GLU A 1 62 ? -11.870 -0.320  13.282  1.00 0.00 ? 62 GLU A HB3  1 
ATOM   879  H  HG2  . GLU A 1 62 ? -13.669 -1.951  12.596  1.00 0.00 ? 62 GLU A HG2  1 
ATOM   880  H  HG3  . GLU A 1 62 ? -13.312 -0.743  11.353  1.00 0.00 ? 62 GLU A HG3  1 
ATOM   881  N  N    . GLU A 1 63 ? -8.708  -0.065  13.275  1.00 0.00 ? 63 GLU A N    1 
ATOM   882  C  CA   . GLU A 1 63 ? -7.660  0.830   13.753  1.00 0.00 ? 63 GLU A CA   1 
ATOM   883  C  C    . GLU A 1 63 ? -6.868  1.423   12.575  1.00 0.00 ? 63 GLU A C    1 
ATOM   884  O  O    . GLU A 1 63 ? -6.566  2.617   12.529  1.00 0.00 ? 63 GLU A O    1 
ATOM   885  C  CB   . GLU A 1 63 ? -6.724  0.067   14.702  1.00 0.00 ? 63 GLU A CB   1 
ATOM   886  C  CG   . GLU A 1 63 ? -7.452  -0.639  15.861  1.00 0.00 ? 63 GLU A CG   1 
ATOM   887  C  CD   . GLU A 1 63 ? -7.757  -2.109  15.577  1.00 0.00 ? 63 GLU A CD   1 
ATOM   888  O  OE1  . GLU A 1 63 ? -8.530  -2.358  14.627  1.00 0.00 ? 63 GLU A OE1  1 
ATOM   889  O  OE2  . GLU A 1 63 ? -7.201  -2.956  16.305  1.00 0.00 ? 63 GLU A OE2  1 
ATOM   890  H  H    . GLU A 1 63 ? -8.759  -1.002  13.673  1.00 0.00 ? 63 GLU A H    1 
ATOM   891  H  HA   . GLU A 1 63 ? -8.120  1.640   14.312  1.00 0.00 ? 63 GLU A HA   1 
ATOM   892  H  HB2  . GLU A 1 63 ? -6.155  -0.672  14.139  1.00 0.00 ? 63 GLU A HB2  1 
ATOM   893  H  HB3  . GLU A 1 63 ? -6.021  0.787   15.121  1.00 0.00 ? 63 GLU A HB3  1 
ATOM   894  H  HG2  . GLU A 1 63 ? -6.799  -0.613  16.735  1.00 0.00 ? 63 GLU A HG2  1 
ATOM   895  H  HG3  . GLU A 1 63 ? -8.374  -0.115  16.112  1.00 0.00 ? 63 GLU A HG3  1 
ATOM   896  N  N    . TRP A 1 64 ? -6.539  0.559   11.615  1.00 0.00 ? 64 TRP A N    1 
ATOM   897  C  CA   . TRP A 1 64 ? -5.725  0.846   10.449  1.00 0.00 ? 64 TRP A CA   1 
ATOM   898  C  C    . TRP A 1 64 ? -6.554  1.082   9.180   1.00 0.00 ? 64 TRP A C    1 
ATOM   899  O  O    . TRP A 1 64 ? -5.981  1.489   8.172   1.00 0.00 ? 64 TRP A O    1 
ATOM   900  C  CB   . TRP A 1 64 ? -4.705  -0.287  10.288  1.00 0.00 ? 64 TRP A CB   1 
ATOM   901  C  CG   . TRP A 1 64 ? -3.625  -0.381  11.329  1.00 0.00 ? 64 TRP A CG   1 
ATOM   902  C  CD1  . TRP A 1 64 ? -3.295  0.570   12.237  1.00 0.00 ? 64 TRP A CD1  1 
ATOM   903  C  CD2  . TRP A 1 64 ? -2.661  -1.464  11.528  1.00 0.00 ? 64 TRP A CD2  1 
ATOM   904  N  NE1  . TRP A 1 64 ? -2.205  0.155   12.968  1.00 0.00 ? 64 TRP A NE1  1 
ATOM   905  C  CE2  . TRP A 1 64 ? -1.782  -1.092  12.585  1.00 0.00 ? 64 TRP A CE2  1 
ATOM   906  C  CE3  . TRP A 1 64 ? -2.407  -2.702  10.897  1.00 0.00 ? 64 TRP A CE3  1 
ATOM   907  C  CZ2  . TRP A 1 64 ? -0.706  -1.885  12.991  1.00 0.00 ? 64 TRP A CZ2  1 
ATOM   908  C  CZ3  . TRP A 1 64 ? -1.301  -3.492  11.270  1.00 0.00 ? 64 TRP A CZ3  1 
ATOM   909  C  CH2  . TRP A 1 64 ? -0.437  -3.069  12.297  1.00 0.00 ? 64 TRP A CH2  1 
ATOM   910  H  H    . TRP A 1 64 ? -6.918  -0.379  11.673  1.00 0.00 ? 64 TRP A H    1 
ATOM   911  H  HA   . TRP A 1 64 ? -5.174  1.771   10.606  1.00 0.00 ? 64 TRP A HA   1 
ATOM   912  H  HB2  . TRP A 1 64 ? -5.248  -1.230  10.294  1.00 0.00 ? 64 TRP A HB2  1 
ATOM   913  H  HB3  . TRP A 1 64 ? -4.213  -0.192  9.320   1.00 0.00 ? 64 TRP A HB3  1 
ATOM   914  H  HD1  . TRP A 1 64 ? -3.771  1.532   12.359  1.00 0.00 ? 64 TRP A HD1  1 
ATOM   915  H  HE1  . TRP A 1 64 ? -1.672  0.733   13.627  1.00 0.00 ? 64 TRP A HE1  1 
ATOM   916  H  HE3  . TRP A 1 64 ? -3.044  -3.029  10.090  1.00 0.00 ? 64 TRP A HE3  1 
ATOM   917  H  HZ2  . TRP A 1 64 ? -0.042  -1.541  13.772  1.00 0.00 ? 64 TRP A HZ2  1 
ATOM   918  H  HZ3  . TRP A 1 64 ? -1.094  -4.411  10.739  1.00 0.00 ? 64 TRP A HZ3  1 
ATOM   919  H  HH2  . TRP A 1 64 ? 0.490   -3.575  12.506  1.00 0.00 ? 64 TRP A HH2  1 
ATOM   920  N  N    . LYS A 1 65 ? -7.887  0.926   9.196   1.00 0.00 ? 65 LYS A N    1 
ATOM   921  C  CA   . LYS A 1 65 ? -8.755  1.341   8.110   1.00 0.00 ? 65 LYS A CA   1 
ATOM   922  C  C    . LYS A 1 65 ? -8.507  2.831   7.817   1.00 0.00 ? 65 LYS A C    1 
ATOM   923  O  O    . LYS A 1 65 ? -8.612  3.281   6.675   1.00 0.00 ? 65 LYS A O    1 
ATOM   924  C  CB   . LYS A 1 65 ? -10.200 1.056   8.528   1.00 0.00 ? 65 LYS A CB   1 
ATOM   925  C  CG   . LYS A 1 65 ? -10.676 -0.403  8.392   1.00 0.00 ? 65 LYS A CG   1 
ATOM   926  C  CD   . LYS A 1 65 ? -10.752 -0.910  6.953   1.00 0.00 ? 65 LYS A CD   1 
ATOM   927  C  CE   . LYS A 1 65 ? -11.783 -2.040  6.774   1.00 0.00 ? 65 LYS A CE   1 
ATOM   928  N  NZ   . LYS A 1 65 ? -11.519 -3.212  7.635   1.00 0.00 ? 65 LYS A NZ   1 
ATOM   929  H  H    . LYS A 1 65 ? -8.376  0.581   10.010  1.00 0.00 ? 65 LYS A H    1 
ATOM   930  H  HA   . LYS A 1 65 ? -8.516  0.769   7.213   1.00 0.00 ? 65 LYS A HA   1 
ATOM   931  H  HB2  . LYS A 1 65 ? -10.353 1.396   9.547   1.00 0.00 ? 65 LYS A HB2  1 
ATOM   932  H  HB3  . LYS A 1 65 ? -10.844 1.671   7.939   1.00 0.00 ? 65 LYS A HB3  1 
ATOM   933  H  HG2  . LYS A 1 65 ? -10.014 -1.062  8.952   1.00 0.00 ? 65 LYS A HG2  1 
ATOM   934  H  HG3  . LYS A 1 65 ? -11.682 -0.454  8.812   1.00 0.00 ? 65 LYS A HG3  1 
ATOM   935  H  HD2  . LYS A 1 65 ? -11.044 -0.085  6.304   1.00 0.00 ? 65 LYS A HD2  1 
ATOM   936  H  HD3  . LYS A 1 65 ? -9.763  -1.264  6.662   1.00 0.00 ? 65 LYS A HD3  1 
ATOM   937  H  HE2  . LYS A 1 65 ? -12.788 -1.673  6.992   1.00 0.00 ? 65 LYS A HE2  1 
ATOM   938  H  HE3  . LYS A 1 65 ? -11.761 -2.359  5.734   1.00 0.00 ? 65 LYS A HE3  1 
ATOM   939  H  HZ1  . LYS A 1 65 ? -10.533 -3.282  7.853   1.00 0.00 ? 65 LYS A HZ1  1 
ATOM   940  H  HZ2  . LYS A 1 65 ? -12.038 -3.120  8.509   1.00 0.00 ? 65 LYS A HZ2  1 
ATOM   941  H  HZ3  . LYS A 1 65 ? -11.782 -4.080  7.173   1.00 0.00 ? 65 LYS A HZ3  1 
ATOM   942  N  N    . SER A 1 66 ? -8.102  3.593   8.836   1.00 0.00 ? 66 SER A N    1 
ATOM   943  C  CA   . SER A 1 66 ? -7.602  4.950   8.707   1.00 0.00 ? 66 SER A CA   1 
ATOM   944  C  C    . SER A 1 66 ? -6.605  5.078   7.542   1.00 0.00 ? 66 SER A C    1 
ATOM   945  O  O    . SER A 1 66 ? -6.694  6.001   6.731   1.00 0.00 ? 66 SER A O    1 
ATOM   946  C  CB   . SER A 1 66 ? -6.971  5.341   10.045  1.00 0.00 ? 66 SER A CB   1 
ATOM   947  O  OG   . SER A 1 66 ? -7.698  4.745   11.110  1.00 0.00 ? 66 SER A OG   1 
ATOM   948  H  H    . SER A 1 66 ? -8.125  3.229   9.780   1.00 0.00 ? 66 SER A H    1 
ATOM   949  H  HA   . SER A 1 66 ? -8.440  5.613   8.536   1.00 0.00 ? 66 SER A HA   1 
ATOM   950  H  HB2  . SER A 1 66 ? -5.945  4.989   10.061  1.00 0.00 ? 66 SER A HB2  1 
ATOM   951  H  HB3  . SER A 1 66 ? -6.972  6.428   10.148  1.00 0.00 ? 66 SER A HB3  1 
ATOM   952  H  HG   . SER A 1 66 ? -7.131  4.146   11.622  1.00 0.00 ? 66 SER A HG   1 
ATOM   953  N  N    . TYR A 1 67 ? -5.667  4.132   7.425   1.00 0.00 ? 67 TYR A N    1 
ATOM   954  C  CA   . TYR A 1 67 ? -4.722  4.132   6.322   1.00 0.00 ? 67 TYR A CA   1 
ATOM   955  C  C    . TYR A 1 67 ? -5.406  3.859   4.993   1.00 0.00 ? 67 TYR A C    1 
ATOM   956  O  O    . TYR A 1 67 ? -4.946  4.383   3.989   1.00 0.00 ? 67 TYR A O    1 
ATOM   957  C  CB   . TYR A 1 67 ? -3.597  3.115   6.504   1.00 0.00 ? 67 TYR A CB   1 
ATOM   958  C  CG   . TYR A 1 67 ? -2.604  3.457   7.596   1.00 0.00 ? 67 TYR A CG   1 
ATOM   959  C  CD1  . TYR A 1 67 ? -1.625  4.442   7.371   1.00 0.00 ? 67 TYR A CD1  1 
ATOM   960  C  CD2  . TYR A 1 67 ? -2.663  2.806   8.842   1.00 0.00 ? 67 TYR A CD2  1 
ATOM   961  C  CE1  . TYR A 1 67 ? -0.715  4.777   8.388   1.00 0.00 ? 67 TYR A CE1  1 
ATOM   962  C  CE2  . TYR A 1 67 ? -1.755  3.146   9.860   1.00 0.00 ? 67 TYR A CE2  1 
ATOM   963  C  CZ   . TYR A 1 67 ? -0.761  4.111   9.625   1.00 0.00 ? 67 TYR A CZ   1 
ATOM   964  O  OH   . TYR A 1 67 ? 0.117   4.463   10.605  1.00 0.00 ? 67 TYR A OH   1 
ATOM   965  H  H    . TYR A 1 67 ? -5.686  3.319   8.032   1.00 0.00 ? 67 TYR A H    1 
ATOM   966  H  HA   . TYR A 1 67 ? -4.266  5.122   6.265   1.00 0.00 ? 67 TYR A HA   1 
ATOM   967  H  HB2  . TYR A 1 67 ? -4.026  2.130   6.677   1.00 0.00 ? 67 TYR A HB2  1 
ATOM   968  H  HB3  . TYR A 1 67 ? -3.072  3.074   5.544   1.00 0.00 ? 67 TYR A HB3  1 
ATOM   969  H  HD1  . TYR A 1 67 ? -1.568  4.946   6.416   1.00 0.00 ? 67 TYR A HD1  1 
ATOM   970  H  HD2  . TYR A 1 67 ? -3.407  2.047   9.020   1.00 0.00 ? 67 TYR A HD2  1 
ATOM   971  H  HE1  . TYR A 1 67 ? 0.045   5.523   8.210   1.00 0.00 ? 67 TYR A HE1  1 
ATOM   972  H  HE2  . TYR A 1 67 ? -1.826  2.669   10.827  1.00 0.00 ? 67 TYR A HE2  1 
ATOM   973  H  HH   . TYR A 1 67 ? 0.067   3.905   11.403  1.00 0.00 ? 67 TYR A HH   1 
ATOM   974  N  N    . ILE A 1 68 ? -6.461  3.045   4.930   1.00 0.00 ? 68 ILE A N    1 
ATOM   975  C  CA   . ILE A 1 68 ? -7.153  2.791   3.681   1.00 0.00 ? 68 ILE A CA   1 
ATOM   976  C  C    . ILE A 1 68 ? -7.749  4.114   3.224   1.00 0.00 ? 68 ILE A C    1 
ATOM   977  O  O    . ILE A 1 68 ? -7.573  4.520   2.075   1.00 0.00 ? 68 ILE A O    1 
ATOM   978  C  CB   . ILE A 1 68 ? -8.192  1.679   3.904   1.00 0.00 ? 68 ILE A CB   1 
ATOM   979  C  CG1  . ILE A 1 68 ? -7.552  0.287   3.875   1.00 0.00 ? 68 ILE A CG1  1 
ATOM   980  C  CG2  . ILE A 1 68 ? -9.323  1.733   2.881   1.00 0.00 ? 68 ILE A CG2  1 
ATOM   981  C  CD1  . ILE A 1 68 ? -6.299  0.144   4.733   1.00 0.00 ? 68 ILE A CD1  1 
ATOM   982  H  H    . ILE A 1 68 ? -6.910  2.682   5.760   1.00 0.00 ? 68 ILE A H    1 
ATOM   983  H  HA   . ILE A 1 68 ? -6.451  2.472   2.911   1.00 0.00 ? 68 ILE A HA   1 
ATOM   984  H  HB   . ILE A 1 68 ? -8.667  1.787   4.873   1.00 0.00 ? 68 ILE A HB   1 
ATOM   985  H  HG12 . ILE A 1 68 ? -8.289  -0.421  4.246   1.00 0.00 ? 68 ILE A HG12 1 
ATOM   986  H  HG13 . ILE A 1 68 ? -7.288  0.028   2.854   1.00 0.00 ? 68 ILE A HG13 1 
ATOM   987  H  HG21 . ILE A 1 68 ? -8.913  1.682   1.874   1.00 0.00 ? 68 ILE A HG21 1 
ATOM   988  H  HG22 . ILE A 1 68 ? -10.001 0.899   3.055   1.00 0.00 ? 68 ILE A HG22 1 
ATOM   989  H  HG23 . ILE A 1 68 ? -9.883  2.657   3.014   1.00 0.00 ? 68 ILE A HG23 1 
ATOM   990  H  HD11 . ILE A 1 68 ? -6.517  0.427   5.762   1.00 0.00 ? 68 ILE A HD11 1 
ATOM   991  H  HD12 . ILE A 1 68 ? -5.995  -0.896  4.697   1.00 0.00 ? 68 ILE A HD12 1 
ATOM   992  H  HD13 . ILE A 1 68 ? -5.475  0.743   4.345   1.00 0.00 ? 68 ILE A HD13 1 
ATOM   993  N  N    . GLN A 1 69 ? -8.405  4.818   4.150   1.00 0.00 ? 69 GLN A N    1 
ATOM   994  C  CA   . GLN A 1 69 ? -8.919  6.144   3.872   1.00 0.00 ? 69 GLN A CA   1 
ATOM   995  C  C    . GLN A 1 69 ? -7.790  7.051   3.371   1.00 0.00 ? 69 GLN A C    1 
ATOM   996  O  O    . GLN A 1 69 ? -7.949  7.725   2.357   1.00 0.00 ? 69 GLN A O    1 
ATOM   997  C  CB   . GLN A 1 69 ? -9.630  6.701   5.114   1.00 0.00 ? 69 GLN A CB   1 
ATOM   998  C  CG   . GLN A 1 69 ? -10.472 7.947   4.813   1.00 0.00 ? 69 GLN A CG   1 
ATOM   999  C  CD   . GLN A 1 69 ? -11.684 7.631   3.941   1.00 0.00 ? 69 GLN A CD   1 
ATOM   1000 O  OE1  . GLN A 1 69 ? -12.736 7.254   4.443   1.00 0.00 ? 69 GLN A OE1  1 
ATOM   1001 N  NE2  . GLN A 1 69 ? -11.550 7.776   2.626   1.00 0.00 ? 69 GLN A NE2  1 
ATOM   1002 H  H    . GLN A 1 69 ? -8.504  4.425   5.084   1.00 0.00 ? 69 GLN A H    1 
ATOM   1003 H  HA   . GLN A 1 69 ? -9.644  6.026   3.068   1.00 0.00 ? 69 GLN A HA   1 
ATOM   1004 H  HB2  . GLN A 1 69 ? -10.291 5.935   5.524   1.00 0.00 ? 69 GLN A HB2  1 
ATOM   1005 H  HB3  . GLN A 1 69 ? -8.891  6.957   5.871   1.00 0.00 ? 69 GLN A HB3  1 
ATOM   1006 H  HG2  . GLN A 1 69 ? -10.841 8.344   5.760   1.00 0.00 ? 69 GLN A HG2  1 
ATOM   1007 H  HG3  . GLN A 1 69 ? -9.862  8.713   4.335   1.00 0.00 ? 69 GLN A HG3  1 
ATOM   1008 H  HE21 . GLN A 1 69 ? -10.678 8.097   2.230   1.00 0.00 ? 69 GLN A HE21 1 
ATOM   1009 H  HE22 . GLN A 1 69 ? -12.353 7.587   2.045   1.00 0.00 ? 69 GLN A HE22 1 
ATOM   1010 N  N    . LYS A 1 70 ? -6.636  7.055   4.045   1.00 0.00 ? 70 LYS A N    1 
ATOM   1011 C  CA   . LYS A 1 70 ? -5.522  7.917   3.671   1.00 0.00 ? 70 LYS A CA   1 
ATOM   1012 C  C    . LYS A 1 70 ? -4.980  7.583   2.282   1.00 0.00 ? 70 LYS A C    1 
ATOM   1013 O  O    . LYS A 1 70 ? -4.684  8.490   1.500   1.00 0.00 ? 70 LYS A O    1 
ATOM   1014 C  CB   . LYS A 1 70 ? -4.406  7.833   4.722   1.00 0.00 ? 70 LYS A CB   1 
ATOM   1015 C  CG   . LYS A 1 70 ? -3.285  8.858   4.494   1.00 0.00 ? 70 LYS A CG   1 
ATOM   1016 C  CD   . LYS A 1 70 ? -3.734  10.317  4.697   1.00 0.00 ? 70 LYS A CD   1 
ATOM   1017 C  CE   . LYS A 1 70 ? -3.157  11.235  3.609   1.00 0.00 ? 70 LYS A CE   1 
ATOM   1018 N  NZ   . LYS A 1 70 ? -3.779  11.014  2.283   1.00 0.00 ? 70 LYS A NZ   1 
ATOM   1019 H  H    . LYS A 1 70 ? -6.553  6.480   4.878   1.00 0.00 ? 70 LYS A H    1 
ATOM   1020 H  HA   . LYS A 1 70 ? -5.925  8.922   3.618   1.00 0.00 ? 70 LYS A HA   1 
ATOM   1021 H  HB2  . LYS A 1 70 ? -4.816  7.951   5.721   1.00 0.00 ? 70 LYS A HB2  1 
ATOM   1022 H  HB3  . LYS A 1 70 ? -3.967  6.841   4.657   1.00 0.00 ? 70 LYS A HB3  1 
ATOM   1023 H  HG2  . LYS A 1 70 ? -2.458  8.649   5.177   1.00 0.00 ? 70 LYS A HG2  1 
ATOM   1024 H  HG3  . LYS A 1 70 ? -2.895  8.704   3.496   1.00 0.00 ? 70 LYS A HG3  1 
ATOM   1025 H  HD2  . LYS A 1 70 ? -4.819  10.418  4.725   1.00 0.00 ? 70 LYS A HD2  1 
ATOM   1026 H  HD3  . LYS A 1 70 ? -3.364  10.649  5.670   1.00 0.00 ? 70 LYS A HD3  1 
ATOM   1027 H  HE2  . LYS A 1 70 ? -3.335  12.274  3.896   1.00 0.00 ? 70 LYS A HE2  1 
ATOM   1028 H  HE3  . LYS A 1 70 ? -2.079  11.084  3.546   1.00 0.00 ? 70 LYS A HE3  1 
ATOM   1029 H  HZ1  . LYS A 1 70 ? -3.903  10.033  2.046   1.00 0.00 ? 70 LYS A HZ1  1 
ATOM   1030 H  HZ2  . LYS A 1 70 ? -4.698  11.452  2.259   1.00 0.00 ? 70 LYS A HZ2  1 
ATOM   1031 H  HZ3  . LYS A 1 70 ? -3.228  11.455  1.563   1.00 0.00 ? 70 LYS A HZ3  1 
ATOM   1032 N  N    . ASN A 1 71 ? -4.796  6.291   2.021   1.00 0.00 ? 71 ASN A N    1 
ATOM   1033 C  CA   . ASN A 1 71 ? -4.353  5.752   0.739   1.00 0.00 ? 71 ASN A CA   1 
ATOM   1034 C  C    . ASN A 1 71 ? -5.323  6.139   -0.383  1.00 0.00 ? 71 ASN A C    1 
ATOM   1035 O  O    . ASN A 1 71 ? -4.886  6.549   -1.456  1.00 0.00 ? 71 ASN A O    1 
ATOM   1036 C  CB   . ASN A 1 71 ? -4.155  4.235   0.819   1.00 0.00 ? 71 ASN A CB   1 
ATOM   1037 C  CG   . ASN A 1 71 ? -2.780  3.804   1.338   1.00 0.00 ? 71 ASN A CG   1 
ATOM   1038 O  OD1  . ASN A 1 71 ? -1.887  3.446   0.574   1.00 0.00 ? 71 ASN A OD1  1 
ATOM   1039 N  ND2  . ASN A 1 71 ? -2.589  3.812   2.650   1.00 0.00 ? 71 ASN A ND2  1 
ATOM   1040 H  H    . ASN A 1 71 ? -4.982  5.650   2.789   1.00 0.00 ? 71 ASN A H    1 
ATOM   1041 H  HA   . ASN A 1 71 ? -3.389  6.177   0.494   1.00 0.00 ? 71 ASN A HA   1 
ATOM   1042 H  HB2  . ASN A 1 71 ? -4.946  3.812   1.426   1.00 0.00 ? 71 ASN A HB2  1 
ATOM   1043 H  HB3  . ASN A 1 71 ? -4.245  3.824   -0.176  1.00 0.00 ? 71 ASN A HB3  1 
ATOM   1044 H  HD21 . ASN A 1 71 ? -3.352  4.069   3.263   1.00 0.00 ? 71 ASN A HD21 1 
ATOM   1045 H  HD22 . ASN A 1 71 ? -1.701  3.510   3.019   1.00 0.00 ? 71 ASN A HD22 1 
ATOM   1046 N  N    . ARG A 1 72 ? -6.636  6.050   -0.141  1.00 0.00 ? 72 ARG A N    1 
ATOM   1047 C  CA   . ARG A 1 72 ? -7.672  6.491   -1.059  1.00 0.00 ? 72 ARG A CA   1 
ATOM   1048 C  C    . ARG A 1 72 ? -7.424  7.963   -1.380  1.00 0.00 ? 72 ARG A C    1 
ATOM   1049 O  O    . ARG A 1 72 ? -7.204  8.357   -2.532  1.00 0.00 ? 72 ARG A O    1 
ATOM   1050 C  CB   . ARG A 1 72 ? -9.014  6.278   -0.346  1.00 0.00 ? 72 ARG A CB   1 
ATOM   1051 C  CG   . ARG A 1 72 ? -10.254 6.364   -1.235  1.00 0.00 ? 72 ARG A CG   1 
ATOM   1052 C  CD   . ARG A 1 72 ? -11.056 5.078   -1.050  1.00 0.00 ? 72 ARG A CD   1 
ATOM   1053 N  NE   . ARG A 1 72 ? -10.382 3.964   -1.730  1.00 0.00 ? 72 ARG A NE   1 
ATOM   1054 C  CZ   . ARG A 1 72 ? -10.577 2.655   -1.486  1.00 0.00 ? 72 ARG A CZ   1 
ATOM   1055 N  NH1  . ARG A 1 72 ? -10.904 2.210   -0.273  1.00 0.00 ? 72 ARG A NH1  1 
ATOM   1056 N  NH2  . ARG A 1 72 ? -10.448 1.754   -2.452  1.00 0.00 ? 72 ARG A NH2  1 
ATOM   1057 H  H    . ARG A 1 72 ? -6.972  5.760   0.768   1.00 0.00 ? 72 ARG A H    1 
ATOM   1058 H  HA   . ARG A 1 72 ? -7.677  5.874   -1.955  1.00 0.00 ? 72 ARG A HA   1 
ATOM   1059 H  HB2  . ARG A 1 72 ? -8.971  5.299   0.122   1.00 0.00 ? 72 ARG A HB2  1 
ATOM   1060 H  HB3  . ARG A 1 72 ? -9.152  6.999   0.449   1.00 0.00 ? 72 ARG A HB3  1 
ATOM   1061 H  HG2  . ARG A 1 72 ? -10.860 7.222   -0.937  1.00 0.00 ? 72 ARG A HG2  1 
ATOM   1062 H  HG3  . ARG A 1 72 ? -9.986  6.471   -2.283  1.00 0.00 ? 72 ARG A HG3  1 
ATOM   1063 H  HD2  . ARG A 1 72 ? -11.197 4.897   0.014   1.00 0.00 ? 72 ARG A HD2  1 
ATOM   1064 H  HD3  . ARG A 1 72 ? -12.030 5.212   -1.522  1.00 0.00 ? 72 ARG A HD3  1 
ATOM   1065 H  HE   . ARG A 1 72 ? -9.847  4.233   -2.561  1.00 0.00 ? 72 ARG A HE   1 
ATOM   1066 H  HH11 . ARG A 1 72 ? -11.008 2.818   0.518   1.00 0.00 ? 72 ARG A HH11 1 
ATOM   1067 H  HH12 . ARG A 1 72 ? -10.923 1.185   -0.173  1.00 0.00 ? 72 ARG A HH12 1 
ATOM   1068 H  HH21 . ARG A 1 72 ? -10.396 2.093   -3.423  1.00 0.00 ? 72 ARG A HH21 1 
ATOM   1069 H  HH22 . ARG A 1 72 ? -10.511 0.758   -2.203  1.00 0.00 ? 72 ARG A HH22 1 
ATOM   1070 N  N    . ASP A 1 73 ? -7.445  8.740   -0.295  1.00 0.00 ? 73 ASP A N    1 
ATOM   1071 C  CA   . ASP A 1 73 ? -7.447  10.182  -0.230  1.00 0.00 ? 73 ASP A CA   1 
ATOM   1072 C  C    . ASP A 1 73 ? -6.225  10.804  -0.900  1.00 0.00 ? 73 ASP A C    1 
ATOM   1073 O  O    . ASP A 1 73 ? -6.364  11.822  -1.577  1.00 0.00 ? 73 ASP A O    1 
ATOM   1074 C  CB   . ASP A 1 73 ? -7.473  10.513  1.260   1.00 0.00 ? 73 ASP A CB   1 
ATOM   1075 C  CG   . ASP A 1 73 ? -7.201  11.979  1.514   1.00 0.00 ? 73 ASP A CG   1 
ATOM   1076 O  OD1  . ASP A 1 73 ? -8.119  12.786  1.262   1.00 0.00 ? 73 ASP A OD1  1 
ATOM   1077 O  OD2  . ASP A 1 73 ? -6.039  12.276  1.862   1.00 0.00 ? 73 ASP A OD2  1 
ATOM   1078 H  H    . ASP A 1 73 ? -7.540  8.283   0.610   1.00 0.00 ? 73 ASP A H    1 
ATOM   1079 H  HA   . ASP A 1 73 ? -8.350  10.563  -0.716  1.00 0.00 ? 73 ASP A HA   1 
ATOM   1080 H  HB2  . ASP A 1 73 ? -8.437  10.214  1.672   1.00 0.00 ? 73 ASP A HB2  1 
ATOM   1081 H  HB3  . ASP A 1 73 ? -6.710  9.919   1.756   1.00 0.00 ? 73 ASP A HB3  1 
ATOM   1082 N  N    . PHE A 1 74 ? -5.046  10.207  -0.690  1.00 0.00 ? 74 PHE A N    1 
ATOM   1083 C  CA   . PHE A 1 74 ? -3.776  10.647  -1.268  1.00 0.00 ? 74 PHE A CA   1 
ATOM   1084 C  C    . PHE A 1 74 ? -3.943  11.144  -2.704  1.00 0.00 ? 74 PHE A C    1 
ATOM   1085 O  O    . PHE A 1 74 ? -3.495  12.237  -3.041  1.00 0.00 ? 74 PHE A O    1 
ATOM   1086 C  CB   . PHE A 1 74 ? -2.729  9.532   -1.207  1.00 0.00 ? 74 PHE A CB   1 
ATOM   1087 C  CG   . PHE A 1 74 ? -1.589  9.776   -0.239  1.00 0.00 ? 74 PHE A CG   1 
ATOM   1088 C  CD1  . PHE A 1 74 ? -0.520  10.608  -0.619  1.00 0.00 ? 74 PHE A CD1  1 
ATOM   1089 C  CD2  . PHE A 1 74 ? -1.550  9.124   1.006   1.00 0.00 ? 74 PHE A CD2  1 
ATOM   1090 C  CE1  . PHE A 1 74 ? 0.562   10.814  0.255   1.00 0.00 ? 74 PHE A CE1  1 
ATOM   1091 C  CE2  . PHE A 1 74 ? -0.527  9.420   1.921   1.00 0.00 ? 74 PHE A CE2  1 
ATOM   1092 C  CZ   . PHE A 1 74 ? 0.539   10.251  1.542   1.00 0.00 ? 74 PHE A CZ   1 
ATOM   1093 H  H    . PHE A 1 74 ? -5.050  9.388   -0.092  1.00 0.00 ? 74 PHE A H    1 
ATOM   1094 H  HA   . PHE A 1 74 ? -3.374  11.464  -0.689  1.00 0.00 ? 74 PHE A HA   1 
ATOM   1095 H  HB2  . PHE A 1 74 ? -3.209  8.578   -1.009  1.00 0.00 ? 74 PHE A HB2  1 
ATOM   1096 H  HB3  . PHE A 1 74 ? -2.276  9.475   -2.190  1.00 0.00 ? 74 PHE A HB3  1 
ATOM   1097 H  HD1  . PHE A 1 74 ? -0.498  11.052  -1.606  1.00 0.00 ? 74 PHE A HD1  1 
ATOM   1098 H  HD2  . PHE A 1 74 ? -2.250  8.335   1.226   1.00 0.00 ? 74 PHE A HD2  1 
ATOM   1099 H  HE1  . PHE A 1 74 ? 1.416   11.392  -0.070  1.00 0.00 ? 74 PHE A HE1  1 
ATOM   1100 H  HE2  . PHE A 1 74 ? -0.509  8.958   2.896   1.00 0.00 ? 74 PHE A HE2  1 
ATOM   1101 H  HZ   . PHE A 1 74 ? 1.358   10.408  2.229   1.00 0.00 ? 74 PHE A HZ   1 
ATOM   1102 N  N    . PHE A 1 75 ? -4.569  10.312  -3.533  1.00 0.00 ? 75 PHE A N    1 
ATOM   1103 C  CA   . PHE A 1 75 ? -4.647  10.522  -4.970  1.00 0.00 ? 75 PHE A CA   1 
ATOM   1104 C  C    . PHE A 1 75 ? -6.026  11.037  -5.385  1.00 0.00 ? 75 PHE A C    1 
ATOM   1105 O  O    . PHE A 1 75 ? -6.164  11.631  -6.450  1.00 0.00 ? 75 PHE A O    1 
ATOM   1106 C  CB   . PHE A 1 75 ? -4.266  9.222   -5.676  1.00 0.00 ? 75 PHE A CB   1 
ATOM   1107 C  CG   . PHE A 1 75 ? -3.087  8.514   -5.030  1.00 0.00 ? 75 PHE A CG   1 
ATOM   1108 C  CD1  . PHE A 1 75 ? -1.799  9.072   -5.138  1.00 0.00 ? 75 PHE A CD1  1 
ATOM   1109 C  CD2  . PHE A 1 75 ? -3.306  7.433   -4.154  1.00 0.00 ? 75 PHE A CD2  1 
ATOM   1110 C  CE1  . PHE A 1 75 ? -0.740  8.552   -4.374  1.00 0.00 ? 75 PHE A CE1  1 
ATOM   1111 C  CE2  . PHE A 1 75 ? -2.239  6.885   -3.424  1.00 0.00 ? 75 PHE A CE2  1 
ATOM   1112 C  CZ   . PHE A 1 75 ? -0.962  7.460   -3.519  1.00 0.00 ? 75 PHE A CZ   1 
ATOM   1113 H  H    . PHE A 1 75 ? -4.888  9.427   -3.164  1.00 0.00 ? 75 PHE A H    1 
ATOM   1114 H  HA   . PHE A 1 75 ? -3.909  11.255  -5.284  1.00 0.00 ? 75 PHE A HA   1 
ATOM   1115 H  HB2  . PHE A 1 75 ? -5.136  8.582   -5.649  1.00 0.00 ? 75 PHE A HB2  1 
ATOM   1116 H  HB3  . PHE A 1 75 ? -4.043  9.425   -6.725  1.00 0.00 ? 75 PHE A HB3  1 
ATOM   1117 H  HD1  . PHE A 1 75 ? -1.627  9.924   -5.780  1.00 0.00 ? 75 PHE A HD1  1 
ATOM   1118 H  HD2  . PHE A 1 75 ? -4.293  7.016   -4.028  1.00 0.00 ? 75 PHE A HD2  1 
ATOM   1119 H  HE1  . PHE A 1 75 ? 0.246   8.987   -4.452  1.00 0.00 ? 75 PHE A HE1  1 
ATOM   1120 H  HE2  . PHE A 1 75 ? -2.408  6.035   -2.777  1.00 0.00 ? 75 PHE A HE2  1 
ATOM   1121 H  HZ   . PHE A 1 75 ? -0.149  7.052   -2.944  1.00 0.00 ? 75 PHE A HZ   1 
ATOM   1122 N  N    . LYS A 1 76 ? -7.054  10.820  -4.555  1.00 0.00 ? 76 LYS A N    1 
ATOM   1123 C  CA   . LYS A 1 76 ? -8.351  11.452  -4.755  1.00 0.00 ? 76 LYS A CA   1 
ATOM   1124 C  C    . LYS A 1 76 ? -8.251  12.872  -4.194  1.00 0.00 ? 76 LYS A C    1 
ATOM   1125 O  O    . LYS A 1 76 ? -8.729  13.151  -3.092  1.00 0.00 ? 76 LYS A O    1 
ATOM   1126 C  CB   . LYS A 1 76 ? -9.461  10.656  -4.049  1.00 0.00 ? 76 LYS A CB   1 
ATOM   1127 C  CG   . LYS A 1 76 ? -10.149 9.575   -4.904  1.00 0.00 ? 76 LYS A CG   1 
ATOM   1128 C  CD   . LYS A 1 76 ? -9.558  8.168   -4.768  1.00 0.00 ? 76 LYS A CD   1 
ATOM   1129 C  CE   . LYS A 1 76 ? -8.314  7.890   -5.622  1.00 0.00 ? 76 LYS A CE   1 
ATOM   1130 N  NZ   . LYS A 1 76 ? -7.426  6.924   -4.950  1.00 0.00 ? 76 LYS A NZ   1 
ATOM   1131 H  H    . LYS A 1 76 ? -6.886  10.359  -3.671  1.00 0.00 ? 76 LYS A H    1 
ATOM   1132 H  HA   . LYS A 1 76 ? -8.594  11.526  -5.816  1.00 0.00 ? 76 LYS A HA   1 
ATOM   1133 H  HB2  . LYS A 1 76 ? -9.101  10.245  -3.106  1.00 0.00 ? 76 LYS A HB2  1 
ATOM   1134 H  HB3  . LYS A 1 76 ? -10.239 11.378  -3.802  1.00 0.00 ? 76 LYS A HB3  1 
ATOM   1135 H  HG2  . LYS A 1 76 ? -11.162 9.506   -4.504  1.00 0.00 ? 76 LYS A HG2  1 
ATOM   1136 H  HG3  . LYS A 1 76 ? -10.222 9.875   -5.950  1.00 0.00 ? 76 LYS A HG3  1 
ATOM   1137 H  HD2  . LYS A 1 76 ? -9.336  8.015   -3.716  1.00 0.00 ? 76 LYS A HD2  1 
ATOM   1138 H  HD3  . LYS A 1 76 ? -10.316 7.432   -5.046  1.00 0.00 ? 76 LYS A HD3  1 
ATOM   1139 H  HE2  . LYS A 1 76 ? -8.620  7.485   -6.588  1.00 0.00 ? 76 LYS A HE2  1 
ATOM   1140 H  HE3  . LYS A 1 76 ? -7.757  8.802   -5.810  1.00 0.00 ? 76 LYS A HE3  1 
ATOM   1141 H  HZ1  . LYS A 1 76 ? -7.922  6.053   -4.746  1.00 0.00 ? 76 LYS A HZ1  1 
ATOM   1142 H  HZ2  . LYS A 1 76 ? -6.637  6.663   -5.544  1.00 0.00 ? 76 LYS A HZ2  1 
ATOM   1143 H  HZ3  . LYS A 1 76 ? -7.089  7.307   -4.072  1.00 0.00 ? 76 LYS A HZ3  1 
ATOM   1144 N  N    . LYS A 1 77 ? -7.583  13.767  -4.915  1.00 0.00 ? 77 LYS A N    1 
ATOM   1145 C  CA   . LYS A 1 77 ? -7.229  15.079  -4.420  1.00 0.00 ? 77 LYS A CA   1 
ATOM   1146 C  C    . LYS A 1 77 ? -7.012  15.985  -5.627  1.00 0.00 ? 77 LYS A C    1 
ATOM   1147 O  O    . LYS A 1 77 ? -6.845  15.414  -6.728  1.00 0.00 ? 77 LYS A O    1 
ATOM   1148 C  CB   . LYS A 1 77 ? -5.955  14.932  -3.575  1.00 0.00 ? 77 LYS A CB   1 
ATOM   1149 C  CG   . LYS A 1 77 ? -5.671  16.125  -2.654  1.00 0.00 ? 77 LYS A CG   1 
ATOM   1150 C  CD   . LYS A 1 77 ? -6.696  16.360  -1.532  1.00 0.00 ? 77 LYS A CD   1 
ATOM   1151 C  CE   . LYS A 1 77 ? -6.819  15.223  -0.500  1.00 0.00 ? 77 LYS A CE   1 
ATOM   1152 N  NZ   . LYS A 1 77 ? -7.627  14.081  -0.960  1.00 0.00 ? 77 LYS A NZ   1 
ATOM   1153 O  OXT  . LYS A 1 77 ? -7.023  17.218  -5.422  1.00 0.00 ? 77 LYS A OXT  1 
ATOM   1154 H  H    . LYS A 1 77 ? -7.231  13.562  -5.848  1.00 0.00 ? 77 LYS A H    1 
ATOM   1155 H  HA   . LYS A 1 77 ? -8.055  15.480  -3.834  1.00 0.00 ? 77 LYS A HA   1 
ATOM   1156 H  HB2  . LYS A 1 77 ? -6.005  14.018  -2.988  1.00 0.00 ? 77 LYS A HB2  1 
ATOM   1157 H  HB3  . LYS A 1 77 ? -5.114  14.819  -4.262  1.00 0.00 ? 77 LYS A HB3  1 
ATOM   1158 H  HG2  . LYS A 1 77 ? -4.684  15.983  -2.210  1.00 0.00 ? 77 LYS A HG2  1 
ATOM   1159 H  HG3  . LYS A 1 77 ? -5.627  17.024  -3.275  1.00 0.00 ? 77 LYS A HG3  1 
ATOM   1160 H  HD2  . LYS A 1 77 ? -6.357  17.248  -0.992  1.00 0.00 ? 77 LYS A HD2  1 
ATOM   1161 H  HD3  . LYS A 1 77 ? -7.673  16.607  -1.952  1.00 0.00 ? 77 LYS A HD3  1 
ATOM   1162 H  HE2  . LYS A 1 77 ? -5.839  14.849  -0.197  1.00 0.00 ? 77 LYS A HE2  1 
ATOM   1163 H  HE3  . LYS A 1 77 ? -7.315  15.615  0.389   1.00 0.00 ? 77 LYS A HE3  1 
ATOM   1164 H  HZ1  . LYS A 1 77 ? -8.394  14.308  -1.582  1.00 0.00 ? 77 LYS A HZ1  1 
ATOM   1165 H  HZ2  . LYS A 1 77 ? -7.066  13.394  -1.456  1.00 0.00 ? 77 LYS A HZ2  1 
ATOM   1166 H  HZ3  . LYS A 1 77 ? -7.996  13.596  -0.146  1.00 0.00 ? 77 LYS A HZ3  1 
HETATM 1167 FE FE1  . SF4 B 2 .  ? 6.007   -0.691  3.030   1.00 0.00 ? 78 SF4 A FE1  1 
HETATM 1168 FE FE2  . SF4 B 2 .  ? 8.291   -1.327  2.046   1.00 0.00 ? 78 SF4 A FE2  1 
HETATM 1169 FE FE3  . SF4 B 2 .  ? 6.296   -1.449  0.646   1.00 0.00 ? 78 SF4 A FE3  1 
HETATM 1170 FE FE4  . SF4 B 2 .  ? 6.610   -3.122  2.514   1.00 0.00 ? 78 SF4 A FE4  1 
HETATM 1171 S  S1   . SF4 B 2 .  ? 7.871   -3.110  0.832   1.00 0.00 ? 78 SF4 A S1   1 
HETATM 1172 S  S2   . SF4 B 2 .  ? 4.792   -2.113  1.891   1.00 0.00 ? 78 SF4 A S2   1 
HETATM 1173 S  S3   . SF4 B 2 .  ? 7.649   -1.921  4.022   1.00 0.00 ? 78 SF4 A S3   1 
HETATM 1174 S  S4   . SF4 B 2 .  ? 7.181   0.358   1.450   1.00 0.00 ? 78 SF4 A S4   1 
HETATM 1175 FE FE1  . SF4 C 2 .  ? 0.011   -3.195  -7.655  1.00 0.00 ? 79 SF4 A FE1  1 
HETATM 1176 FE FE2  . SF4 C 2 .  ? -2.126  -3.821  -6.396  1.00 0.00 ? 79 SF4 A FE2  1 
HETATM 1177 FE FE3  . SF4 C 2 .  ? -0.713  -5.599  -7.339  1.00 0.00 ? 79 SF4 A FE3  1 
HETATM 1178 FE FE4  . SF4 C 2 .  ? 0.058   -4.347  -5.311  1.00 0.00 ? 79 SF4 A FE4  1 
HETATM 1179 S  S1   . SF4 C 2 .  ? -1.614  -5.598  -5.256  1.00 0.00 ? 79 SF4 A S1   1 
HETATM 1180 S  S2   . SF4 C 2 .  ? 1.211   -4.934  -7.041  1.00 0.00 ? 79 SF4 A S2   1 
HETATM 1181 S  S3   . SF4 C 2 .  ? -0.695  -2.321  -5.688  1.00 0.00 ? 79 SF4 A S3   1 
HETATM 1182 S  S4   . SF4 C 2 .  ? -1.878  -4.157  -8.471  1.00 0.00 ? 79 SF4 A S4   1 
# 
